data_9D98
#
_entry.id   9D98
#
_cell.length_a   1.00
_cell.length_b   1.00
_cell.length_c   1.00
_cell.angle_alpha   90.00
_cell.angle_beta   90.00
_cell.angle_gamma   90.00
#
_symmetry.space_group_name_H-M   'P 1'
#
loop_
_entity.id
_entity.type
_entity.pdbx_description
1 polymer 'Surface protein gp120'
2 polymer 'Transmembrane protein gp41'
3 polymer 'VRC34.01 Fab heavy chain'
4 polymer 'VRC34.01 Fab light chain'
5 polymer 'T-cell surface glycoprotein CD4'
6 branched alpha-D-mannopyranose-(1-3)-[alpha-D-mannopyranose-(1-6)]alpha-D-mannopyranose-(1-6)-[alpha-D-mannopyranose-(1-3)]beta-D-mannopyranose-(1-4)-2-acetamido-2-deoxy-beta-D-glucopyranose-(1-4)-2-acetamido-2-deoxy-beta-D-glucopyranose
7 branched beta-D-mannopyranose-(1-4)-2-acetamido-2-deoxy-beta-D-glucopyranose-(1-4)-2-acetamido-2-deoxy-beta-D-glucopyranose
8 branched alpha-D-mannopyranose-(1-3)-[alpha-D-mannopyranose-(1-6)]beta-D-mannopyranose-(1-4)-2-acetamido-2-deoxy-beta-D-glucopyranose-(1-4)-2-acetamido-2-deoxy-beta-D-glucopyranose
#
loop_
_entity_poly.entity_id
_entity_poly.type
_entity_poly.pdbx_seq_one_letter_code
_entity_poly.pdbx_strand_id
1 'polypeptide(L)'
;NLWVTVYYGVPVWKDAETTLFCASDAKAYETEKHNVWATHACVPTDPNPQEIHLENVTEEFNMWKNNMVEQMHTDIISLW
DQSLKPCVKLTPLCVTLQCTNVTNNITDDMRGELKNCSFNMTTELRDKKQKVYSLFYRLDVVQINENQGNRSNNSNKEYR
LINCNTSAITQACPKVSFEPIPIHYCAPAGFAILKCKDKKFNGTGPCPSVSTVQCTHGIKPVVSTQLLLNGSLAEEEVMI
RSENITNNAKNILVQFNTPVQINCTRPNNNTRKSIRIGPGQAFYATGDIIGDIRQAHCNVSKATWNETLGKVVKQLRKHF
GNNTIIRFANSSGGDLEVTTHSFNCGGEFFYCNTSGLFNSTWISNTSVQGSNSTGSNDSITLPCRIKQIINMWQRIGQAM
YAPPIQGVIRCVSNITGLILTRDGGSTNSTTETFRPGGGDMRDNWRSELYKYKVVKIEPLGVAPTRCKR
;
A,B,C
2 'polypeptide(L)'
;AVGIGAVFLGFLGAAGSTMGAASMTLTVQARNLLSGIVQQQSNLLRAPEAQQHLLKLTVWGIKQLQARVLAVERYLRDQQ
LLGIWGCSGKLICCTNVPWNSSWSNRNLSEIWDNMTWLQWDKEISNYTQIIYGLLEESQNQQEKNEQDLLALD
;
D,E,F
3 'polypeptide(L)'
;QEVLVQSGAEVKKPGASVKVSCRAFGYTFTGNALHWVRQAPGQGLEWLGWINPHSGDTTTSQKFQGRVYMTRDKSINTAF
LDVTRLTSDDTGIYYCARDKYYGNEAVGMDVWGQGTSVTVSSASTKGPSVFPLAPSSKSTSGGTAALGCLVKDYFPEPVT
VSWNSGALTSGVHTFPAVLQSSGLYSLSSVVTVPSSSLGTQTYICNVNHKPSNTKVDKKVEPK
;
G,I,K
4 'polypeptide(L)'
;DIQLTQSPSFLSASVGDKVTITCRASQGVRNELAWYQQKPGKAPNLLIYYASTLQSGVPSRFSATGSGTHFTLTVSSLQP
EDFATYFCQHMSSYPLTFGGGTKVEIKRTVAAPSVFIFPPSDEQLKSGTASVVCLLNNFYPREAKVQWKVDNALQSGNSQ
ESVTEQDSKDSTYSLSSTLTLSKADYEKHKVYACEVTHQGLSSPVTKSFNRG
;
H,J,L
5 'polypeptide(L)'
;KKVVLGKKGDTVELTCTASQKKSIQFHWKNSNQIKILGNQGSFLTKGPSKLNDRADSRRSLWDQGNFPLIIKNLKIEDSD
TYICEVEDQKEEVQLLVFGLTANSDTHLLQGQSLTLTLESPPGSSPSVQCRSPRGKNIQGGKTLSVSQLELQDSGTWTCT
VLQNQKKVEFKIDIVVLAFQK
;
M,N,O
#
loop_
_chem_comp.id
_chem_comp.type
_chem_comp.name
_chem_comp.formula
BMA D-saccharide, beta linking beta-D-mannopyranose 'C6 H12 O6'
MAN D-saccharide, alpha linking alpha-D-mannopyranose 'C6 H12 O6'
NAG D-saccharide, beta linking 2-acetamido-2-deoxy-beta-D-glucopyranose 'C8 H15 N O6'
#
# COMPACT_ATOMS: atom_id res chain seq x y z
N ASN A 1 -18.74 -3.43 41.71
CA ASN A 1 -17.64 -4.24 42.23
C ASN A 1 -16.91 -4.92 41.08
N LEU A 2 -17.62 -5.13 39.98
CA LEU A 2 -17.06 -5.77 38.79
C LEU A 2 -16.88 -4.72 37.69
N TRP A 3 -15.74 -4.77 37.01
CA TRP A 3 -15.35 -3.76 36.04
C TRP A 3 -15.29 -4.38 34.65
N VAL A 4 -15.58 -3.58 33.63
CA VAL A 4 -15.59 -4.07 32.25
C VAL A 4 -14.15 -4.17 31.75
N THR A 5 -13.88 -5.24 30.99
CA THR A 5 -12.59 -5.47 30.35
C THR A 5 -12.82 -5.72 28.87
N VAL A 6 -11.92 -5.19 28.05
CA VAL A 6 -12.02 -5.35 26.61
C VAL A 6 -11.20 -6.56 26.19
N TYR A 7 -11.57 -7.15 25.06
CA TYR A 7 -10.90 -8.30 24.50
C TYR A 7 -10.77 -8.10 23.00
N TYR A 8 -9.58 -8.38 22.48
CA TYR A 8 -9.30 -8.27 21.05
C TYR A 8 -9.01 -9.67 20.52
N GLY A 9 -9.89 -10.17 19.65
CA GLY A 9 -9.65 -11.45 19.02
C GLY A 9 -10.60 -12.56 19.47
N VAL A 10 -11.84 -12.21 19.76
CA VAL A 10 -12.84 -13.20 20.17
C VAL A 10 -13.56 -13.73 18.93
N PRO A 11 -13.90 -15.02 18.90
CA PRO A 11 -14.56 -15.59 17.69
C PRO A 11 -16.02 -15.19 17.55
N VAL A 12 -16.24 -14.00 17.00
CA VAL A 12 -17.57 -13.43 16.81
C VAL A 12 -17.73 -13.02 15.35
N TRP A 13 -18.82 -13.46 14.72
CA TRP A 13 -19.12 -13.09 13.34
C TRP A 13 -20.51 -12.48 13.25
N LYS A 14 -20.71 -11.70 12.20
CA LYS A 14 -22.01 -11.12 11.86
C LYS A 14 -22.34 -11.42 10.41
N ASP A 15 -23.59 -11.14 10.04
CA ASP A 15 -24.08 -11.35 8.69
C ASP A 15 -23.75 -10.13 7.84
N ALA A 16 -23.00 -10.32 6.77
CA ALA A 16 -22.54 -9.23 5.92
C ALA A 16 -23.11 -9.37 4.50
N GLU A 17 -22.74 -8.40 3.67
CA GLU A 17 -23.12 -8.36 2.27
C GLU A 17 -21.92 -7.95 1.42
N THR A 18 -20.76 -8.50 1.73
CA THR A 18 -19.51 -8.08 1.10
C THR A 18 -19.38 -8.64 -0.31
N THR A 19 -18.32 -8.24 -1.00
CA THR A 19 -18.02 -8.68 -2.34
C THR A 19 -16.81 -9.60 -2.30
N LEU A 20 -16.96 -10.81 -2.81
CA LEU A 20 -15.88 -11.78 -2.90
C LEU A 20 -15.27 -11.74 -4.28
N PHE A 21 -14.06 -12.28 -4.39
CA PHE A 21 -13.43 -12.50 -5.69
C PHE A 21 -13.56 -13.97 -6.05
N CYS A 22 -13.11 -14.33 -7.24
CA CYS A 22 -13.24 -15.72 -7.68
C CYS A 22 -12.05 -16.56 -7.25
N ALA A 23 -10.87 -16.29 -7.82
CA ALA A 23 -9.66 -17.11 -7.70
C ALA A 23 -9.93 -18.56 -8.17
N SER A 24 -10.09 -18.69 -9.49
CA SER A 24 -10.18 -19.99 -10.13
C SER A 24 -8.80 -20.48 -10.57
N ASP A 25 -8.76 -21.72 -11.06
CA ASP A 25 -7.52 -22.37 -11.46
C ASP A 25 -7.46 -22.41 -12.99
N ALA A 26 -6.91 -21.35 -13.56
CA ALA A 26 -6.75 -21.27 -15.01
C ALA A 26 -5.33 -21.63 -15.42
N LYS A 27 -5.12 -21.71 -16.73
CA LYS A 27 -3.83 -22.04 -17.31
C LYS A 27 -3.14 -20.85 -17.97
N ALA A 28 -3.90 -19.82 -18.35
CA ALA A 28 -3.43 -18.56 -18.95
C ALA A 28 -2.67 -18.77 -20.26
N TYR A 29 -2.92 -19.86 -20.97
CA TYR A 29 -2.30 -20.10 -22.27
C TYR A 29 -3.24 -20.64 -23.33
N GLU A 30 -4.43 -21.12 -22.96
CA GLU A 30 -5.35 -21.73 -23.90
C GLU A 30 -6.36 -20.70 -24.41
N THR A 31 -7.17 -21.11 -25.37
CA THR A 31 -8.23 -20.30 -25.95
C THR A 31 -9.55 -21.08 -25.86
N GLU A 32 -9.83 -21.59 -24.67
CA GLU A 32 -11.08 -22.28 -24.39
C GLU A 32 -12.25 -21.32 -24.19
N LYS A 33 -11.96 -20.01 -24.08
CA LYS A 33 -12.87 -18.88 -23.95
C LYS A 33 -13.60 -18.84 -22.60
N HIS A 34 -13.40 -19.85 -21.77
CA HIS A 34 -13.62 -19.71 -20.33
C HIS A 34 -12.34 -19.26 -19.65
N ASN A 35 -11.21 -19.87 -20.04
CA ASN A 35 -9.92 -19.60 -19.43
C ASN A 35 -9.42 -18.19 -19.71
N VAL A 36 -9.92 -17.53 -20.75
CA VAL A 36 -9.62 -16.12 -20.95
C VAL A 36 -10.24 -15.28 -19.84
N TRP A 37 -11.52 -15.51 -19.54
CA TRP A 37 -12.12 -14.83 -18.40
C TRP A 37 -11.60 -15.42 -17.10
N ALA A 38 -11.40 -16.75 -17.06
CA ALA A 38 -10.91 -17.41 -15.85
C ALA A 38 -9.47 -17.05 -15.50
N THR A 39 -8.74 -16.38 -16.38
CA THR A 39 -7.57 -15.66 -15.95
C THR A 39 -7.81 -14.16 -15.81
N HIS A 40 -8.86 -13.62 -16.46
CA HIS A 40 -9.01 -12.17 -16.55
C HIS A 40 -9.44 -11.56 -15.20
N ALA A 41 -10.24 -12.28 -14.42
CA ALA A 41 -10.64 -11.79 -13.11
C ALA A 41 -10.13 -12.64 -11.95
N CYS A 42 -9.43 -13.74 -12.21
CA CYS A 42 -9.10 -14.72 -11.19
C CYS A 42 -7.59 -14.85 -11.03
N VAL A 43 -7.14 -14.85 -9.78
CA VAL A 43 -5.75 -15.18 -9.43
C VAL A 43 -5.70 -16.71 -9.35
N PRO A 44 -4.56 -17.37 -9.57
CA PRO A 44 -4.51 -18.82 -9.37
C PRO A 44 -4.72 -19.21 -7.91
N THR A 45 -5.22 -20.44 -7.73
CA THR A 45 -5.66 -20.95 -6.44
C THR A 45 -4.47 -21.30 -5.55
N ASP A 46 -4.79 -21.75 -4.34
CA ASP A 46 -3.82 -22.26 -3.37
C ASP A 46 -3.69 -23.77 -3.46
N PRO A 47 -2.52 -24.34 -3.12
CA PRO A 47 -2.40 -25.81 -3.09
C PRO A 47 -2.91 -26.44 -1.81
N ASN A 48 -3.08 -25.66 -0.73
CA ASN A 48 -3.48 -26.18 0.57
C ASN A 48 -4.66 -25.38 1.11
N PRO A 49 -5.89 -25.74 0.74
CA PRO A 49 -7.04 -25.09 1.37
C PRO A 49 -7.23 -25.58 2.80
N GLN A 50 -7.61 -24.66 3.68
CA GLN A 50 -7.79 -24.98 5.08
C GLN A 50 -9.22 -25.44 5.34
N GLU A 51 -9.36 -26.42 6.24
CA GLU A 51 -10.63 -27.06 6.54
C GLU A 51 -10.80 -27.14 8.05
N ILE A 52 -10.65 -25.98 8.70
CA ILE A 52 -10.86 -25.88 10.14
C ILE A 52 -12.32 -26.20 10.48
N HIS A 53 -12.51 -27.09 11.45
CA HIS A 53 -13.82 -27.64 11.75
C HIS A 53 -14.21 -27.26 13.18
N LEU A 54 -15.43 -26.73 13.33
CA LEU A 54 -15.90 -26.26 14.62
C LEU A 54 -16.60 -27.38 15.39
N GLU A 55 -16.94 -27.09 16.64
CA GLU A 55 -17.39 -28.14 17.56
C GLU A 55 -18.85 -28.00 17.96
N ASN A 56 -19.26 -26.86 18.53
CA ASN A 56 -20.55 -26.74 19.20
C ASN A 56 -21.46 -25.69 18.59
N VAL A 57 -21.08 -25.08 17.48
CA VAL A 57 -21.85 -23.97 16.92
C VAL A 57 -23.06 -24.52 16.15
N THR A 58 -24.19 -23.84 16.26
CA THR A 58 -25.37 -24.10 15.43
C THR A 58 -25.73 -22.80 14.73
N GLU A 59 -25.85 -22.83 13.41
CA GLU A 59 -26.01 -21.60 12.65
C GLU A 59 -27.19 -21.71 11.69
N GLU A 60 -27.91 -20.60 11.54
CA GLU A 60 -29.11 -20.54 10.71
C GLU A 60 -28.71 -20.24 9.27
N PHE A 61 -28.75 -21.26 8.42
CA PHE A 61 -28.56 -21.08 6.99
C PHE A 61 -29.87 -20.70 6.32
N ASN A 62 -29.77 -19.87 5.29
CA ASN A 62 -30.89 -19.54 4.42
C ASN A 62 -30.46 -19.64 2.97
N MET A 63 -31.38 -20.12 2.13
CA MET A 63 -31.11 -20.38 0.73
C MET A 63 -31.58 -19.28 -0.20
N TRP A 64 -32.85 -18.89 -0.07
CA TRP A 64 -33.52 -18.05 -1.05
C TRP A 64 -33.34 -16.56 -0.75
N LYS A 65 -32.74 -16.22 0.39
CA LYS A 65 -32.33 -14.85 0.69
C LYS A 65 -30.81 -14.72 0.75
N ASN A 66 -30.09 -15.68 0.14
CA ASN A 66 -28.63 -15.66 0.15
C ASN A 66 -28.12 -14.54 -0.75
N ASN A 67 -27.00 -13.93 -0.35
CA ASN A 67 -26.39 -12.83 -1.08
C ASN A 67 -25.15 -13.27 -1.85
N MET A 68 -25.14 -14.52 -2.33
CA MET A 68 -24.10 -15.01 -3.22
C MET A 68 -24.59 -15.26 -4.64
N VAL A 69 -25.90 -15.43 -4.84
CA VAL A 69 -26.42 -15.71 -6.17
C VAL A 69 -26.49 -14.44 -7.02
N GLU A 70 -26.60 -13.27 -6.39
CA GLU A 70 -26.48 -12.02 -7.15
C GLU A 70 -25.05 -11.78 -7.59
N GLN A 71 -24.08 -12.16 -6.76
CA GLN A 71 -22.69 -12.10 -7.17
C GLN A 71 -22.40 -13.12 -8.28
N MET A 72 -23.12 -14.25 -8.27
CA MET A 72 -23.10 -15.16 -9.42
C MET A 72 -23.65 -14.48 -10.66
N HIS A 73 -24.78 -13.79 -10.50
CA HIS A 73 -25.51 -13.21 -11.62
C HIS A 73 -24.77 -12.04 -12.25
N THR A 74 -23.92 -11.36 -11.48
CA THR A 74 -23.12 -10.28 -12.06
C THR A 74 -21.97 -10.82 -12.92
N ASP A 75 -21.11 -11.66 -12.35
CA ASP A 75 -19.93 -12.07 -13.10
C ASP A 75 -20.22 -13.11 -14.17
N ILE A 76 -21.32 -13.87 -14.08
CA ILE A 76 -21.60 -14.76 -15.20
C ILE A 76 -22.18 -13.97 -16.38
N ILE A 77 -22.84 -12.84 -16.11
CA ILE A 77 -23.25 -11.94 -17.18
C ILE A 77 -22.03 -11.26 -17.79
N SER A 78 -21.06 -10.88 -16.95
CA SER A 78 -19.80 -10.33 -17.43
C SER A 78 -19.00 -11.34 -18.24
N LEU A 79 -19.09 -12.63 -17.90
CA LEU A 79 -18.38 -13.66 -18.65
C LEU A 79 -19.06 -13.95 -19.98
N TRP A 80 -20.39 -14.02 -19.99
CA TRP A 80 -21.11 -14.33 -21.23
C TRP A 80 -21.15 -13.17 -22.21
N ASP A 81 -20.84 -11.94 -21.78
CA ASP A 81 -20.79 -10.81 -22.69
C ASP A 81 -19.44 -10.69 -23.39
N GLN A 82 -18.46 -11.52 -23.03
CA GLN A 82 -17.15 -11.51 -23.64
C GLN A 82 -16.80 -12.82 -24.33
N SER A 83 -17.24 -13.95 -23.78
CA SER A 83 -16.83 -15.25 -24.29
C SER A 83 -17.53 -15.59 -25.60
N LEU A 84 -18.86 -15.67 -25.58
CA LEU A 84 -19.64 -15.96 -26.78
C LEU A 84 -20.29 -14.67 -27.24
N LYS A 85 -19.65 -14.00 -28.18
CA LYS A 85 -20.21 -12.80 -28.78
C LYS A 85 -21.10 -13.20 -29.95
N PRO A 86 -22.40 -12.95 -29.89
CA PRO A 86 -23.30 -13.32 -31.00
C PRO A 86 -23.16 -12.31 -32.14
N CYS A 87 -23.80 -12.64 -33.26
CA CYS A 87 -23.69 -11.78 -34.44
C CYS A 87 -24.56 -10.53 -34.29
N VAL A 88 -25.87 -10.70 -34.19
CA VAL A 88 -26.79 -9.56 -34.12
C VAL A 88 -27.65 -9.73 -32.88
N LYS A 89 -27.73 -8.67 -32.08
CA LYS A 89 -28.54 -8.61 -30.87
C LYS A 89 -29.67 -7.61 -31.06
N LEU A 90 -30.83 -7.91 -30.49
CA LEU A 90 -31.99 -7.01 -30.49
C LEU A 90 -32.43 -6.83 -29.05
N THR A 91 -32.15 -5.66 -28.48
CA THR A 91 -32.56 -5.33 -27.12
C THR A 91 -33.52 -4.15 -27.16
N PRO A 92 -34.75 -4.28 -26.66
CA PRO A 92 -35.64 -3.12 -26.56
C PRO A 92 -35.15 -2.12 -25.54
N LEU A 93 -35.48 -0.85 -25.77
CA LEU A 93 -35.11 0.24 -24.88
C LEU A 93 -36.31 0.79 -24.12
N CYS A 94 -37.36 1.21 -24.86
CA CYS A 94 -38.65 1.66 -24.33
C CYS A 94 -38.49 2.86 -23.38
N VAL A 95 -38.02 3.95 -23.96
CA VAL A 95 -37.88 5.20 -23.21
C VAL A 95 -39.26 5.82 -23.02
N THR A 96 -39.53 6.26 -21.80
CA THR A 96 -40.80 6.92 -21.44
C THR A 96 -40.99 8.23 -22.18
N ARG A 160 -49.40 4.19 -18.81
CA ARG A 160 -49.94 3.30 -19.82
C ARG A 160 -49.81 3.90 -21.21
N LEU A 161 -49.12 5.04 -21.29
CA LEU A 161 -48.88 5.75 -22.55
C LEU A 161 -47.38 5.69 -22.83
N ILE A 162 -46.96 4.62 -23.52
CA ILE A 162 -45.54 4.39 -23.80
C ILE A 162 -45.45 3.51 -25.05
N ASN A 163 -44.37 3.69 -25.81
CA ASN A 163 -44.05 2.83 -26.94
C ASN A 163 -42.59 2.43 -26.83
N CYS A 164 -42.30 1.19 -27.21
CA CYS A 164 -40.96 0.62 -27.08
C CYS A 164 -40.34 0.40 -28.45
N ASN A 165 -39.09 0.82 -28.60
CA ASN A 165 -38.32 0.59 -29.81
C ASN A 165 -37.18 -0.38 -29.51
N THR A 166 -36.82 -1.17 -30.51
CA THR A 166 -35.74 -2.14 -30.39
C THR A 166 -34.55 -1.70 -31.24
N SER A 167 -33.35 -1.95 -30.74
CA SER A 167 -32.12 -1.62 -31.45
C SER A 167 -31.58 -2.86 -32.16
N ALA A 168 -30.47 -2.67 -32.88
CA ALA A 168 -29.81 -3.76 -33.61
C ALA A 168 -28.31 -3.56 -33.46
N ILE A 169 -27.73 -4.22 -32.47
CA ILE A 169 -26.29 -4.17 -32.23
C ILE A 169 -25.65 -5.34 -32.95
N THR A 170 -24.76 -5.05 -33.89
CA THR A 170 -24.11 -6.07 -34.72
C THR A 170 -22.61 -6.02 -34.46
N GLN A 171 -22.06 -7.14 -34.01
CA GLN A 171 -20.63 -7.27 -33.75
C GLN A 171 -20.09 -8.48 -34.52
N ALA A 172 -18.76 -8.60 -34.53
CA ALA A 172 -18.12 -9.73 -35.17
C ALA A 172 -18.33 -10.99 -34.35
N CYS A 173 -18.65 -12.09 -35.04
CA CYS A 173 -18.98 -13.36 -34.40
C CYS A 173 -18.14 -14.48 -34.98
N PRO A 174 -16.93 -14.69 -34.47
CA PRO A 174 -16.16 -15.87 -34.84
C PRO A 174 -16.67 -17.10 -34.09
N LYS A 175 -16.20 -18.27 -34.54
CA LYS A 175 -16.53 -19.52 -33.89
C LYS A 175 -15.53 -19.79 -32.79
N VAL A 176 -16.01 -19.87 -31.56
CA VAL A 176 -15.17 -19.96 -30.37
C VAL A 176 -15.48 -21.26 -29.63
N SER A 177 -14.43 -21.90 -29.13
CA SER A 177 -14.59 -23.09 -28.30
C SER A 177 -15.25 -22.73 -26.97
N PHE A 178 -16.01 -23.67 -26.43
CA PHE A 178 -16.79 -23.39 -25.21
C PHE A 178 -16.92 -24.68 -24.42
N GLU A 179 -16.19 -24.77 -23.31
CA GLU A 179 -16.27 -25.89 -22.38
C GLU A 179 -16.09 -25.31 -20.98
N PRO A 180 -16.97 -25.67 -20.03
CA PRO A 180 -16.92 -25.05 -18.70
C PRO A 180 -15.70 -25.46 -17.88
N ILE A 181 -15.28 -24.55 -17.01
CA ILE A 181 -14.11 -24.73 -16.15
C ILE A 181 -14.58 -24.55 -14.71
N PRO A 182 -14.28 -25.47 -13.80
CA PRO A 182 -14.71 -25.31 -12.40
C PRO A 182 -14.00 -24.17 -11.72
N ILE A 183 -14.76 -23.33 -11.04
CA ILE A 183 -14.24 -22.11 -10.43
C ILE A 183 -14.52 -22.15 -8.94
N HIS A 184 -13.69 -21.45 -8.17
CA HIS A 184 -13.93 -21.21 -6.76
C HIS A 184 -14.36 -19.76 -6.56
N TYR A 185 -14.82 -19.44 -5.35
CA TYR A 185 -15.20 -18.09 -4.88
C TYR A 185 -14.55 -17.87 -3.52
N CYS A 186 -13.48 -17.06 -3.49
CA CYS A 186 -12.74 -16.84 -2.26
C CYS A 186 -12.82 -15.38 -1.82
N ALA A 187 -12.84 -15.18 -0.42
CA ALA A 187 -13.09 -13.98 0.39
C ALA A 187 -11.78 -13.34 0.84
N PRO A 188 -11.76 -12.01 1.02
CA PRO A 188 -10.56 -11.35 1.57
C PRO A 188 -10.41 -11.56 3.07
N ALA A 189 -9.36 -10.97 3.65
CA ALA A 189 -9.10 -11.11 5.08
C ALA A 189 -10.15 -10.36 5.89
N GLY A 190 -10.56 -10.96 7.01
CA GLY A 190 -11.63 -10.43 7.82
C GLY A 190 -12.98 -11.07 7.57
N PHE A 191 -13.04 -12.15 6.79
CA PHE A 191 -14.29 -12.82 6.46
C PHE A 191 -14.08 -14.32 6.51
N ALA A 192 -15.18 -15.06 6.50
CA ALA A 192 -15.12 -16.52 6.42
C ALA A 192 -16.40 -17.00 5.76
N ILE A 193 -16.40 -18.26 5.31
CA ILE A 193 -17.61 -18.86 4.77
C ILE A 193 -17.96 -20.08 5.63
N LEU A 194 -19.09 -19.99 6.32
CA LEU A 194 -19.64 -21.12 7.04
C LEU A 194 -20.28 -22.08 6.06
N LYS A 195 -20.09 -23.38 6.30
CA LYS A 195 -20.55 -24.41 5.40
C LYS A 195 -21.25 -25.49 6.20
N CYS A 196 -22.43 -25.90 5.75
CA CYS A 196 -23.27 -26.86 6.45
C CYS A 196 -22.91 -28.27 6.00
N LYS A 197 -22.49 -29.11 6.94
CA LYS A 197 -22.03 -30.47 6.67
C LYS A 197 -23.11 -31.51 6.88
N ASP A 198 -24.36 -31.10 7.07
CA ASP A 198 -25.44 -32.06 7.26
C ASP A 198 -25.76 -32.72 5.93
N LYS A 199 -25.82 -34.05 5.94
CA LYS A 199 -26.14 -34.81 4.73
C LYS A 199 -27.63 -34.84 4.41
N LYS A 200 -28.47 -34.42 5.35
CA LYS A 200 -29.92 -34.39 5.17
C LYS A 200 -30.44 -32.98 5.46
N PHE A 201 -29.81 -31.98 4.86
CA PHE A 201 -30.17 -30.59 5.09
C PHE A 201 -31.48 -30.25 4.38
N ASN A 202 -32.40 -29.63 5.11
CA ASN A 202 -33.68 -29.23 4.53
C ASN A 202 -33.50 -28.08 3.54
N GLY A 203 -32.60 -27.16 3.83
CA GLY A 203 -32.35 -26.03 2.95
C GLY A 203 -32.30 -24.71 3.68
N THR A 204 -33.08 -24.57 4.75
CA THR A 204 -33.09 -23.38 5.58
C THR A 204 -33.05 -23.80 7.04
N GLY A 205 -33.04 -22.82 7.94
CA GLY A 205 -33.05 -23.09 9.35
C GLY A 205 -31.70 -23.51 9.87
N PRO A 206 -31.67 -24.20 11.01
CA PRO A 206 -30.40 -24.48 11.68
C PRO A 206 -29.62 -25.62 11.03
N CYS A 207 -28.29 -25.49 11.08
CA CYS A 207 -27.35 -26.54 10.77
C CYS A 207 -26.45 -26.70 11.99
N PRO A 208 -26.26 -27.94 12.50
CA PRO A 208 -25.40 -28.13 13.67
C PRO A 208 -23.93 -28.38 13.35
N SER A 209 -23.60 -28.93 12.19
CA SER A 209 -22.22 -29.25 11.86
C SER A 209 -21.64 -28.18 10.95
N VAL A 210 -21.53 -26.98 11.50
CA VAL A 210 -21.04 -25.83 10.74
C VAL A 210 -19.52 -25.83 10.74
N SER A 211 -18.93 -25.77 9.56
CA SER A 211 -17.47 -25.71 9.41
C SER A 211 -17.06 -24.41 8.73
N THR A 212 -16.01 -23.79 9.25
CA THR A 212 -15.48 -22.57 8.65
C THR A 212 -14.54 -22.92 7.50
N VAL A 213 -14.72 -22.23 6.37
CA VAL A 213 -14.03 -22.54 5.13
C VAL A 213 -13.46 -21.24 4.56
N GLN A 214 -12.21 -21.32 4.09
CA GLN A 214 -11.64 -20.24 3.28
C GLN A 214 -12.43 -20.08 1.99
N CYS A 215 -12.43 -21.10 1.13
CA CYS A 215 -13.29 -21.08 -0.06
C CYS A 215 -13.58 -22.48 -0.59
N THR A 216 -14.55 -22.52 -1.50
CA THR A 216 -15.39 -23.67 -1.76
C THR A 216 -14.72 -24.66 -2.72
N HIS A 217 -15.48 -25.66 -3.15
CA HIS A 217 -15.06 -26.57 -4.20
C HIS A 217 -15.37 -25.97 -5.57
N GLY A 218 -14.96 -26.69 -6.61
CA GLY A 218 -15.11 -26.18 -7.96
C GLY A 218 -16.55 -26.23 -8.43
N ILE A 219 -17.09 -25.07 -8.81
CA ILE A 219 -18.43 -24.98 -9.40
C ILE A 219 -18.27 -24.79 -10.90
N LYS A 220 -18.89 -25.66 -11.68
CA LYS A 220 -18.80 -25.57 -13.13
C LYS A 220 -20.00 -24.78 -13.66
N PRO A 221 -19.79 -23.58 -14.20
CA PRO A 221 -20.92 -22.72 -14.63
C PRO A 221 -21.58 -23.13 -15.95
N VAL A 222 -22.41 -24.16 -15.87
CA VAL A 222 -23.11 -24.67 -17.04
C VAL A 222 -24.49 -24.02 -17.09
N VAL A 223 -24.74 -23.22 -18.13
CA VAL A 223 -26.06 -22.66 -18.34
C VAL A 223 -26.95 -23.75 -18.96
N SER A 224 -28.04 -24.08 -18.27
CA SER A 224 -28.96 -25.10 -18.75
C SER A 224 -30.34 -24.84 -18.16
N THR A 225 -31.34 -25.45 -18.77
CA THR A 225 -32.71 -25.40 -18.31
C THR A 225 -33.21 -26.82 -18.14
N GLN A 226 -34.27 -26.96 -17.33
CA GLN A 226 -35.08 -28.17 -17.12
C GLN A 226 -34.38 -29.26 -16.32
N LEU A 227 -33.06 -29.12 -16.08
CA LEU A 227 -32.25 -30.12 -15.41
C LEU A 227 -31.04 -29.41 -14.79
N LEU A 228 -30.25 -30.17 -14.04
CA LEU A 228 -28.98 -29.69 -13.50
C LEU A 228 -27.88 -30.56 -14.10
N LEU A 229 -27.00 -29.95 -14.89
CA LEU A 229 -25.98 -30.69 -15.62
C LEU A 229 -24.61 -30.40 -15.02
N ASN A 230 -23.86 -31.48 -14.75
CA ASN A 230 -22.52 -31.45 -14.15
C ASN A 230 -22.51 -30.74 -12.79
N GLY A 231 -23.50 -31.04 -11.95
CA GLY A 231 -23.60 -30.44 -10.64
C GLY A 231 -22.87 -31.23 -9.57
N SER A 232 -23.23 -30.96 -8.32
CA SER A 232 -22.63 -31.60 -7.17
C SER A 232 -23.56 -32.68 -6.63
N LEU A 233 -23.03 -33.89 -6.48
CA LEU A 233 -23.86 -35.02 -6.09
C LEU A 233 -24.17 -34.99 -4.60
N ALA A 234 -25.30 -35.58 -4.23
CA ALA A 234 -25.74 -35.64 -2.84
C ALA A 234 -24.94 -36.68 -2.07
N GLU A 235 -25.02 -36.59 -0.74
CA GLU A 235 -24.24 -37.48 0.12
C GLU A 235 -24.95 -38.81 0.34
N GLU A 236 -26.16 -38.77 0.89
CA GLU A 236 -26.87 -39.99 1.29
C GLU A 236 -28.03 -40.33 0.36
N GLU A 237 -28.99 -39.42 0.20
CA GLU A 237 -30.22 -39.72 -0.53
C GLU A 237 -30.61 -38.53 -1.40
N VAL A 238 -31.71 -38.72 -2.14
CA VAL A 238 -32.26 -37.66 -2.97
C VAL A 238 -32.89 -36.59 -2.07
N MET A 239 -32.50 -35.34 -2.29
CA MET A 239 -32.98 -34.23 -1.48
C MET A 239 -33.96 -33.37 -2.28
N ILE A 240 -34.97 -32.88 -1.57
CA ILE A 240 -35.97 -31.97 -2.13
C ILE A 240 -35.90 -30.67 -1.35
N ARG A 241 -35.61 -29.58 -2.04
CA ARG A 241 -35.42 -28.28 -1.40
C ARG A 241 -36.42 -27.28 -1.97
N SER A 242 -37.18 -26.66 -1.09
CA SER A 242 -38.22 -25.69 -1.47
C SER A 242 -38.38 -24.68 -0.34
N GLU A 243 -38.63 -23.42 -0.73
CA GLU A 243 -38.87 -22.39 0.27
C GLU A 243 -40.19 -22.61 1.00
N ASN A 244 -41.24 -22.93 0.26
CA ASN A 244 -42.54 -23.19 0.87
C ASN A 244 -43.30 -24.15 -0.03
N ILE A 245 -43.50 -25.38 0.45
CA ILE A 245 -44.35 -26.32 -0.26
C ILE A 245 -45.80 -25.87 -0.09
N THR A 246 -46.66 -26.30 -1.04
CA THR A 246 -48.05 -25.85 -1.19
C THR A 246 -48.15 -24.34 -1.34
N ASN A 247 -47.22 -23.77 -2.11
CA ASN A 247 -47.31 -22.37 -2.54
C ASN A 247 -47.53 -22.22 -4.03
N ASN A 248 -47.19 -23.24 -4.82
CA ASN A 248 -47.48 -23.41 -6.25
C ASN A 248 -46.84 -22.35 -7.15
N ALA A 249 -45.90 -21.55 -6.65
CA ALA A 249 -45.33 -20.47 -7.45
C ALA A 249 -43.81 -20.43 -7.41
N LYS A 250 -43.16 -21.39 -6.76
CA LYS A 250 -41.72 -21.41 -6.61
C LYS A 250 -41.13 -22.73 -7.07
N ASN A 251 -39.99 -22.65 -7.75
CA ASN A 251 -39.39 -23.81 -8.41
C ASN A 251 -38.77 -24.76 -7.40
N ILE A 252 -39.28 -25.98 -7.36
CA ILE A 252 -38.76 -27.00 -6.45
C ILE A 252 -37.47 -27.57 -7.04
N LEU A 253 -36.38 -27.40 -6.30
CA LEU A 253 -35.07 -27.91 -6.71
C LEU A 253 -34.86 -29.30 -6.13
N VAL A 254 -34.43 -30.23 -6.98
CA VAL A 254 -34.24 -31.61 -6.59
C VAL A 254 -32.81 -32.02 -6.97
N GLN A 255 -32.07 -32.56 -6.01
CA GLN A 255 -30.71 -33.01 -6.26
C GLN A 255 -30.71 -34.53 -6.43
N PHE A 256 -29.78 -35.03 -7.22
CA PHE A 256 -29.62 -36.46 -7.46
C PHE A 256 -28.47 -37.01 -6.62
N ASN A 257 -28.65 -38.24 -6.13
CA ASN A 257 -27.59 -38.93 -5.41
C ASN A 257 -26.72 -39.79 -6.32
N THR A 258 -27.09 -39.93 -7.59
CA THR A 258 -26.31 -40.67 -8.56
C THR A 258 -26.30 -39.89 -9.86
N PRO A 259 -25.19 -39.95 -10.61
CA PRO A 259 -25.15 -39.25 -11.91
C PRO A 259 -25.85 -40.05 -12.99
N VAL A 260 -26.77 -39.40 -13.69
CA VAL A 260 -27.48 -40.03 -14.79
C VAL A 260 -26.72 -39.69 -16.08
N GLN A 261 -25.99 -40.66 -16.61
CA GLN A 261 -25.12 -40.39 -17.74
C GLN A 261 -25.95 -40.27 -19.02
N ILE A 262 -25.59 -39.30 -19.87
CA ILE A 262 -26.29 -39.08 -21.12
C ILE A 262 -25.28 -38.71 -22.21
N ASN A 263 -25.41 -39.35 -23.36
CA ASN A 263 -24.68 -38.95 -24.56
C ASN A 263 -25.59 -38.06 -25.38
N CYS A 264 -25.03 -37.04 -26.02
CA CYS A 264 -25.88 -36.10 -26.76
C CYS A 264 -25.03 -35.50 -27.87
N THR A 265 -25.32 -35.87 -29.11
CA THR A 265 -24.38 -35.61 -30.19
C THR A 265 -25.08 -35.14 -31.46
N ARG A 266 -24.27 -34.53 -32.33
CA ARG A 266 -24.69 -34.33 -33.72
C ARG A 266 -23.70 -35.07 -34.61
N PRO A 267 -24.12 -36.11 -35.33
CA PRO A 267 -23.19 -36.90 -36.14
C PRO A 267 -23.03 -36.32 -37.55
N ASN A 268 -22.16 -36.96 -38.31
CA ASN A 268 -21.87 -36.55 -39.68
C ASN A 268 -23.02 -36.88 -40.62
N ASP A 292 -28.57 -32.60 -43.30
CA ASP A 292 -29.04 -31.57 -42.39
C ASP A 292 -28.12 -31.46 -41.17
N ILE A 293 -27.51 -30.30 -40.98
CA ILE A 293 -26.62 -30.09 -39.85
C ILE A 293 -27.39 -29.85 -38.55
N ARG A 294 -28.64 -29.40 -38.63
CA ARG A 294 -29.44 -29.11 -37.44
C ARG A 294 -30.31 -30.31 -37.07
N GLN A 295 -29.65 -31.47 -36.96
CA GLN A 295 -30.32 -32.71 -36.54
C GLN A 295 -29.39 -33.42 -35.58
N ALA A 296 -29.72 -33.40 -34.29
CA ALA A 296 -28.89 -33.95 -33.24
C ALA A 296 -29.69 -34.95 -32.43
N HIS A 297 -29.09 -36.08 -32.09
CA HIS A 297 -29.79 -37.09 -31.31
C HIS A 297 -29.05 -37.33 -29.99
N CYS A 298 -29.83 -37.74 -28.98
CA CYS A 298 -29.44 -37.54 -27.59
C CYS A 298 -29.95 -38.74 -26.78
N ASN A 299 -29.05 -39.68 -26.48
CA ASN A 299 -29.40 -40.94 -25.86
C ASN A 299 -29.17 -40.91 -24.35
N VAL A 300 -30.19 -41.33 -23.60
CA VAL A 300 -30.12 -41.48 -22.16
C VAL A 300 -30.61 -42.89 -21.81
N SER A 301 -29.98 -43.51 -20.81
CA SER A 301 -30.31 -44.88 -20.44
C SER A 301 -31.69 -44.96 -19.79
N LYS A 302 -32.40 -46.06 -20.03
CA LYS A 302 -33.76 -46.21 -19.54
C LYS A 302 -33.80 -46.71 -18.09
N ALA A 303 -33.00 -47.72 -17.76
CA ALA A 303 -33.13 -48.36 -16.45
C ALA A 303 -32.58 -47.48 -15.34
N THR A 304 -31.45 -46.81 -15.58
CA THR A 304 -30.87 -45.91 -14.59
C THR A 304 -31.78 -44.71 -14.32
N TRP A 305 -32.37 -44.16 -15.39
CA TRP A 305 -33.35 -43.09 -15.24
C TRP A 305 -34.59 -43.56 -14.51
N ASN A 306 -35.02 -44.80 -14.77
CA ASN A 306 -36.20 -45.34 -14.09
C ASN A 306 -35.96 -45.54 -12.61
N GLU A 307 -34.79 -46.06 -12.21
CA GLU A 307 -34.54 -46.23 -10.78
C GLU A 307 -34.23 -44.91 -10.09
N THR A 308 -33.63 -43.95 -10.80
CA THR A 308 -33.40 -42.62 -10.25
C THR A 308 -34.73 -41.92 -9.96
N LEU A 309 -35.68 -41.98 -10.90
CA LEU A 309 -36.98 -41.39 -10.61
C LEU A 309 -37.83 -42.28 -9.72
N GLY A 310 -37.47 -43.56 -9.55
CA GLY A 310 -38.07 -44.33 -8.48
C GLY A 310 -37.69 -43.78 -7.11
N LYS A 311 -36.40 -43.46 -6.92
CA LYS A 311 -35.97 -42.79 -5.70
C LYS A 311 -36.59 -41.40 -5.57
N VAL A 312 -36.76 -40.70 -6.70
CA VAL A 312 -37.33 -39.35 -6.68
C VAL A 312 -38.80 -39.40 -6.24
N VAL A 313 -39.59 -40.29 -6.83
CA VAL A 313 -41.00 -40.38 -6.43
C VAL A 313 -41.14 -41.03 -5.05
N LYS A 314 -40.11 -41.76 -4.60
CA LYS A 314 -40.08 -42.13 -3.19
C LYS A 314 -39.92 -40.90 -2.30
N GLN A 315 -39.09 -39.95 -2.71
CA GLN A 315 -38.85 -38.77 -1.89
C GLN A 315 -40.01 -37.77 -1.92
N LEU A 316 -40.71 -37.61 -3.05
CA LEU A 316 -41.88 -36.72 -3.06
C LEU A 316 -43.07 -37.25 -2.26
N ARG A 317 -43.14 -38.56 -1.99
CA ARG A 317 -44.21 -39.06 -1.15
C ARG A 317 -43.98 -38.79 0.34
N LYS A 318 -42.80 -38.31 0.71
CA LYS A 318 -42.54 -37.94 2.10
C LYS A 318 -43.33 -36.71 2.51
N HIS A 319 -43.47 -35.74 1.60
CA HIS A 319 -44.09 -34.46 1.91
C HIS A 319 -45.55 -34.38 1.53
N PHE A 320 -46.15 -35.44 1.01
CA PHE A 320 -47.50 -35.34 0.46
C PHE A 320 -48.38 -36.51 0.90
N GLY A 321 -48.27 -36.89 2.18
CA GLY A 321 -49.26 -37.75 2.80
C GLY A 321 -49.16 -39.23 2.50
N ASN A 322 -48.19 -39.66 1.68
CA ASN A 322 -47.89 -41.05 1.36
C ASN A 322 -49.06 -41.80 0.70
N ASN A 323 -50.00 -41.08 0.09
CA ASN A 323 -51.12 -41.74 -0.58
C ASN A 323 -51.51 -41.07 -1.89
N THR A 324 -50.73 -40.13 -2.39
CA THR A 324 -51.08 -39.38 -3.60
C THR A 324 -50.47 -40.01 -4.84
N ILE A 325 -51.16 -39.85 -5.97
CA ILE A 325 -50.65 -40.30 -7.25
C ILE A 325 -49.81 -39.18 -7.87
N ILE A 326 -48.69 -39.55 -8.49
CA ILE A 326 -47.73 -38.60 -9.02
C ILE A 326 -47.73 -38.73 -10.54
N ARG A 327 -47.93 -37.60 -11.23
CA ARG A 327 -47.97 -37.56 -12.69
C ARG A 327 -46.92 -36.58 -13.19
N PHE A 328 -46.11 -37.01 -14.16
CA PHE A 328 -45.08 -36.17 -14.77
C PHE A 328 -45.52 -35.81 -16.19
N ALA A 329 -45.83 -34.53 -16.40
CA ALA A 329 -46.15 -34.03 -17.73
C ALA A 329 -44.89 -33.51 -18.41
N ASN A 330 -45.03 -33.16 -19.69
CA ASN A 330 -43.87 -32.69 -20.45
C ASN A 330 -43.59 -31.21 -20.19
N SER A 331 -44.53 -30.34 -20.54
CA SER A 331 -44.39 -28.89 -20.39
C SER A 331 -45.79 -28.28 -20.52
N SER A 332 -45.84 -26.94 -20.50
CA SER A 332 -47.09 -26.23 -20.77
C SER A 332 -46.71 -24.91 -21.46
N GLY A 333 -46.65 -24.96 -22.80
CA GLY A 333 -46.39 -23.84 -23.68
C GLY A 333 -45.07 -23.14 -23.39
N GLY A 334 -45.03 -21.87 -23.75
CA GLY A 334 -43.94 -21.00 -23.38
C GLY A 334 -42.87 -20.90 -24.45
N ASP A 335 -41.76 -20.30 -24.04
CA ASP A 335 -40.63 -20.06 -24.92
C ASP A 335 -39.89 -21.37 -25.19
N LEU A 336 -39.11 -21.37 -26.28
CA LEU A 336 -38.39 -22.57 -26.70
C LEU A 336 -37.28 -22.96 -25.72
N GLU A 337 -36.72 -22.00 -24.98
CA GLU A 337 -35.70 -22.33 -23.99
C GLU A 337 -36.27 -22.85 -22.69
N VAL A 338 -37.58 -22.75 -22.50
CA VAL A 338 -38.21 -23.28 -21.30
C VAL A 338 -39.17 -24.44 -21.60
N THR A 339 -39.77 -24.50 -22.80
CA THR A 339 -40.58 -25.65 -23.15
C THR A 339 -39.75 -26.85 -23.58
N THR A 340 -38.46 -26.64 -23.85
CA THR A 340 -37.53 -27.70 -24.20
C THR A 340 -36.29 -27.58 -23.34
N HIS A 341 -35.55 -28.68 -23.23
CA HIS A 341 -34.26 -28.70 -22.55
C HIS A 341 -33.24 -27.95 -23.41
N SER A 342 -32.88 -26.75 -22.99
CA SER A 342 -31.97 -25.90 -23.73
C SER A 342 -30.63 -25.85 -23.01
N PHE A 343 -29.55 -26.11 -23.76
CA PHE A 343 -28.21 -26.07 -23.18
C PHE A 343 -27.21 -25.72 -24.28
N ASN A 344 -25.93 -25.87 -23.95
CA ASN A 344 -24.83 -25.55 -24.84
C ASN A 344 -23.85 -26.72 -24.96
N CYS A 345 -23.18 -26.79 -26.10
CA CYS A 345 -22.21 -27.86 -26.38
C CYS A 345 -21.24 -27.38 -27.45
N GLY A 346 -20.03 -27.01 -27.02
CA GLY A 346 -19.01 -26.54 -27.94
C GLY A 346 -19.33 -25.24 -28.63
N GLY A 347 -20.18 -24.40 -28.04
CA GLY A 347 -20.70 -23.24 -28.71
C GLY A 347 -21.95 -23.49 -29.53
N GLU A 348 -22.37 -24.74 -29.66
CA GLU A 348 -23.61 -25.08 -30.35
C GLU A 348 -24.76 -25.04 -29.37
N PHE A 349 -25.89 -24.51 -29.82
CA PHE A 349 -26.98 -24.12 -28.92
C PHE A 349 -28.09 -25.16 -29.04
N PHE A 350 -28.10 -26.12 -28.13
CA PHE A 350 -28.95 -27.30 -28.24
C PHE A 350 -30.32 -27.05 -27.60
N TYR A 351 -31.36 -27.52 -28.30
CA TYR A 351 -32.74 -27.42 -27.84
C TYR A 351 -33.38 -28.80 -28.02
N CYS A 352 -33.27 -29.65 -27.01
CA CYS A 352 -33.75 -31.03 -27.08
C CYS A 352 -35.13 -31.15 -26.45
N ASN A 353 -36.00 -31.90 -27.12
CA ASN A 353 -37.36 -32.11 -26.63
C ASN A 353 -37.37 -33.21 -25.57
N THR A 354 -38.09 -32.98 -24.48
CA THR A 354 -38.19 -33.90 -23.36
C THR A 354 -39.62 -34.39 -23.17
N SER A 355 -40.36 -34.56 -24.27
CA SER A 355 -41.75 -35.00 -24.17
C SER A 355 -41.85 -36.47 -23.76
N GLY A 356 -41.01 -37.32 -24.34
CA GLY A 356 -40.98 -38.72 -23.97
C GLY A 356 -40.12 -39.03 -22.76
N LEU A 357 -39.55 -38.01 -22.14
CA LEU A 357 -38.68 -38.21 -20.98
C LEU A 357 -39.43 -38.06 -19.66
N PHE A 358 -40.50 -37.26 -19.65
CA PHE A 358 -41.37 -37.07 -18.48
C PHE A 358 -42.78 -37.43 -18.91
N ASN A 359 -43.14 -38.71 -18.80
CA ASN A 359 -44.47 -39.16 -19.20
C ASN A 359 -45.14 -40.13 -18.24
N SER A 360 -44.44 -40.68 -17.26
CA SER A 360 -44.98 -41.75 -16.45
C SER A 360 -45.93 -41.22 -15.37
N THR A 361 -46.77 -42.11 -14.88
CA THR A 361 -47.68 -41.84 -13.77
C THR A 361 -47.46 -42.90 -12.70
N TRP A 362 -47.22 -42.46 -11.47
CA TRP A 362 -46.84 -43.35 -10.38
C TRP A 362 -47.90 -43.33 -9.29
N ILE A 363 -48.26 -44.51 -8.79
CA ILE A 363 -49.28 -44.67 -7.76
C ILE A 363 -48.69 -45.54 -6.65
N SER A 364 -49.54 -45.85 -5.66
CA SER A 364 -49.13 -46.68 -4.53
C SER A 364 -48.91 -48.13 -4.94
N ASP A 378 -34.12 -49.62 -24.37
CA ASP A 378 -32.88 -49.59 -23.59
C ASP A 378 -32.39 -48.16 -23.42
N SER A 379 -32.53 -47.35 -24.47
CA SER A 379 -32.11 -45.96 -24.45
C SER A 379 -33.14 -45.09 -25.13
N ILE A 380 -33.44 -43.95 -24.52
CA ILE A 380 -34.36 -42.96 -25.08
C ILE A 380 -33.56 -41.94 -25.85
N THR A 381 -33.97 -41.70 -27.10
CA THR A 381 -33.38 -40.68 -27.96
C THR A 381 -34.23 -39.41 -27.89
N LEU A 382 -33.57 -38.27 -27.84
CA LEU A 382 -34.26 -36.98 -27.72
C LEU A 382 -34.15 -36.21 -29.03
N PRO A 383 -35.28 -35.80 -29.62
CA PRO A 383 -35.25 -35.08 -30.91
C PRO A 383 -34.81 -33.61 -30.78
N CYS A 384 -33.50 -33.41 -30.76
CA CYS A 384 -32.94 -32.07 -30.64
C CYS A 384 -32.94 -31.36 -31.99
N ARG A 385 -33.14 -30.04 -31.93
CA ARG A 385 -33.10 -29.19 -33.11
C ARG A 385 -32.15 -28.03 -32.83
N ILE A 386 -31.07 -27.94 -33.60
CA ILE A 386 -30.08 -26.88 -33.42
C ILE A 386 -30.60 -25.61 -34.09
N LYS A 387 -30.69 -24.54 -33.31
CA LYS A 387 -31.22 -23.27 -33.78
C LYS A 387 -30.15 -22.19 -33.72
N GLN A 388 -30.47 -21.04 -34.32
CA GLN A 388 -29.56 -19.90 -34.32
C GLN A 388 -30.18 -18.62 -33.78
N ILE A 389 -31.49 -18.43 -33.90
CA ILE A 389 -32.17 -17.23 -33.41
C ILE A 389 -32.75 -17.60 -32.04
N ILE A 390 -32.04 -17.20 -30.99
CA ILE A 390 -32.39 -17.60 -29.63
C ILE A 390 -32.84 -16.39 -28.83
N ASN A 391 -33.35 -16.68 -27.64
CA ASN A 391 -33.71 -15.71 -26.62
C ASN A 391 -32.60 -15.63 -25.58
N MET A 392 -32.50 -14.49 -24.90
CA MET A 392 -31.44 -14.24 -23.94
C MET A 392 -31.98 -14.30 -22.52
N TRP A 393 -31.19 -14.88 -21.62
CA TRP A 393 -31.51 -14.90 -20.20
C TRP A 393 -30.92 -13.73 -19.43
N GLN A 394 -29.86 -13.10 -19.94
CA GLN A 394 -29.26 -11.97 -19.26
C GLN A 394 -30.18 -10.76 -19.27
N ARG A 395 -30.84 -10.51 -20.41
CA ARG A 395 -31.77 -9.41 -20.56
C ARG A 395 -32.89 -9.85 -21.49
N ILE A 396 -33.90 -8.99 -21.63
CA ILE A 396 -35.01 -9.27 -22.53
C ILE A 396 -34.59 -8.88 -23.94
N GLY A 397 -34.67 -9.83 -24.87
CA GLY A 397 -34.35 -9.54 -26.25
C GLY A 397 -34.09 -10.80 -27.05
N GLN A 398 -33.54 -10.58 -28.24
CA GLN A 398 -33.26 -11.65 -29.21
C GLN A 398 -31.79 -11.62 -29.56
N ALA A 399 -31.28 -12.77 -30.02
CA ALA A 399 -29.91 -12.83 -30.52
C ALA A 399 -29.80 -13.91 -31.59
N MET A 400 -29.28 -13.53 -32.75
CA MET A 400 -28.95 -14.51 -33.79
C MET A 400 -27.45 -14.57 -34.03
N TYR A 401 -26.98 -15.80 -34.28
CA TYR A 401 -25.60 -16.25 -34.18
C TYR A 401 -25.20 -16.89 -35.51
N ALA A 402 -23.89 -17.10 -35.69
CA ALA A 402 -23.32 -17.66 -36.90
C ALA A 402 -23.78 -19.11 -37.11
N PRO A 403 -23.77 -19.60 -38.36
CA PRO A 403 -24.07 -21.01 -38.60
C PRO A 403 -23.00 -21.91 -37.98
N PRO A 404 -23.36 -23.13 -37.60
CA PRO A 404 -22.43 -24.00 -36.87
C PRO A 404 -21.31 -24.54 -37.77
N ILE A 405 -20.25 -25.01 -37.10
CA ILE A 405 -19.10 -25.56 -37.80
C ILE A 405 -19.43 -26.94 -38.36
N GLN A 406 -18.57 -27.41 -39.25
CA GLN A 406 -18.74 -28.72 -39.89
C GLN A 406 -18.05 -29.80 -39.09
N GLY A 407 -18.72 -30.94 -38.96
CA GLY A 407 -18.16 -32.10 -38.28
C GLY A 407 -19.09 -32.60 -37.18
N VAL A 408 -18.79 -33.82 -36.74
CA VAL A 408 -19.47 -34.45 -35.61
C VAL A 408 -19.11 -33.69 -34.33
N ILE A 409 -20.11 -33.45 -33.47
CA ILE A 409 -19.85 -32.85 -32.17
C ILE A 409 -20.36 -33.77 -31.07
N ARG A 410 -19.50 -33.95 -30.06
CA ARG A 410 -19.67 -34.87 -28.95
C ARG A 410 -19.65 -34.08 -27.65
N CYS A 411 -20.57 -34.39 -26.74
CA CYS A 411 -20.47 -33.96 -25.35
C CYS A 411 -21.28 -34.89 -24.48
N VAL A 412 -20.59 -35.69 -23.67
CA VAL A 412 -21.24 -36.56 -22.68
C VAL A 412 -21.40 -35.76 -21.40
N SER A 413 -22.48 -36.02 -20.66
CA SER A 413 -22.72 -35.24 -19.46
C SER A 413 -23.43 -36.07 -18.41
N ASN A 414 -23.38 -35.57 -17.18
CA ASN A 414 -23.97 -36.22 -16.01
C ASN A 414 -25.15 -35.38 -15.55
N ILE A 415 -26.35 -35.95 -15.60
CA ILE A 415 -27.54 -35.29 -15.09
C ILE A 415 -27.56 -35.46 -13.58
N THR A 416 -27.66 -34.33 -12.85
CA THR A 416 -27.48 -34.31 -11.41
C THR A 416 -28.64 -33.67 -10.67
N GLY A 417 -29.72 -33.29 -11.34
CA GLY A 417 -30.80 -32.63 -10.62
C GLY A 417 -31.96 -32.28 -11.52
N LEU A 418 -32.94 -31.61 -10.90
CA LEU A 418 -34.26 -31.36 -11.47
C LEU A 418 -34.75 -30.00 -11.00
N ILE A 419 -35.47 -29.31 -11.89
CA ILE A 419 -36.31 -28.17 -11.53
C ILE A 419 -37.74 -28.63 -11.79
N LEU A 420 -38.49 -28.93 -10.74
CA LEU A 420 -39.86 -29.38 -10.88
C LEU A 420 -40.81 -28.31 -10.35
N THR A 421 -42.03 -28.28 -10.91
CA THR A 421 -43.03 -27.31 -10.51
C THR A 421 -44.37 -28.02 -10.41
N ARG A 422 -45.04 -27.86 -9.28
CA ARG A 422 -46.34 -28.47 -9.07
C ARG A 422 -47.41 -27.73 -9.86
N ASP A 423 -48.48 -28.46 -10.20
CA ASP A 423 -49.66 -27.90 -10.85
C ASP A 423 -50.81 -28.06 -9.84
N GLY A 424 -50.95 -27.07 -8.97
CA GLY A 424 -51.94 -27.13 -7.91
C GLY A 424 -53.37 -26.94 -8.39
N GLY A 425 -54.17 -27.99 -8.30
CA GLY A 425 -55.56 -27.97 -8.67
C GLY A 425 -56.44 -28.52 -7.56
N SER A 426 -57.52 -29.16 -7.97
CA SER A 426 -58.45 -29.78 -7.03
C SER A 426 -58.96 -31.11 -7.56
N THR A 430 -56.61 -36.61 -4.11
CA THR A 430 -56.44 -36.49 -5.54
C THR A 430 -54.98 -36.64 -5.94
N THR A 431 -54.73 -36.67 -7.25
CA THR A 431 -53.37 -36.81 -7.75
C THR A 431 -52.65 -35.46 -7.76
N GLU A 432 -51.35 -35.52 -8.05
CA GLU A 432 -50.52 -34.33 -8.12
C GLU A 432 -49.74 -34.35 -9.44
N THR A 433 -49.76 -33.24 -10.15
CA THR A 433 -49.04 -33.10 -11.41
C THR A 433 -47.76 -32.30 -11.16
N PHE A 434 -46.65 -32.81 -11.68
CA PHE A 434 -45.33 -32.19 -11.49
C PHE A 434 -44.68 -32.05 -12.87
N ARG A 435 -44.63 -30.82 -13.38
CA ARG A 435 -44.00 -30.66 -14.67
C ARG A 435 -42.65 -29.97 -14.52
N PRO A 436 -41.66 -30.32 -15.35
CA PRO A 436 -40.37 -29.64 -15.27
C PRO A 436 -40.44 -28.19 -15.75
N GLY A 437 -39.60 -27.36 -15.14
CA GLY A 437 -39.56 -25.94 -15.46
C GLY A 437 -38.15 -25.44 -15.32
N GLY A 438 -38.01 -24.14 -15.06
CA GLY A 438 -36.73 -23.50 -14.96
C GLY A 438 -36.63 -22.28 -15.83
N GLY A 439 -35.42 -21.75 -15.93
CA GLY A 439 -35.20 -20.54 -16.70
C GLY A 439 -34.64 -19.45 -15.82
N ASP A 440 -34.93 -19.50 -14.53
CA ASP A 440 -34.34 -18.58 -13.57
C ASP A 440 -32.96 -19.10 -13.16
N MET A 441 -31.92 -18.40 -13.60
CA MET A 441 -30.56 -18.87 -13.40
C MET A 441 -30.07 -18.70 -11.95
N ARG A 442 -30.70 -17.79 -11.20
CA ARG A 442 -30.42 -17.70 -9.76
C ARG A 442 -30.78 -19.00 -9.06
N ASP A 443 -31.89 -19.63 -9.46
CA ASP A 443 -32.22 -20.98 -9.02
C ASP A 443 -31.33 -22.05 -9.66
N ASN A 444 -30.71 -21.77 -10.81
CA ASN A 444 -29.82 -22.76 -11.42
C ASN A 444 -28.53 -22.90 -10.62
N TRP A 445 -27.91 -21.77 -10.23
CA TRP A 445 -26.75 -21.87 -9.34
C TRP A 445 -27.09 -21.76 -7.87
N ARG A 446 -28.36 -21.77 -7.46
CA ARG A 446 -28.62 -21.93 -6.03
C ARG A 446 -28.45 -23.37 -5.55
N SER A 447 -28.46 -24.34 -6.47
CA SER A 447 -28.35 -25.74 -6.06
C SER A 447 -26.93 -26.11 -5.68
N GLU A 448 -25.92 -25.39 -6.19
CA GLU A 448 -24.54 -25.65 -5.82
C GLU A 448 -24.00 -24.66 -4.79
N LEU A 449 -24.72 -23.58 -4.51
CA LEU A 449 -24.34 -22.62 -3.48
C LEU A 449 -25.32 -22.63 -2.32
N TYR A 450 -26.03 -23.75 -2.12
CA TYR A 450 -27.06 -23.84 -1.09
C TYR A 450 -26.49 -23.95 0.31
N LYS A 451 -25.26 -24.45 0.46
CA LYS A 451 -24.71 -24.78 1.77
C LYS A 451 -23.54 -23.87 2.12
N TYR A 452 -23.61 -22.60 1.73
CA TYR A 452 -22.54 -21.66 2.02
C TYR A 452 -23.13 -20.37 2.55
N LYS A 453 -22.35 -19.70 3.41
CA LYS A 453 -22.80 -18.45 4.01
C LYS A 453 -21.58 -17.59 4.29
N VAL A 454 -21.65 -16.30 3.94
CA VAL A 454 -20.52 -15.39 4.10
C VAL A 454 -20.72 -14.61 5.39
N VAL A 455 -19.76 -14.72 6.32
CA VAL A 455 -19.83 -14.01 7.58
C VAL A 455 -18.62 -13.10 7.73
N LYS A 456 -18.83 -11.98 8.42
CA LYS A 456 -17.81 -10.97 8.65
C LYS A 456 -17.37 -11.04 10.10
N ILE A 457 -16.05 -11.11 10.33
CA ILE A 457 -15.57 -11.25 11.68
C ILE A 457 -15.47 -9.88 12.35
N GLU A 458 -15.73 -9.87 13.67
CA GLU A 458 -15.69 -8.65 14.48
C GLU A 458 -14.92 -8.95 15.77
N PRO A 459 -13.60 -8.97 15.71
CA PRO A 459 -12.79 -9.43 16.84
C PRO A 459 -12.53 -8.33 17.87
N LEU A 460 -13.60 -7.82 18.47
CA LEU A 460 -13.49 -6.77 19.47
C LEU A 460 -14.72 -6.87 20.38
N GLY A 461 -14.53 -7.45 21.58
CA GLY A 461 -15.61 -7.66 22.51
C GLY A 461 -15.33 -7.03 23.87
N VAL A 462 -16.34 -7.07 24.72
CA VAL A 462 -16.26 -6.52 26.07
C VAL A 462 -16.98 -7.49 27.02
N ALA A 463 -16.39 -7.70 28.20
CA ALA A 463 -16.99 -8.60 29.18
C ALA A 463 -16.66 -8.09 30.58
N PRO A 464 -17.55 -8.26 31.55
CA PRO A 464 -17.24 -7.85 32.92
C PRO A 464 -16.36 -8.88 33.61
N THR A 465 -15.31 -8.41 34.27
CA THR A 465 -14.36 -9.24 35.01
C THR A 465 -14.10 -8.43 36.28
N ARG A 466 -13.09 -8.76 37.06
CA ARG A 466 -12.83 -8.15 38.36
C ARG A 466 -11.40 -7.59 38.45
N CYS A 467 -10.99 -6.88 37.40
CA CYS A 467 -9.64 -6.32 37.31
C CYS A 467 -9.66 -4.81 37.53
N LYS A 468 -8.48 -4.27 37.83
CA LYS A 468 -8.30 -2.83 38.01
C LYS A 468 -6.88 -2.46 37.61
N ARG A 469 -6.72 -1.18 37.25
CA ARG A 469 -5.47 -0.60 36.72
C ARG A 469 -4.86 -1.39 35.56
N ASN B 1 10.47 24.36 36.96
CA ASN B 1 11.03 24.65 35.66
C ASN B 1 10.22 23.95 34.56
N LEU B 2 10.21 24.55 33.37
CA LEU B 2 9.39 24.04 32.28
C LEU B 2 10.06 22.85 31.60
N TRP B 3 9.25 21.89 31.16
CA TRP B 3 9.74 20.71 30.48
C TRP B 3 9.03 20.56 29.14
N VAL B 4 9.61 19.73 28.28
CA VAL B 4 9.05 19.48 26.96
C VAL B 4 7.85 18.56 27.09
N THR B 5 6.74 18.92 26.45
CA THR B 5 5.52 18.13 26.43
C THR B 5 5.12 17.95 24.97
N VAL B 6 4.88 16.70 24.58
CA VAL B 6 4.68 16.31 23.19
C VAL B 6 3.19 16.09 22.96
N TYR B 7 2.63 16.80 21.97
CA TYR B 7 1.22 16.72 21.64
C TYR B 7 1.03 16.11 20.26
N TYR B 8 0.01 15.26 20.12
CA TYR B 8 -0.34 14.61 18.87
C TYR B 8 -1.67 15.15 18.37
N GLY B 9 -1.76 15.36 17.05
CA GLY B 9 -2.97 15.89 16.46
C GLY B 9 -3.04 17.40 16.42
N VAL B 10 -1.91 18.08 16.35
CA VAL B 10 -1.91 19.56 16.36
C VAL B 10 -2.36 20.06 14.99
N PRO B 11 -3.34 20.95 14.92
CA PRO B 11 -3.80 21.46 13.62
C PRO B 11 -2.84 22.48 13.00
N VAL B 12 -1.71 22.02 12.47
CA VAL B 12 -0.82 22.89 11.71
C VAL B 12 -0.54 22.23 10.37
N TRP B 13 -0.36 23.08 9.35
CA TRP B 13 -0.16 22.61 7.99
C TRP B 13 1.03 23.32 7.39
N LYS B 14 1.59 22.71 6.35
CA LYS B 14 2.67 23.28 5.57
C LYS B 14 2.29 23.26 4.09
N ASP B 15 3.02 24.04 3.30
CA ASP B 15 2.80 24.10 1.87
C ASP B 15 3.58 22.94 1.25
N ALA B 16 2.88 22.04 0.57
CA ALA B 16 3.49 20.90 -0.07
C ALA B 16 2.58 20.45 -1.21
N GLU B 17 3.13 19.63 -2.10
CA GLU B 17 2.39 19.15 -3.26
C GLU B 17 2.34 17.62 -3.24
N THR B 18 1.24 17.08 -3.74
CA THR B 18 1.04 15.64 -3.88
C THR B 18 0.08 15.41 -5.04
N THR B 19 -0.25 14.14 -5.28
CA THR B 19 -1.20 13.82 -6.33
C THR B 19 -2.63 14.11 -5.87
N LEU B 20 -3.48 14.45 -6.85
CA LEU B 20 -4.89 14.70 -6.64
C LEU B 20 -5.67 13.71 -7.50
N PHE B 21 -6.96 13.52 -7.22
CA PHE B 21 -7.74 12.60 -8.02
C PHE B 21 -9.09 13.21 -8.38
N CYS B 22 -9.64 12.75 -9.50
CA CYS B 22 -10.88 13.29 -10.03
C CYS B 22 -12.08 12.79 -9.22
N ALA B 23 -13.16 13.58 -9.30
CA ALA B 23 -14.46 13.19 -8.72
C ALA B 23 -15.53 13.95 -9.47
N SER B 24 -16.29 13.25 -10.32
CA SER B 24 -17.26 13.93 -11.18
C SER B 24 -18.44 13.00 -11.42
N ASP B 25 -19.47 13.15 -10.58
CA ASP B 25 -20.83 12.62 -10.76
C ASP B 25 -20.80 11.09 -10.83
N ALA B 26 -21.79 10.50 -11.51
CA ALA B 26 -21.88 9.06 -11.69
C ALA B 26 -22.38 8.71 -13.09
N VAL B 36 -18.76 9.83 -20.16
CA VAL B 36 -19.27 10.19 -21.47
C VAL B 36 -18.12 10.62 -22.38
N TRP B 37 -17.50 11.75 -22.02
CA TRP B 37 -16.40 12.28 -22.83
C TRP B 37 -15.13 11.46 -22.64
N ALA B 38 -14.58 11.47 -21.43
CA ALA B 38 -13.47 10.58 -21.10
C ALA B 38 -13.52 10.08 -19.67
N THR B 39 -14.55 10.40 -18.89
CA THR B 39 -14.56 10.16 -17.45
C THR B 39 -15.57 9.06 -17.10
N HIS B 40 -15.09 7.81 -17.18
CA HIS B 40 -15.78 6.68 -16.59
C HIS B 40 -14.95 5.97 -15.53
N ALA B 41 -13.64 6.15 -15.53
CA ALA B 41 -12.78 5.68 -14.44
C ALA B 41 -12.51 6.84 -13.49
N CYS B 42 -13.53 7.17 -12.70
CA CYS B 42 -13.52 8.34 -11.84
C CYS B 42 -14.40 8.06 -10.62
N VAL B 43 -13.99 8.58 -9.48
CA VAL B 43 -14.70 8.32 -8.22
C VAL B 43 -15.99 9.13 -8.19
N PRO B 44 -17.11 8.56 -7.74
CA PRO B 44 -18.31 9.38 -7.52
C PRO B 44 -18.12 10.38 -6.39
N THR B 45 -18.79 11.51 -6.52
CA THR B 45 -18.64 12.59 -5.55
C THR B 45 -19.52 12.37 -4.33
N ASP B 46 -19.26 13.15 -3.28
CA ASP B 46 -20.07 13.10 -2.08
C ASP B 46 -21.42 13.77 -2.33
N PRO B 47 -22.49 13.27 -1.69
CA PRO B 47 -23.79 13.94 -1.84
C PRO B 47 -23.85 15.29 -1.13
N ASN B 48 -23.09 15.47 -0.05
CA ASN B 48 -23.05 16.73 0.69
C ASN B 48 -21.58 17.01 0.99
N PRO B 49 -20.93 17.88 0.22
CA PRO B 49 -19.51 18.18 0.47
C PRO B 49 -19.34 19.02 1.73
N GLN B 50 -18.59 18.48 2.69
CA GLN B 50 -18.39 19.16 3.96
C GLN B 50 -17.38 20.29 3.81
N GLU B 51 -17.69 21.43 4.42
CA GLU B 51 -16.79 22.57 4.48
C GLU B 51 -16.74 23.08 5.91
N ILE B 52 -15.57 23.55 6.33
CA ILE B 52 -15.37 24.06 7.68
C ILE B 52 -14.69 25.42 7.57
N HIS B 53 -15.36 26.46 8.06
CA HIS B 53 -14.80 27.81 8.01
C HIS B 53 -13.84 28.01 9.16
N LEU B 54 -12.65 28.54 8.87
CA LEU B 54 -11.59 28.66 9.86
C LEU B 54 -11.44 30.14 10.21
N GLU B 55 -12.11 30.56 11.27
CA GLU B 55 -11.98 31.92 11.76
C GLU B 55 -10.61 32.12 12.41
N ASN B 56 -10.20 33.40 12.49
CA ASN B 56 -8.92 33.86 13.03
C ASN B 56 -7.71 33.29 12.29
N VAL B 57 -7.87 32.87 11.05
CA VAL B 57 -6.79 32.22 10.30
C VAL B 57 -6.52 33.04 9.04
N THR B 58 -5.31 33.57 8.92
CA THR B 58 -4.86 34.27 7.73
C THR B 58 -3.55 33.67 7.25
N GLU B 59 -3.45 33.46 5.94
CA GLU B 59 -2.18 33.08 5.32
C GLU B 59 -2.19 33.56 3.87
N GLU B 60 -1.07 33.36 3.19
CA GLU B 60 -0.86 33.89 1.85
C GLU B 60 -1.17 32.85 0.79
N PHE B 61 -1.72 33.31 -0.33
CA PHE B 61 -1.93 32.52 -1.54
C PHE B 61 -1.05 33.03 -2.66
N ASN B 62 -0.83 32.17 -3.65
CA ASN B 62 -0.09 32.53 -4.85
C ASN B 62 -0.60 31.65 -5.99
N MET B 63 -1.44 32.22 -6.86
CA MET B 63 -2.01 31.45 -7.96
C MET B 63 -1.11 31.39 -9.18
N TRP B 64 0.05 32.04 -9.15
CA TRP B 64 1.03 31.89 -10.23
C TRP B 64 2.03 30.77 -9.94
N LYS B 65 2.26 30.44 -8.67
CA LYS B 65 3.08 29.31 -8.28
C LYS B 65 2.25 28.15 -7.77
N ASN B 66 0.96 28.11 -8.11
CA ASN B 66 0.10 27.00 -7.74
C ASN B 66 0.50 25.76 -8.53
N ASN B 67 0.47 24.61 -7.85
CA ASN B 67 0.95 23.35 -8.41
C ASN B 67 -0.20 22.49 -8.92
N MET B 68 -1.43 22.82 -8.54
CA MET B 68 -2.60 22.06 -8.96
C MET B 68 -2.89 22.21 -10.45
N VAL B 69 -2.56 23.37 -11.03
CA VAL B 69 -2.89 23.61 -12.44
C VAL B 69 -1.98 22.81 -13.37
N GLU B 70 -0.75 22.49 -12.95
CA GLU B 70 0.11 21.64 -13.77
C GLU B 70 -0.40 20.20 -13.82
N GLN B 71 -0.83 19.68 -12.67
CA GLN B 71 -1.39 18.33 -12.63
C GLN B 71 -2.70 18.24 -13.39
N MET B 72 -3.54 19.28 -13.27
CA MET B 72 -4.77 19.36 -14.06
C MET B 72 -4.47 19.45 -15.55
N HIS B 73 -3.40 20.18 -15.92
CA HIS B 73 -2.98 20.29 -17.30
C HIS B 73 -2.56 18.95 -17.88
N THR B 74 -1.69 18.22 -17.16
CA THR B 74 -1.23 16.91 -17.61
C THR B 74 -2.37 15.90 -17.67
N ASP B 75 -3.25 15.92 -16.67
CA ASP B 75 -4.42 15.05 -16.65
C ASP B 75 -5.35 15.33 -17.82
N ILE B 76 -5.57 16.60 -18.14
CA ILE B 76 -6.55 16.91 -19.17
C ILE B 76 -5.97 16.68 -20.57
N ILE B 77 -4.64 16.85 -20.75
CA ILE B 77 -4.02 16.44 -22.02
C ILE B 77 -4.10 14.93 -22.20
N SER B 78 -3.85 14.17 -21.13
CA SER B 78 -3.93 12.70 -21.22
C SER B 78 -5.34 12.22 -21.55
N LEU B 79 -6.34 12.76 -20.85
CA LEU B 79 -7.73 12.34 -21.09
C LEU B 79 -8.25 12.80 -22.44
N TRP B 80 -7.90 14.01 -22.89
CA TRP B 80 -8.38 14.47 -24.19
C TRP B 80 -7.65 13.76 -25.33
N ASP B 81 -6.37 13.40 -25.13
CA ASP B 81 -5.64 12.64 -26.14
C ASP B 81 -6.20 11.23 -26.24
N GLN B 82 -6.65 10.65 -25.11
CA GLN B 82 -7.43 9.42 -25.16
C GLN B 82 -8.78 9.62 -25.83
N SER B 83 -9.41 10.78 -25.63
CA SER B 83 -10.75 11.03 -26.15
C SER B 83 -10.79 11.19 -27.66
N LEU B 84 -9.81 11.86 -28.25
CA LEU B 84 -9.89 12.17 -29.68
C LEU B 84 -9.35 11.04 -30.56
N LYS B 85 -8.38 10.27 -30.07
CA LYS B 85 -7.68 9.23 -30.82
C LYS B 85 -8.54 8.09 -31.39
N PRO B 86 -9.76 7.77 -30.86
CA PRO B 86 -10.49 6.85 -31.76
C PRO B 86 -11.15 7.59 -32.92
N VAL B 176 -17.73 9.15 -29.62
CA VAL B 176 -17.34 9.83 -28.41
C VAL B 176 -17.85 11.28 -28.48
N SER B 177 -18.26 11.82 -27.33
CA SER B 177 -18.76 13.19 -27.25
C SER B 177 -17.69 14.09 -26.64
N PHE B 178 -17.77 15.39 -26.99
CA PHE B 178 -16.76 16.36 -26.57
C PHE B 178 -17.34 17.42 -25.64
N GLU B 179 -18.45 17.13 -24.99
CA GLU B 179 -19.04 18.10 -24.06
C GLU B 179 -18.23 18.15 -22.77
N PRO B 180 -17.87 19.35 -22.29
CA PRO B 180 -17.13 19.44 -21.03
C PRO B 180 -18.01 19.10 -19.83
N ILE B 181 -17.47 18.32 -18.93
CA ILE B 181 -18.18 17.82 -17.75
C ILE B 181 -17.51 18.43 -16.52
N PRO B 182 -18.28 18.93 -15.54
CA PRO B 182 -17.69 19.52 -14.32
C PRO B 182 -16.93 18.47 -13.50
N ILE B 183 -15.65 18.75 -13.26
CA ILE B 183 -14.74 17.82 -12.60
C ILE B 183 -14.32 18.40 -11.26
N HIS B 184 -14.55 17.65 -10.19
CA HIS B 184 -14.07 17.98 -8.87
C HIS B 184 -12.70 17.38 -8.66
N TYR B 185 -11.88 18.03 -7.84
CA TYR B 185 -10.51 17.60 -7.58
C TYR B 185 -10.32 17.33 -6.09
N CYS B 186 -10.24 16.05 -5.72
CA CYS B 186 -10.23 15.67 -4.33
C CYS B 186 -8.85 15.18 -3.94
N ALA B 187 -8.53 15.34 -2.64
CA ALA B 187 -7.29 15.15 -1.92
C ALA B 187 -7.33 13.86 -1.11
N PRO B 188 -6.18 13.20 -0.91
CA PRO B 188 -6.16 11.99 -0.09
C PRO B 188 -6.26 12.25 1.40
N ALA B 189 -6.19 11.18 2.19
CA ALA B 189 -6.20 11.32 3.64
C ALA B 189 -4.87 11.89 4.13
N GLY B 190 -4.96 12.86 5.03
CA GLY B 190 -3.80 13.53 5.58
C GLY B 190 -3.52 14.89 4.97
N PHE B 191 -4.06 15.17 3.79
CA PHE B 191 -3.92 16.47 3.15
C PHE B 191 -5.23 17.24 3.25
N ALA B 192 -5.15 18.55 3.03
CA ALA B 192 -6.33 19.39 3.07
C ALA B 192 -6.29 20.39 1.92
N ILE B 193 -7.47 20.84 1.51
CA ILE B 193 -7.65 21.83 0.46
C ILE B 193 -8.19 23.10 1.10
N LEU B 194 -7.46 24.20 0.94
CA LEU B 194 -7.83 25.47 1.52
C LEU B 194 -8.37 26.40 0.44
N LYS B 195 -9.50 27.03 0.73
CA LYS B 195 -10.21 27.88 -0.22
C LYS B 195 -10.42 29.24 0.41
N CYS B 196 -10.04 30.29 -0.32
CA CYS B 196 -10.20 31.67 0.13
C CYS B 196 -11.49 32.22 -0.48
N LYS B 197 -12.44 32.58 0.37
CA LYS B 197 -13.77 33.00 -0.06
C LYS B 197 -13.95 34.51 -0.05
N ASP B 198 -12.88 35.27 0.18
CA ASP B 198 -12.99 36.72 0.18
C ASP B 198 -13.16 37.25 -1.24
N LYS B 199 -13.96 38.33 -1.36
CA LYS B 199 -14.25 38.90 -2.67
C LYS B 199 -13.07 39.68 -3.23
N LYS B 200 -12.32 40.37 -2.39
CA LYS B 200 -11.14 41.12 -2.84
C LYS B 200 -9.94 40.19 -2.87
N PHE B 201 -9.41 39.97 -4.08
CA PHE B 201 -8.28 39.06 -4.28
C PHE B 201 -7.56 39.48 -5.55
N ASN B 202 -6.36 40.04 -5.40
CA ASN B 202 -5.56 40.44 -6.54
C ASN B 202 -4.72 39.30 -7.12
N GLY B 203 -4.82 38.09 -6.56
CA GLY B 203 -4.13 36.94 -7.08
C GLY B 203 -3.13 36.34 -6.12
N THR B 204 -2.37 37.19 -5.43
CA THR B 204 -1.39 36.72 -4.47
C THR B 204 -1.45 37.61 -3.23
N GLY B 205 -0.99 37.05 -2.11
CA GLY B 205 -0.98 37.77 -0.86
C GLY B 205 -1.90 37.16 0.18
N PRO B 206 -2.11 37.87 1.28
CA PRO B 206 -2.89 37.29 2.39
C PRO B 206 -4.38 37.23 2.09
N CYS B 207 -5.04 36.27 2.74
CA CYS B 207 -6.49 36.13 2.67
C CYS B 207 -7.06 36.15 4.08
N PRO B 208 -7.91 37.13 4.43
CA PRO B 208 -8.32 37.29 5.83
C PRO B 208 -9.38 36.31 6.30
N SER B 209 -9.98 35.50 5.42
CA SER B 209 -11.00 34.55 5.84
C SER B 209 -10.96 33.33 4.93
N VAL B 210 -10.67 32.17 5.52
CA VAL B 210 -10.38 30.97 4.76
C VAL B 210 -11.30 29.85 5.26
N SER B 211 -11.55 28.88 4.38
CA SER B 211 -12.25 27.67 4.76
C SER B 211 -11.45 26.48 4.28
N THR B 212 -11.62 25.35 4.96
CA THR B 212 -11.12 24.08 4.48
C THR B 212 -12.27 23.30 3.87
N VAL B 213 -12.07 22.84 2.64
CA VAL B 213 -13.10 22.16 1.87
C VAL B 213 -12.54 20.81 1.50
N GLN B 214 -13.36 19.76 1.61
CA GLN B 214 -12.90 18.42 1.29
C GLN B 214 -12.48 18.32 -0.17
N CYS B 215 -13.31 18.81 -1.11
CA CYS B 215 -12.89 19.08 -2.47
C CYS B 215 -13.80 20.04 -3.22
N THR B 216 -13.28 20.53 -4.34
CA THR B 216 -13.70 21.77 -4.96
C THR B 216 -15.06 21.64 -5.62
N HIS B 217 -15.62 22.81 -5.94
CA HIS B 217 -16.71 22.88 -6.90
C HIS B 217 -16.24 22.49 -8.29
N GLY B 218 -17.13 21.83 -9.03
CA GLY B 218 -16.74 21.18 -10.27
C GLY B 218 -16.49 22.18 -11.39
N ILE B 219 -15.49 21.89 -12.21
CA ILE B 219 -15.16 22.75 -13.35
C ILE B 219 -15.09 21.90 -14.62
N LYS B 220 -15.64 22.46 -15.73
CA LYS B 220 -15.70 22.02 -17.11
C LYS B 220 -14.38 22.33 -17.81
N PRO B 221 -13.72 21.35 -18.43
CA PRO B 221 -12.41 21.67 -19.04
C PRO B 221 -12.51 22.26 -20.43
N VAL B 222 -12.88 23.54 -20.49
CA VAL B 222 -13.07 24.23 -21.77
C VAL B 222 -11.72 24.49 -22.42
N VAL B 223 -11.69 24.34 -23.74
CA VAL B 223 -10.49 24.48 -24.55
C VAL B 223 -10.71 25.67 -25.47
N SER B 224 -10.31 26.86 -25.03
CA SER B 224 -10.55 28.06 -25.79
C SER B 224 -9.45 29.07 -25.53
N THR B 225 -9.20 29.92 -26.51
CA THR B 225 -8.32 31.07 -26.36
C THR B 225 -9.13 32.35 -26.44
N GLN B 226 -8.46 33.47 -26.14
CA GLN B 226 -8.99 34.83 -26.17
C GLN B 226 -10.16 35.03 -25.20
N LEU B 227 -11.29 34.39 -25.48
CA LEU B 227 -12.52 34.60 -24.74
C LEU B 227 -12.76 33.40 -23.82
N LEU B 228 -12.89 33.68 -22.52
CA LEU B 228 -13.17 32.62 -21.54
C LEU B 228 -14.62 32.18 -21.65
N LEU B 229 -14.82 30.88 -21.86
CA LEU B 229 -16.14 30.32 -22.10
C LEU B 229 -16.54 29.41 -20.94
N ASN B 230 -17.79 29.57 -20.48
CA ASN B 230 -18.46 28.68 -19.52
C ASN B 230 -17.73 28.58 -18.19
N GLY B 231 -17.08 29.67 -17.77
CA GLY B 231 -16.34 29.68 -16.53
C GLY B 231 -17.20 30.08 -15.34
N SER B 232 -16.55 30.17 -14.19
CA SER B 232 -17.20 30.64 -12.97
C SER B 232 -16.93 32.14 -12.79
N LEU B 233 -17.88 32.83 -12.18
CA LEU B 233 -17.89 34.29 -12.13
C LEU B 233 -17.53 34.76 -10.72
N ALA B 234 -16.66 35.77 -10.66
CA ALA B 234 -16.38 36.43 -9.41
C ALA B 234 -17.53 37.37 -9.03
N GLU B 235 -17.65 37.64 -7.74
CA GLU B 235 -18.68 38.54 -7.24
C GLU B 235 -18.15 39.97 -7.24
N GLU B 236 -18.94 40.89 -6.67
CA GLU B 236 -18.67 42.33 -6.58
C GLU B 236 -18.34 42.97 -7.92
N GLU B 237 -17.13 43.48 -8.11
CA GLU B 237 -16.79 44.14 -9.38
C GLU B 237 -15.88 43.26 -10.24
N VAL B 238 -15.61 43.75 -11.44
CA VAL B 238 -14.79 43.05 -12.42
C VAL B 238 -13.35 42.98 -11.93
N MET B 239 -12.76 41.80 -11.98
CA MET B 239 -11.48 41.53 -11.36
C MET B 239 -10.36 41.44 -12.40
N ILE B 240 -9.22 42.03 -12.06
CA ILE B 240 -8.01 42.01 -12.90
C ILE B 240 -6.91 41.30 -12.13
N ARG B 241 -6.32 40.27 -12.74
CA ARG B 241 -5.30 39.46 -12.10
C ARG B 241 -4.07 39.38 -12.98
N SER B 242 -2.90 39.60 -12.38
CA SER B 242 -1.63 39.44 -13.07
C SER B 242 -0.53 39.26 -12.03
N GLU B 243 0.62 38.77 -12.49
CA GLU B 243 1.80 38.69 -11.64
C GLU B 243 2.68 39.94 -11.73
N ASN B 244 2.51 40.75 -12.76
CA ASN B 244 3.21 42.03 -12.88
C ASN B 244 2.39 42.94 -13.77
N ILE B 245 1.79 43.98 -13.18
CA ILE B 245 1.00 44.93 -13.95
C ILE B 245 1.91 45.80 -14.81
N THR B 246 3.03 46.25 -14.24
CA THR B 246 3.94 47.16 -14.95
C THR B 246 4.66 46.46 -16.10
N ASN B 247 5.02 45.19 -15.93
CA ASN B 247 5.69 44.45 -17.00
C ASN B 247 4.66 44.01 -18.03
N ASN B 248 4.90 44.38 -19.29
CA ASN B 248 4.06 43.96 -20.40
C ASN B 248 4.32 42.54 -20.89
N ALA B 249 5.42 41.92 -20.43
CA ALA B 249 5.74 40.56 -20.83
C ALA B 249 4.80 39.51 -20.25
N LYS B 250 4.07 39.85 -19.18
CA LYS B 250 3.09 38.96 -18.59
C LYS B 250 1.74 39.16 -19.30
N ASN B 251 0.69 38.57 -18.75
CA ASN B 251 -0.65 38.71 -19.32
C ASN B 251 -1.63 39.11 -18.23
N ILE B 252 -2.78 39.62 -18.66
CA ILE B 252 -3.79 40.17 -17.77
C ILE B 252 -5.04 39.30 -17.86
N LEU B 253 -5.53 38.86 -16.71
CA LEU B 253 -6.69 37.99 -16.62
C LEU B 253 -7.88 38.81 -16.14
N VAL B 254 -9.00 38.73 -16.86
CA VAL B 254 -10.17 39.56 -16.62
C VAL B 254 -11.33 38.63 -16.27
N GLN B 255 -11.96 38.86 -15.12
CA GLN B 255 -13.12 38.08 -14.72
C GLN B 255 -14.32 39.00 -14.52
N PHE B 256 -15.44 38.64 -15.15
CA PHE B 256 -16.62 39.48 -15.26
C PHE B 256 -17.53 39.35 -14.04
N ASN B 257 -18.60 40.15 -14.06
CA ASN B 257 -19.73 40.00 -13.14
C ASN B 257 -20.98 39.46 -13.83
N THR B 258 -21.08 39.61 -15.15
CA THR B 258 -22.26 39.24 -15.91
C THR B 258 -21.83 38.34 -17.06
N PRO B 259 -22.50 37.21 -17.29
CA PRO B 259 -22.14 36.36 -18.44
C PRO B 259 -22.58 37.01 -19.74
N VAL B 260 -21.67 37.02 -20.72
CA VAL B 260 -21.96 37.60 -22.02
C VAL B 260 -22.45 36.49 -22.94
N GLN B 261 -23.65 36.66 -23.51
CA GLN B 261 -24.26 35.62 -24.32
C GLN B 261 -23.64 35.62 -25.72
N ILE B 262 -23.17 34.45 -26.17
CA ILE B 262 -22.69 34.30 -27.54
C ILE B 262 -23.31 33.03 -28.12
N ASN B 263 -23.54 33.06 -29.43
CA ASN B 263 -24.26 32.00 -30.13
C ASN B 263 -23.40 31.50 -31.28
N CYS B 264 -22.91 30.26 -31.17
CA CYS B 264 -22.32 29.56 -32.30
C CYS B 264 -23.44 29.21 -33.28
N THR B 265 -23.24 29.51 -34.57
CA THR B 265 -24.17 29.14 -35.62
C THR B 265 -23.40 28.63 -36.82
N ARG B 266 -23.88 27.53 -37.40
CA ARG B 266 -23.27 27.00 -38.62
C ARG B 266 -24.34 26.60 -39.63
N ARG B 294 -24.95 29.91 -45.84
CA ARG B 294 -24.41 30.99 -45.02
C ARG B 294 -23.17 30.50 -44.26
N GLN B 295 -22.17 31.37 -44.19
CA GLN B 295 -20.96 31.08 -43.43
C GLN B 295 -21.26 30.99 -41.94
N ALA B 296 -20.52 30.13 -41.25
CA ALA B 296 -20.69 29.95 -39.81
C ALA B 296 -20.27 31.22 -39.08
N HIS B 297 -21.09 31.65 -38.12
CA HIS B 297 -20.85 32.92 -37.45
C HIS B 297 -21.35 32.86 -36.01
N CYS B 298 -20.86 33.80 -35.20
CA CYS B 298 -21.27 33.93 -33.82
C CYS B 298 -22.08 35.21 -33.61
N ASN B 299 -23.09 35.12 -32.76
CA ASN B 299 -23.95 36.24 -32.42
C ASN B 299 -23.59 36.75 -31.03
N VAL B 300 -23.38 38.07 -30.92
CA VAL B 300 -22.99 38.74 -29.68
C VAL B 300 -23.96 39.90 -29.44
N SER B 301 -24.47 40.03 -28.22
CA SER B 301 -25.22 41.22 -27.85
C SER B 301 -24.28 42.40 -27.70
N LYS B 302 -24.66 43.55 -28.27
CA LYS B 302 -23.73 44.68 -28.36
C LYS B 302 -23.74 45.54 -27.11
N ALA B 303 -24.94 45.88 -26.60
CA ALA B 303 -25.03 46.82 -25.47
C ALA B 303 -24.48 46.22 -24.17
N THR B 304 -24.75 44.92 -23.95
CA THR B 304 -24.17 44.23 -22.80
C THR B 304 -22.65 44.17 -22.90
N TRP B 305 -22.14 43.94 -24.13
CA TRP B 305 -20.71 43.95 -24.37
C TRP B 305 -20.10 45.32 -24.09
N ASN B 306 -20.82 46.38 -24.49
CA ASN B 306 -20.34 47.74 -24.26
C ASN B 306 -20.28 48.09 -22.78
N GLU B 307 -21.32 47.72 -22.02
CA GLU B 307 -21.30 48.05 -20.60
C GLU B 307 -20.30 47.18 -19.82
N THR B 308 -20.12 45.90 -20.20
CA THR B 308 -19.10 45.10 -19.53
C THR B 308 -17.68 45.56 -19.84
N LEU B 309 -17.38 45.95 -21.08
CA LEU B 309 -16.07 46.56 -21.30
C LEU B 309 -15.94 47.94 -20.71
N GLY B 310 -17.04 48.67 -20.48
CA GLY B 310 -16.95 49.87 -19.67
C GLY B 310 -16.53 49.56 -18.25
N LYS B 311 -17.09 48.47 -17.68
CA LYS B 311 -16.68 48.00 -16.37
C LYS B 311 -15.21 47.57 -16.35
N VAL B 312 -14.75 46.93 -17.42
CA VAL B 312 -13.36 46.49 -17.53
C VAL B 312 -12.40 47.68 -17.64
N VAL B 313 -12.74 48.66 -18.49
CA VAL B 313 -11.88 49.83 -18.67
C VAL B 313 -11.82 50.64 -17.39
N LYS B 314 -12.90 50.68 -16.60
CA LYS B 314 -12.88 51.39 -15.31
C LYS B 314 -11.85 50.79 -14.35
N GLN B 315 -11.82 49.45 -14.23
CA GLN B 315 -10.85 48.80 -13.38
C GLN B 315 -9.44 48.89 -13.94
N LEU B 316 -9.29 48.93 -15.27
CA LEU B 316 -7.99 49.27 -15.86
C LEU B 316 -7.57 50.71 -15.54
N ARG B 317 -8.55 51.62 -15.35
CA ARG B 317 -8.22 52.99 -15.00
C ARG B 317 -7.79 53.14 -13.54
N LYS B 318 -8.25 52.27 -12.63
CA LYS B 318 -7.61 52.30 -11.31
C LYS B 318 -6.16 51.85 -11.34
N HIS B 319 -5.82 50.87 -12.19
CA HIS B 319 -4.49 50.31 -12.19
C HIS B 319 -3.51 51.03 -13.10
N PHE B 320 -3.93 52.11 -13.78
CA PHE B 320 -3.00 52.81 -14.65
C PHE B 320 -3.05 54.33 -14.55
N GLY B 321 -4.03 54.92 -13.88
CA GLY B 321 -4.06 56.37 -13.73
C GLY B 321 -5.39 56.99 -14.07
N ASN B 322 -5.62 58.20 -13.57
CA ASN B 322 -6.88 58.90 -13.77
C ASN B 322 -6.86 59.85 -14.95
N ASN B 323 -5.81 59.81 -15.77
CA ASN B 323 -5.73 60.65 -16.97
C ASN B 323 -5.15 59.83 -18.13
N THR B 324 -5.65 58.61 -18.30
CA THR B 324 -5.15 57.70 -19.32
C THR B 324 -6.24 57.36 -20.33
N ILE B 325 -5.85 57.30 -21.59
CA ILE B 325 -6.73 56.92 -22.70
C ILE B 325 -6.44 55.47 -23.06
N ILE B 326 -7.50 54.66 -23.17
CA ILE B 326 -7.38 53.22 -23.30
C ILE B 326 -7.99 52.78 -24.63
N ARG B 327 -7.21 52.06 -25.43
CA ARG B 327 -7.66 51.60 -26.74
C ARG B 327 -7.72 50.07 -26.76
N PHE B 328 -8.60 49.53 -27.60
CA PHE B 328 -8.71 48.09 -27.85
C PHE B 328 -8.73 47.85 -29.35
N ALA B 329 -7.68 47.21 -29.84
CA ALA B 329 -7.55 46.79 -31.23
C ALA B 329 -7.53 45.26 -31.30
N ASN B 330 -7.35 44.73 -32.50
CA ASN B 330 -7.36 43.30 -32.72
C ASN B 330 -5.98 42.71 -32.40
N SER B 331 -5.77 41.46 -32.77
CA SER B 331 -4.50 40.79 -32.54
C SER B 331 -3.44 41.33 -33.50
N SER B 332 -2.18 41.22 -33.09
CA SER B 332 -1.07 41.73 -33.87
C SER B 332 -0.74 40.87 -35.08
N GLY B 333 -1.10 39.60 -35.06
CA GLY B 333 -0.80 38.69 -36.15
C GLY B 333 0.04 37.51 -35.69
N GLY B 334 0.10 36.51 -36.57
CA GLY B 334 0.85 35.30 -36.30
C GLY B 334 0.12 34.03 -36.71
N ASP B 335 0.15 33.03 -35.85
CA ASP B 335 -0.64 31.81 -36.08
C ASP B 335 -2.12 32.14 -35.96
N LEU B 336 -2.94 31.42 -36.75
CA LEU B 336 -4.38 31.68 -36.79
C LEU B 336 -5.09 31.31 -35.49
N GLU B 337 -4.52 30.41 -34.70
CA GLU B 337 -5.16 30.04 -33.44
C GLU B 337 -5.00 31.13 -32.38
N VAL B 338 -3.97 31.95 -32.49
CA VAL B 338 -3.83 33.07 -31.55
C VAL B 338 -4.65 34.26 -32.03
N THR B 339 -4.64 34.53 -33.34
CA THR B 339 -5.33 35.69 -33.89
C THR B 339 -6.85 35.55 -33.82
N THR B 340 -7.37 34.34 -33.94
CA THR B 340 -8.81 34.10 -33.95
C THR B 340 -9.24 33.41 -32.66
N HIS B 341 -10.50 33.62 -32.30
CA HIS B 341 -11.16 32.86 -31.25
C HIS B 341 -11.27 31.41 -31.70
N SER B 342 -10.47 30.54 -31.11
CA SER B 342 -10.46 29.12 -31.44
C SER B 342 -11.18 28.36 -30.34
N PHE B 343 -12.32 27.75 -30.69
CA PHE B 343 -13.09 27.01 -29.70
C PHE B 343 -13.80 25.86 -30.39
N ASN B 344 -14.51 25.08 -29.57
CA ASN B 344 -15.24 23.89 -30.03
C ASN B 344 -16.70 24.06 -29.65
N CYS B 345 -17.56 24.16 -30.66
CA CYS B 345 -19.01 24.16 -30.43
C CYS B 345 -19.60 22.90 -31.07
N GLY B 346 -20.17 22.03 -30.22
CA GLY B 346 -20.90 20.87 -30.67
C GLY B 346 -20.09 19.84 -31.42
N GLY B 347 -18.82 19.67 -31.09
CA GLY B 347 -17.95 18.82 -31.87
C GLY B 347 -17.36 19.46 -33.10
N GLU B 348 -17.70 20.72 -33.38
CA GLU B 348 -17.21 21.42 -34.55
C GLU B 348 -16.20 22.49 -34.13
N PHE B 349 -15.26 22.77 -35.03
CA PHE B 349 -14.06 23.53 -34.71
C PHE B 349 -14.23 24.93 -35.28
N PHE B 350 -14.40 25.93 -34.42
CA PHE B 350 -14.69 27.28 -34.85
C PHE B 350 -13.48 28.19 -34.62
N TYR B 351 -13.13 28.93 -35.67
CA TYR B 351 -12.03 29.91 -35.64
C TYR B 351 -12.62 31.24 -36.11
N CYS B 352 -12.90 32.13 -35.18
CA CYS B 352 -13.69 33.33 -35.44
C CYS B 352 -12.82 34.58 -35.38
N ASN B 353 -12.92 35.43 -36.40
CA ASN B 353 -12.21 36.70 -36.40
C ASN B 353 -12.89 37.66 -35.42
N THR B 354 -12.14 38.12 -34.42
CA THR B 354 -12.68 38.95 -33.35
C THR B 354 -12.27 40.42 -33.49
N SER B 355 -12.14 40.91 -34.72
CA SER B 355 -11.85 42.33 -34.92
C SER B 355 -13.08 43.19 -34.67
N GLY B 356 -14.29 42.64 -34.80
CA GLY B 356 -15.49 43.40 -34.56
C GLY B 356 -15.78 43.66 -33.10
N LEU B 357 -15.19 42.86 -32.21
CA LEU B 357 -15.37 43.06 -30.77
C LEU B 357 -14.36 44.06 -30.21
N PHE B 358 -13.07 43.78 -30.40
CA PHE B 358 -12.01 44.62 -29.85
C PHE B 358 -11.64 45.68 -30.87
N ASN B 359 -12.49 46.70 -30.96
CA ASN B 359 -12.18 47.91 -31.73
C ASN B 359 -12.91 49.07 -31.04
N SER B 360 -12.23 49.73 -30.12
CA SER B 360 -12.85 50.78 -29.33
C SER B 360 -11.77 51.67 -28.71
N THR B 361 -12.20 52.81 -28.20
CA THR B 361 -11.32 53.69 -27.44
C THR B 361 -12.14 54.35 -26.33
N TRP B 362 -11.44 54.71 -25.26
CA TRP B 362 -12.05 55.32 -24.09
C TRP B 362 -11.17 56.46 -23.61
N ILE B 363 -11.82 57.60 -23.31
CA ILE B 363 -11.17 58.89 -23.12
C ILE B 363 -10.38 58.94 -21.80
N SER B 364 -9.62 60.02 -21.63
CA SER B 364 -8.76 60.19 -20.46
C SER B 364 -9.56 60.42 -19.17
N ASN B 365 -10.84 60.74 -19.25
CA ASN B 365 -11.69 60.83 -18.06
C ASN B 365 -13.14 60.52 -18.41
N ASN B 377 -30.82 45.90 -32.95
CA ASN B 377 -30.90 45.34 -31.61
C ASN B 377 -30.09 46.10 -30.53
N ASP B 378 -28.80 46.43 -30.73
CA ASP B 378 -27.78 46.23 -31.76
C ASP B 378 -27.08 44.90 -31.49
N SER B 379 -26.54 44.26 -32.54
CA SER B 379 -25.88 42.98 -32.41
C SER B 379 -24.58 42.99 -33.20
N ILE B 380 -23.66 42.11 -32.80
CA ILE B 380 -22.37 41.97 -33.44
C ILE B 380 -22.27 40.55 -34.00
N THR B 381 -21.90 40.45 -35.27
CA THR B 381 -21.75 39.17 -35.96
C THR B 381 -20.25 38.90 -36.14
N LEU B 382 -19.79 37.75 -35.65
CA LEU B 382 -18.39 37.37 -35.76
C LEU B 382 -18.25 36.33 -36.85
N PRO B 383 -17.54 36.62 -37.95
CA PRO B 383 -17.34 35.60 -39.00
C PRO B 383 -16.36 34.53 -38.54
N CYS B 384 -16.68 33.29 -38.84
CA CYS B 384 -15.89 32.14 -38.40
C CYS B 384 -15.60 31.22 -39.58
N ARG B 385 -14.48 30.49 -39.46
CA ARG B 385 -14.07 29.51 -40.46
C ARG B 385 -13.79 28.17 -39.77
N ILE B 386 -13.88 27.11 -40.56
CA ILE B 386 -13.63 25.75 -40.08
C ILE B 386 -12.49 25.16 -40.91
N LYS B 387 -11.43 24.72 -40.23
CA LYS B 387 -10.26 24.15 -40.87
C LYS B 387 -10.20 22.66 -40.54
N GLN B 388 -9.48 21.90 -41.36
CA GLN B 388 -9.41 20.45 -41.24
C GLN B 388 -8.26 20.02 -40.34
N ILE B 389 -7.04 20.46 -40.60
CA ILE B 389 -5.87 20.14 -39.79
C ILE B 389 -5.43 21.41 -39.05
N ILE B 390 -5.25 21.29 -37.73
CA ILE B 390 -5.05 22.46 -36.87
C ILE B 390 -3.89 22.23 -35.90
N ASN B 391 -3.67 23.20 -35.02
CA ASN B 391 -2.82 23.05 -33.85
C ASN B 391 -3.64 23.43 -32.63
N MET B 392 -3.68 22.56 -31.61
CA MET B 392 -4.60 22.79 -30.50
C MET B 392 -4.08 22.03 -29.28
N TRP B 393 -4.57 22.43 -28.10
CA TRP B 393 -4.35 21.82 -26.78
C TRP B 393 -2.88 21.79 -26.36
N GLN B 394 -2.06 22.66 -26.97
CA GLN B 394 -0.62 22.75 -26.72
C GLN B 394 0.06 21.40 -27.01
N ARG B 395 0.06 21.07 -28.29
CA ARG B 395 0.84 19.93 -28.81
C ARG B 395 1.69 20.38 -29.98
N ILE B 396 2.91 19.85 -30.05
CA ILE B 396 3.93 20.30 -31.00
C ILE B 396 3.95 19.35 -32.18
N GLY B 397 3.93 19.90 -33.40
CA GLY B 397 3.97 19.11 -34.61
C GLY B 397 2.68 18.34 -34.83
N GLN B 398 1.57 19.07 -34.93
CA GLN B 398 0.24 18.49 -34.88
C GLN B 398 -0.45 18.59 -36.23
N ALA B 399 -1.06 17.49 -36.66
CA ALA B 399 -1.96 17.48 -37.81
C ALA B 399 -2.94 16.33 -37.63
N MET B 400 -4.23 16.64 -37.64
CA MET B 400 -5.27 15.61 -37.55
C MET B 400 -6.51 16.12 -38.26
N TYR B 401 -7.05 15.29 -39.15
CA TYR B 401 -8.16 15.66 -40.01
C TYR B 401 -9.50 15.34 -39.35
N ALA B 402 -10.48 16.24 -39.54
CA ALA B 402 -11.81 16.07 -38.95
C ALA B 402 -12.88 16.62 -39.90
N PRO B 403 -13.82 15.78 -40.33
CA PRO B 403 -14.89 16.25 -41.21
C PRO B 403 -16.11 16.68 -40.42
N PRO B 404 -17.02 17.46 -41.03
CA PRO B 404 -18.33 17.70 -40.40
C PRO B 404 -19.16 16.42 -40.34
N ILE B 405 -19.99 16.33 -39.30
CA ILE B 405 -20.69 15.08 -39.04
C ILE B 405 -22.05 15.05 -39.74
N GLN B 406 -22.97 15.91 -39.30
CA GLN B 406 -24.34 15.94 -39.79
C GLN B 406 -25.06 17.17 -39.24
N GLY B 407 -25.92 17.76 -40.06
CA GLY B 407 -26.88 18.73 -39.57
C GLY B 407 -26.32 20.11 -39.30
N VAL B 408 -27.21 20.97 -38.82
CA VAL B 408 -26.88 22.36 -38.48
C VAL B 408 -26.48 22.41 -37.02
N ILE B 409 -25.31 22.97 -36.74
CA ILE B 409 -24.78 23.07 -35.39
C ILE B 409 -24.97 24.48 -34.87
N ARG B 410 -25.71 24.62 -33.78
CA ARG B 410 -26.01 25.92 -33.17
C ARG B 410 -26.02 25.73 -31.66
N CYS B 411 -25.23 26.54 -30.96
CA CYS B 411 -25.07 26.39 -29.52
C CYS B 411 -24.97 27.75 -28.86
N VAL B 412 -25.32 27.80 -27.58
CA VAL B 412 -25.21 29.03 -26.78
C VAL B 412 -24.13 28.82 -25.73
N SER B 413 -23.40 29.89 -25.41
CA SER B 413 -22.39 29.83 -24.36
C SER B 413 -22.15 31.23 -23.79
N ASN B 414 -21.47 31.26 -22.65
CA ASN B 414 -21.29 32.47 -21.85
C ASN B 414 -19.81 32.84 -21.82
N ILE B 415 -19.48 34.05 -22.27
CA ILE B 415 -18.18 34.63 -21.95
C ILE B 415 -18.19 35.02 -20.48
N THR B 416 -17.17 34.56 -19.75
CA THR B 416 -16.98 34.88 -18.36
C THR B 416 -15.74 35.71 -18.08
N GLY B 417 -14.80 35.77 -19.01
CA GLY B 417 -13.57 36.52 -18.79
C GLY B 417 -12.78 36.71 -20.07
N LEU B 418 -11.66 37.40 -19.91
CA LEU B 418 -10.75 37.72 -21.01
C LEU B 418 -9.31 37.43 -20.61
N ILE B 419 -8.48 37.19 -21.62
CA ILE B 419 -7.03 37.21 -21.45
C ILE B 419 -6.46 38.26 -22.39
N LEU B 420 -5.62 39.14 -21.86
CA LEU B 420 -5.15 40.32 -22.57
C LEU B 420 -3.64 40.44 -22.46
N THR B 421 -3.06 41.15 -23.43
CA THR B 421 -1.64 41.41 -23.48
C THR B 421 -1.42 42.90 -23.64
N ARG B 422 -0.59 43.47 -22.75
CA ARG B 422 -0.20 44.87 -22.81
C ARG B 422 0.87 45.07 -23.87
N ASP B 423 0.82 46.21 -24.56
CA ASP B 423 1.85 46.56 -25.54
C ASP B 423 3.18 46.85 -24.87
N THR B 427 7.65 56.94 -25.13
CA THR B 427 6.41 57.37 -25.76
C THR B 427 5.20 56.71 -25.12
N ASN B 428 5.40 56.17 -23.92
CA ASN B 428 4.34 55.46 -23.19
C ASN B 428 4.03 56.26 -21.93
N SER B 429 3.16 57.25 -22.07
CA SER B 429 2.69 58.02 -20.91
C SER B 429 1.18 58.27 -20.89
N THR B 430 0.50 58.26 -22.03
CA THR B 430 -0.93 58.52 -22.09
C THR B 430 -1.73 57.37 -22.66
N THR B 431 -1.31 56.82 -23.79
CA THR B 431 -2.10 55.85 -24.54
C THR B 431 -1.55 54.44 -24.31
N GLU B 432 -2.42 53.54 -23.89
CA GLU B 432 -2.09 52.12 -23.76
C GLU B 432 -3.18 51.30 -24.43
N THR B 433 -2.76 50.32 -25.23
CA THR B 433 -3.67 49.47 -25.98
C THR B 433 -3.43 48.01 -25.60
N PHE B 434 -4.50 47.28 -25.34
CA PHE B 434 -4.44 45.89 -24.93
C PHE B 434 -4.99 45.01 -26.04
N ARG B 435 -4.36 43.86 -26.25
CA ARG B 435 -4.73 43.00 -27.37
C ARG B 435 -5.10 41.60 -26.88
N PRO B 436 -5.97 40.90 -27.60
CA PRO B 436 -6.32 39.53 -27.18
C PRO B 436 -5.16 38.56 -27.36
N GLY B 437 -5.12 37.56 -26.47
CA GLY B 437 -4.08 36.56 -26.49
C GLY B 437 -4.58 35.17 -26.14
N GLY B 438 -3.82 34.45 -25.32
CA GLY B 438 -4.19 33.11 -24.93
C GLY B 438 -3.09 32.10 -25.16
N GLY B 439 -3.41 31.03 -25.87
CA GLY B 439 -2.40 30.06 -26.29
C GLY B 439 -1.96 29.09 -25.21
N ASP B 440 -1.23 29.58 -24.21
CA ASP B 440 -0.78 28.75 -23.10
C ASP B 440 -1.99 28.37 -22.26
N MET B 441 -2.32 27.08 -22.24
CA MET B 441 -3.61 26.68 -21.72
C MET B 441 -3.61 26.50 -20.21
N ARG B 442 -2.44 26.63 -19.57
CA ARG B 442 -2.37 26.67 -18.12
C ARG B 442 -2.98 27.95 -17.55
N ASP B 443 -3.05 29.02 -18.36
CA ASP B 443 -3.74 30.23 -17.93
C ASP B 443 -5.25 30.03 -17.87
N ASN B 444 -5.78 29.10 -18.66
CA ASN B 444 -7.20 28.77 -18.58
C ASN B 444 -7.55 28.12 -17.24
N TRP B 445 -6.68 27.22 -16.76
CA TRP B 445 -6.94 26.58 -15.47
C TRP B 445 -6.53 27.47 -14.30
N ARG B 446 -5.53 28.34 -14.50
CA ARG B 446 -5.15 29.30 -13.48
C ARG B 446 -6.20 30.39 -13.28
N SER B 447 -7.05 30.63 -14.27
CA SER B 447 -8.10 31.64 -14.13
C SER B 447 -9.20 31.20 -13.19
N GLU B 448 -9.31 29.91 -12.90
CA GLU B 448 -10.44 29.36 -12.17
C GLU B 448 -9.99 28.53 -10.96
N LEU B 449 -8.72 28.13 -10.90
CA LEU B 449 -8.22 27.37 -9.76
C LEU B 449 -7.35 28.25 -8.87
N TYR B 450 -7.58 29.57 -8.92
CA TYR B 450 -6.88 30.51 -8.07
C TYR B 450 -7.34 30.46 -6.62
N LYS B 451 -8.55 29.96 -6.37
CA LYS B 451 -9.12 29.95 -5.03
C LYS B 451 -8.51 28.90 -4.12
N TYR B 452 -7.89 27.86 -4.67
CA TYR B 452 -7.59 26.65 -3.92
C TYR B 452 -6.08 26.45 -3.79
N LYS B 453 -5.68 25.93 -2.64
CA LYS B 453 -4.31 25.47 -2.45
C LYS B 453 -4.32 24.17 -1.66
N VAL B 454 -3.21 23.43 -1.75
CA VAL B 454 -3.05 22.13 -1.11
C VAL B 454 -2.10 22.29 0.06
N VAL B 455 -2.52 21.84 1.24
CA VAL B 455 -1.67 21.88 2.41
C VAL B 455 -1.54 20.48 2.98
N LYS B 456 -0.38 20.23 3.61
CA LYS B 456 -0.06 18.95 4.21
C LYS B 456 -0.06 19.11 5.73
N ILE B 457 -0.83 18.27 6.41
CA ILE B 457 -1.03 18.40 7.86
C ILE B 457 0.13 17.74 8.57
N GLU B 458 0.82 18.50 9.43
CA GLU B 458 1.79 17.90 10.34
C GLU B 458 1.12 17.73 11.69
N PRO B 459 0.87 16.50 12.14
CA PRO B 459 0.07 16.32 13.35
C PRO B 459 0.83 16.56 14.64
N LEU B 460 2.14 16.42 14.64
CA LEU B 460 2.93 16.31 15.85
C LEU B 460 3.54 17.65 16.23
N GLY B 461 3.50 17.98 17.52
CA GLY B 461 4.07 19.23 17.99
C GLY B 461 4.63 19.08 19.39
N VAL B 462 5.45 20.06 19.78
CA VAL B 462 6.07 20.10 21.11
C VAL B 462 5.85 21.48 21.71
N ALA B 463 5.82 21.53 23.06
CA ALA B 463 5.57 22.80 23.74
C ALA B 463 6.12 22.72 25.16
N PRO B 464 6.54 23.84 25.75
CA PRO B 464 6.91 23.82 27.17
C PRO B 464 5.69 23.79 28.07
N THR B 465 5.78 22.99 29.13
CA THR B 465 4.71 22.79 30.10
C THR B 465 5.34 22.38 31.42
N ARG B 466 4.80 22.89 32.52
CA ARG B 466 5.18 22.48 33.87
C ARG B 466 4.56 21.12 34.16
N CYS B 467 5.29 20.05 33.85
CA CYS B 467 4.80 18.70 34.12
C CYS B 467 5.97 17.76 34.36
N LYS B 468 5.89 16.99 35.45
CA LYS B 468 6.91 16.01 35.81
C LYS B 468 6.26 14.63 35.89
N ARG B 469 6.86 13.67 35.19
CA ARG B 469 6.31 12.31 35.17
C ARG B 469 7.02 11.41 36.17
N ASN C 1 18.02 -17.96 38.22
CA ASN C 1 18.43 -16.67 38.77
C ASN C 1 18.32 -15.57 37.71
N LEU C 2 19.31 -15.51 36.82
CA LEU C 2 19.28 -14.56 35.72
C LEU C 2 18.22 -14.96 34.71
N TRP C 3 17.58 -13.96 34.11
CA TRP C 3 16.34 -14.15 33.35
C TRP C 3 16.50 -13.59 31.94
N VAL C 4 15.48 -13.81 31.12
CA VAL C 4 15.51 -13.41 29.72
C VAL C 4 15.03 -11.96 29.60
N THR C 5 15.63 -11.21 28.68
CA THR C 5 15.16 -9.89 28.29
C THR C 5 15.14 -9.77 26.78
N VAL C 6 14.16 -9.02 26.27
CA VAL C 6 14.01 -8.79 24.84
C VAL C 6 14.70 -7.49 24.47
N TYR C 7 15.18 -7.41 23.23
CA TYR C 7 15.86 -6.22 22.74
C TYR C 7 15.41 -5.97 21.30
N TYR C 8 15.12 -4.70 21.01
CA TYR C 8 14.64 -4.27 19.71
C TYR C 8 15.62 -3.28 19.10
N GLY C 9 15.94 -3.48 17.82
CA GLY C 9 16.85 -2.60 17.13
C GLY C 9 18.31 -2.90 17.40
N VAL C 10 18.68 -4.17 17.25
CA VAL C 10 20.06 -4.58 17.47
C VAL C 10 20.78 -4.70 16.13
N PRO C 11 22.08 -4.41 16.06
CA PRO C 11 22.80 -4.48 14.77
C PRO C 11 23.22 -5.90 14.37
N VAL C 12 22.27 -6.65 13.82
CA VAL C 12 22.55 -7.98 13.28
C VAL C 12 21.96 -8.08 11.89
N TRP C 13 22.52 -8.99 11.10
CA TRP C 13 22.03 -9.24 9.75
C TRP C 13 22.25 -10.69 9.36
N LYS C 14 21.38 -11.18 8.48
CA LYS C 14 21.48 -12.47 7.83
C LYS C 14 21.63 -12.25 6.33
N ASP C 15 21.79 -13.35 5.59
CA ASP C 15 22.07 -13.29 4.16
C ASP C 15 20.80 -13.63 3.40
N ALA C 16 20.26 -12.65 2.68
CA ALA C 16 19.01 -12.79 1.95
C ALA C 16 19.26 -12.65 0.44
N GLU C 17 18.20 -12.84 -0.33
CA GLU C 17 18.25 -12.77 -1.79
C GLU C 17 17.03 -12.02 -2.32
N THR C 18 16.73 -10.88 -1.72
CA THR C 18 15.52 -10.13 -2.06
C THR C 18 15.69 -9.41 -3.40
N THR C 19 14.56 -8.95 -3.93
CA THR C 19 14.55 -8.10 -5.11
C THR C 19 14.65 -6.64 -4.70
N LEU C 20 15.16 -5.82 -5.61
CA LEU C 20 15.50 -4.44 -5.29
C LEU C 20 15.58 -3.62 -6.58
N PHE C 21 15.22 -2.35 -6.47
CA PHE C 21 15.05 -1.49 -7.64
C PHE C 21 16.38 -0.92 -8.10
N CYS C 22 16.32 -0.02 -9.09
CA CYS C 22 17.49 0.47 -9.80
C CYS C 22 17.95 1.85 -9.33
N ALA C 23 17.06 2.85 -9.40
CA ALA C 23 17.30 4.24 -9.00
C ALA C 23 18.48 4.87 -9.77
N SER C 24 18.26 5.02 -11.07
CA SER C 24 19.22 5.70 -11.93
C SER C 24 18.88 7.18 -12.07
N ASP C 25 19.82 7.94 -12.63
CA ASP C 25 19.67 9.38 -12.80
C ASP C 25 19.21 9.66 -14.23
N ALA C 26 17.91 9.55 -14.44
CA ALA C 26 17.32 9.76 -15.75
C ALA C 26 17.14 11.26 -16.03
N LYS C 27 16.87 11.58 -17.29
CA LYS C 27 16.57 12.94 -17.71
C LYS C 27 15.13 13.12 -18.17
N ALA C 28 14.50 12.06 -18.67
CA ALA C 28 13.08 11.99 -19.04
C ALA C 28 12.69 12.94 -20.16
N TYR C 29 13.64 13.37 -21.00
CA TYR C 29 13.29 14.07 -22.23
C TYR C 29 14.10 13.64 -23.44
N GLU C 30 15.21 12.92 -23.27
CA GLU C 30 16.07 12.57 -24.38
C GLU C 30 15.52 11.35 -25.12
N THR C 31 16.16 11.04 -26.25
CA THR C 31 15.80 9.91 -27.10
C THR C 31 17.00 8.98 -27.28
N GLU C 32 17.90 9.01 -26.30
CA GLU C 32 19.07 8.14 -26.29
C GLU C 32 18.74 6.69 -25.95
N LYS C 33 17.50 6.45 -25.48
CA LYS C 33 16.81 5.17 -25.33
C LYS C 33 17.35 4.35 -24.14
N HIS C 34 18.44 4.79 -23.53
CA HIS C 34 18.73 4.37 -22.17
C HIS C 34 17.97 5.24 -21.17
N ASN C 35 17.82 6.53 -21.49
CA ASN C 35 16.99 7.39 -20.65
C ASN C 35 15.51 7.11 -20.84
N VAL C 36 15.11 6.65 -22.03
CA VAL C 36 13.72 6.28 -22.28
C VAL C 36 13.34 5.05 -21.45
N TRP C 37 14.25 4.08 -21.35
CA TRP C 37 14.03 2.96 -20.45
C TRP C 37 14.15 3.40 -18.99
N ALA C 38 15.03 4.36 -18.71
CA ALA C 38 15.32 4.74 -17.32
C ALA C 38 14.16 5.48 -16.68
N THR C 39 13.51 6.39 -17.43
CA THR C 39 12.37 7.10 -16.86
C THR C 39 11.12 6.23 -16.78
N HIS C 40 11.07 5.11 -17.49
CA HIS C 40 10.03 4.11 -17.25
C HIS C 40 10.40 3.18 -16.11
N ALA C 41 11.70 3.01 -15.85
CA ALA C 41 12.16 1.95 -14.96
C ALA C 41 12.68 2.43 -13.62
N CYS C 42 13.17 3.65 -13.51
CA CYS C 42 13.96 4.05 -12.36
C CYS C 42 13.39 5.30 -11.70
N VAL C 43 13.48 5.33 -10.37
CA VAL C 43 13.17 6.51 -9.58
C VAL C 43 14.41 7.40 -9.65
N PRO C 44 14.28 8.73 -9.55
CA PRO C 44 15.48 9.58 -9.44
C PRO C 44 16.28 9.28 -8.18
N THR C 45 17.59 9.55 -8.27
CA THR C 45 18.54 9.18 -7.23
C THR C 45 18.41 10.09 -6.01
N ASP C 46 19.30 9.84 -5.05
CA ASP C 46 19.39 10.66 -3.84
C ASP C 46 20.49 11.69 -4.02
N PRO C 47 20.19 12.99 -3.96
CA PRO C 47 21.26 14.01 -4.00
C PRO C 47 22.25 13.92 -2.85
N ASN C 48 21.84 13.38 -1.70
CA ASN C 48 22.70 13.23 -0.53
C ASN C 48 22.90 11.74 -0.29
N PRO C 49 23.98 11.14 -0.79
CA PRO C 49 24.17 9.68 -0.62
C PRO C 49 24.63 9.35 0.79
N GLN C 50 23.90 8.46 1.44
CA GLN C 50 24.28 7.99 2.77
C GLN C 50 25.41 6.97 2.65
N GLU C 51 26.40 7.09 3.53
CA GLU C 51 27.60 6.25 3.46
C GLU C 51 28.19 6.18 4.85
N ILE C 52 27.97 5.07 5.56
CA ILE C 52 28.32 4.96 6.97
C ILE C 52 29.38 3.88 7.14
N HIS C 53 30.49 4.24 7.77
CA HIS C 53 31.55 3.28 8.01
C HIS C 53 31.36 2.59 9.36
N LEU C 54 31.99 1.42 9.48
CA LEU C 54 31.87 0.59 10.67
C LEU C 54 33.25 0.46 11.31
N GLU C 55 33.33 -0.39 12.33
CA GLU C 55 34.59 -0.73 12.96
C GLU C 55 34.50 -2.15 13.47
N ASN C 56 35.64 -2.84 13.47
CA ASN C 56 35.85 -4.16 14.08
C ASN C 56 34.99 -5.26 13.47
N VAL C 57 34.48 -5.08 12.26
CA VAL C 57 33.62 -6.07 11.62
C VAL C 57 34.37 -6.68 10.46
N THR C 58 34.60 -8.00 10.53
CA THR C 58 35.13 -8.76 9.41
C THR C 58 33.99 -9.57 8.81
N GLU C 59 33.71 -9.35 7.53
CA GLU C 59 32.57 -9.99 6.87
C GLU C 59 33.07 -10.86 5.72
N GLU C 60 32.50 -12.06 5.61
CA GLU C 60 32.88 -13.01 4.57
C GLU C 60 32.11 -12.61 3.30
N PHE C 61 32.86 -12.13 2.31
CA PHE C 61 32.29 -11.82 1.00
C PHE C 61 32.52 -13.00 0.05
N ASN C 62 31.49 -13.29 -0.75
CA ASN C 62 31.58 -14.24 -1.85
C ASN C 62 31.20 -13.51 -3.12
N MET C 63 31.98 -13.74 -4.18
CA MET C 63 31.79 -12.99 -5.42
C MET C 63 31.40 -13.87 -6.59
N TRP C 64 31.77 -15.14 -6.57
CA TRP C 64 31.41 -16.08 -7.62
C TRP C 64 30.10 -16.82 -7.34
N LYS C 65 29.43 -16.53 -6.23
CA LYS C 65 28.13 -17.09 -5.92
C LYS C 65 27.14 -16.02 -5.50
N ASN C 66 27.30 -14.81 -6.04
CA ASN C 66 26.47 -13.67 -5.66
C ASN C 66 25.08 -13.77 -6.29
N ASN C 67 24.18 -12.92 -5.80
CA ASN C 67 22.79 -12.91 -6.26
C ASN C 67 22.36 -11.57 -6.85
N MET C 68 23.23 -10.57 -6.87
CA MET C 68 22.92 -9.32 -7.56
C MET C 68 23.24 -9.38 -9.04
N VAL C 69 24.10 -10.32 -9.46
CA VAL C 69 24.48 -10.44 -10.86
C VAL C 69 23.30 -10.94 -11.69
N GLU C 70 22.58 -11.92 -11.17
CA GLU C 70 21.39 -12.43 -11.85
C GLU C 70 20.25 -11.41 -11.90
N GLN C 71 20.26 -10.43 -11.00
CA GLN C 71 19.27 -9.35 -11.09
C GLN C 71 19.57 -8.39 -12.22
N MET C 72 20.84 -8.02 -12.38
CA MET C 72 21.23 -7.14 -13.48
C MET C 72 21.16 -7.85 -14.82
N HIS C 73 21.43 -9.16 -14.85
CA HIS C 73 21.28 -9.93 -16.08
C HIS C 73 19.83 -10.03 -16.54
N THR C 74 18.87 -9.82 -15.63
CA THR C 74 17.46 -9.69 -16.00
C THR C 74 17.11 -8.25 -16.36
N ASP C 75 17.65 -7.28 -15.61
CA ASP C 75 17.33 -5.88 -15.85
C ASP C 75 17.95 -5.31 -17.12
N ILE C 76 18.91 -6.00 -17.74
CA ILE C 76 19.46 -5.54 -19.01
C ILE C 76 18.81 -6.29 -20.18
N ILE C 77 18.49 -7.58 -19.97
CA ILE C 77 17.78 -8.33 -21.01
C ILE C 77 16.35 -7.83 -21.15
N SER C 78 15.80 -7.22 -20.09
CA SER C 78 14.52 -6.53 -20.21
C SER C 78 14.68 -5.11 -20.74
N LEU C 79 15.91 -4.63 -20.87
CA LEU C 79 16.13 -3.34 -21.49
C LEU C 79 16.27 -3.48 -23.01
N TRP C 80 17.11 -4.41 -23.46
CA TRP C 80 17.47 -4.43 -24.88
C TRP C 80 16.42 -5.08 -25.76
N ASP C 81 15.47 -5.80 -25.17
CA ASP C 81 14.33 -6.27 -25.94
C ASP C 81 13.34 -5.15 -26.25
N GLN C 82 13.40 -4.04 -25.50
CA GLN C 82 12.60 -2.87 -25.78
C GLN C 82 13.44 -1.72 -26.32
N SER C 83 14.73 -1.93 -26.55
CA SER C 83 15.61 -0.88 -27.06
C SER C 83 16.14 -1.20 -28.46
N LEU C 84 16.83 -2.33 -28.62
CA LEU C 84 17.34 -2.72 -29.93
C LEU C 84 16.38 -3.74 -30.53
N LYS C 85 15.31 -3.22 -31.12
CA LYS C 85 14.39 -4.06 -31.86
C LYS C 85 15.03 -4.42 -33.20
N PRO C 86 15.31 -5.69 -33.46
CA PRO C 86 15.90 -6.07 -34.75
C PRO C 86 14.87 -6.06 -35.85
N CYS C 87 15.36 -6.18 -37.08
CA CYS C 87 14.44 -6.34 -38.20
C CYS C 87 13.83 -7.74 -38.20
N VAL C 88 14.67 -8.79 -38.30
CA VAL C 88 14.16 -10.16 -38.24
C VAL C 88 14.99 -10.96 -37.23
N LYS C 89 14.28 -11.66 -36.35
CA LYS C 89 14.87 -12.48 -35.28
C LYS C 89 14.50 -13.94 -35.53
N LEU C 90 15.47 -14.83 -35.36
CA LEU C 90 15.25 -16.28 -35.39
C LEU C 90 15.64 -16.86 -34.04
N THR C 91 14.68 -17.51 -33.38
CA THR C 91 14.90 -18.23 -32.13
C THR C 91 14.26 -19.61 -32.21
N PRO C 92 14.90 -20.63 -31.63
CA PRO C 92 14.30 -21.97 -31.62
C PRO C 92 13.34 -22.14 -30.46
N LEU C 93 12.07 -22.40 -30.78
CA LEU C 93 11.10 -22.78 -29.74
C LEU C 93 11.35 -24.22 -29.28
N CYS C 94 11.48 -25.14 -30.26
CA CYS C 94 12.09 -26.46 -30.10
C CYS C 94 11.31 -27.35 -29.12
N VAL C 95 10.06 -27.61 -29.48
CA VAL C 95 9.18 -28.45 -28.67
C VAL C 95 9.57 -29.92 -28.86
N THR C 96 9.60 -30.66 -27.75
CA THR C 96 9.89 -32.09 -27.77
C THR C 96 8.83 -32.88 -28.53
N ARG C 160 16.85 -39.58 -27.22
CA ARG C 160 17.70 -39.17 -28.33
C ARG C 160 16.90 -39.02 -29.62
N LEU C 161 15.58 -39.11 -29.50
CA LEU C 161 14.67 -38.98 -30.63
C LEU C 161 13.94 -37.65 -30.49
N ILE C 162 14.51 -36.61 -31.10
CA ILE C 162 13.96 -35.26 -31.02
C ILE C 162 14.35 -34.50 -32.28
N ASN C 163 13.49 -33.59 -32.71
CA ASN C 163 13.79 -32.67 -33.79
C ASN C 163 13.44 -31.26 -33.35
N CYS C 164 14.17 -30.29 -33.92
CA CYS C 164 14.17 -28.92 -33.41
C CYS C 164 13.91 -27.97 -34.57
N ASN C 165 13.04 -26.98 -34.34
CA ASN C 165 12.61 -26.06 -35.39
C ASN C 165 12.90 -24.62 -34.98
N THR C 166 13.03 -23.76 -35.99
CA THR C 166 13.33 -22.34 -35.80
C THR C 166 12.19 -21.50 -36.35
N SER C 167 11.86 -20.42 -35.64
CA SER C 167 10.78 -19.52 -36.02
C SER C 167 11.35 -18.29 -36.73
N ALA C 168 10.50 -17.30 -36.97
CA ALA C 168 10.91 -16.06 -37.61
C ALA C 168 9.96 -14.95 -37.17
N ILE C 169 10.47 -14.00 -36.38
CA ILE C 169 9.71 -12.87 -35.90
C ILE C 169 10.24 -11.60 -36.56
N THR C 170 9.34 -10.82 -37.15
CA THR C 170 9.70 -9.62 -37.89
C THR C 170 8.99 -8.42 -37.27
N GLN C 171 9.76 -7.39 -36.93
CA GLN C 171 9.25 -6.16 -36.37
C GLN C 171 9.86 -4.98 -37.09
N ALA C 172 9.28 -3.80 -36.88
CA ALA C 172 9.80 -2.58 -37.49
C ALA C 172 11.09 -2.16 -36.82
N CYS C 173 12.09 -1.80 -37.64
CA CYS C 173 13.43 -1.50 -37.18
C CYS C 173 13.89 -0.13 -37.66
N PRO C 174 13.62 0.93 -36.90
CA PRO C 174 14.20 2.24 -37.21
C PRO C 174 15.63 2.32 -36.67
N LYS C 175 16.25 3.47 -36.89
CA LYS C 175 17.60 3.74 -36.42
C LYS C 175 17.52 4.75 -35.27
N VAL C 176 18.03 4.36 -34.10
CA VAL C 176 17.99 5.20 -32.91
C VAL C 176 19.36 5.18 -32.25
N SER C 177 19.61 6.21 -31.43
CA SER C 177 20.87 6.36 -30.74
C SER C 177 20.99 5.36 -29.60
N PHE C 178 22.23 5.16 -29.14
CA PHE C 178 22.51 4.17 -28.10
C PHE C 178 23.81 4.58 -27.41
N GLU C 179 23.71 4.99 -26.14
CA GLU C 179 24.87 5.40 -25.36
C GLU C 179 24.60 5.14 -23.88
N PRO C 180 25.52 4.47 -23.18
CA PRO C 180 25.24 4.05 -21.80
C PRO C 180 25.22 5.19 -20.80
N ILE C 181 24.30 5.08 -19.84
CA ILE C 181 24.19 5.99 -18.71
C ILE C 181 24.49 5.19 -17.45
N PRO C 182 24.96 5.81 -16.37
CA PRO C 182 25.21 5.05 -15.13
C PRO C 182 23.90 4.63 -14.47
N ILE C 183 23.85 3.37 -14.05
CA ILE C 183 22.72 2.80 -13.33
C ILE C 183 23.19 2.41 -11.94
N HIS C 184 22.55 2.95 -10.92
CA HIS C 184 22.88 2.61 -9.54
C HIS C 184 22.11 1.35 -9.14
N TYR C 185 22.20 0.99 -7.86
CA TYR C 185 21.38 -0.09 -7.31
C TYR C 185 21.16 0.17 -5.83
N CYS C 186 19.89 0.26 -5.44
CA CYS C 186 19.53 0.61 -4.06
C CYS C 186 18.50 -0.38 -3.54
N ALA C 187 18.72 -0.88 -2.32
CA ALA C 187 17.80 -1.82 -1.70
C ALA C 187 16.60 -1.09 -1.10
N PRO C 188 15.44 -1.76 -0.98
CA PRO C 188 14.30 -1.12 -0.31
C PRO C 188 14.44 -1.07 1.20
N ALA C 189 13.37 -0.64 1.88
CA ALA C 189 13.40 -0.54 3.33
C ALA C 189 13.44 -1.92 3.97
N GLY C 190 14.34 -2.10 4.93
CA GLY C 190 14.51 -3.36 5.62
C GLY C 190 15.72 -4.17 5.18
N PHE C 191 16.53 -3.66 4.27
CA PHE C 191 17.73 -4.36 3.81
C PHE C 191 18.88 -3.37 3.75
N ALA C 192 20.08 -3.89 3.51
CA ALA C 192 21.25 -3.03 3.45
C ALA C 192 22.27 -3.60 2.48
N ILE C 193 23.13 -2.71 1.97
CA ILE C 193 24.23 -3.09 1.10
C ILE C 193 25.53 -2.85 1.87
N LEU C 194 26.26 -3.93 2.12
CA LEU C 194 27.61 -3.82 2.67
C LEU C 194 28.63 -3.81 1.54
N LYS C 195 29.69 -3.04 1.75
CA LYS C 195 30.66 -2.72 0.72
C LYS C 195 32.06 -2.87 1.30
N CYS C 196 32.91 -3.64 0.60
CA CYS C 196 34.28 -3.88 1.05
C CYS C 196 35.19 -2.79 0.50
N LYS C 197 35.99 -2.21 1.38
CA LYS C 197 36.86 -1.09 1.04
C LYS C 197 38.32 -1.51 0.87
N ASP C 198 38.61 -2.80 0.89
CA ASP C 198 39.99 -3.27 0.81
C ASP C 198 40.54 -3.11 -0.60
N LYS C 199 41.68 -2.45 -0.71
CA LYS C 199 42.34 -2.25 -2.00
C LYS C 199 43.16 -3.46 -2.44
N LYS C 200 43.35 -4.44 -1.57
CA LYS C 200 44.04 -5.69 -1.89
C LYS C 200 43.08 -6.87 -1.82
N PHE C 201 41.87 -6.68 -2.32
CA PHE C 201 40.80 -7.66 -2.17
C PHE C 201 40.99 -8.80 -3.18
N ASN C 202 41.06 -10.03 -2.66
CA ASN C 202 41.13 -11.20 -3.53
C ASN C 202 39.80 -11.43 -4.25
N GLY C 203 38.69 -11.09 -3.61
CA GLY C 203 37.37 -11.27 -4.20
C GLY C 203 36.46 -12.10 -3.33
N THR C 204 37.00 -13.15 -2.72
CA THR C 204 36.27 -13.99 -1.79
C THR C 204 36.90 -13.89 -0.40
N GLY C 205 36.30 -14.60 0.55
CA GLY C 205 36.85 -14.68 1.89
C GLY C 205 36.55 -13.45 2.72
N PRO C 206 37.28 -13.27 3.83
CA PRO C 206 36.97 -12.17 4.74
C PRO C 206 37.43 -10.82 4.22
N CYS C 207 36.70 -9.78 4.64
CA CYS C 207 37.04 -8.38 4.40
C CYS C 207 36.94 -7.64 5.73
N PRO C 208 38.02 -6.98 6.16
CA PRO C 208 38.00 -6.32 7.48
C PRO C 208 37.46 -4.89 7.47
N SER C 209 37.60 -4.17 6.37
CA SER C 209 37.14 -2.79 6.29
C SER C 209 35.83 -2.71 5.52
N VAL C 210 34.75 -3.06 6.21
CA VAL C 210 33.42 -3.09 5.61
C VAL C 210 32.69 -1.79 5.96
N SER C 211 31.88 -1.30 5.04
CA SER C 211 31.02 -0.15 5.24
C SER C 211 29.61 -0.49 4.79
N THR C 212 28.65 0.36 5.14
CA THR C 212 27.30 0.22 4.64
C THR C 212 26.96 1.45 3.79
N VAL C 213 26.22 1.22 2.71
CA VAL C 213 25.89 2.29 1.78
C VAL C 213 24.53 1.99 1.16
N GLN C 214 23.72 3.03 0.98
CA GLN C 214 22.37 2.84 0.47
C GLN C 214 22.35 2.56 -1.02
N CYS C 215 23.27 3.16 -1.79
CA CYS C 215 23.30 3.00 -3.23
C CYS C 215 24.74 2.87 -3.69
N THR C 216 24.97 1.95 -4.63
CA THR C 216 26.31 1.70 -5.15
C THR C 216 26.75 2.82 -6.08
N HIS C 217 28.02 2.78 -6.48
CA HIS C 217 28.53 3.75 -7.44
C HIS C 217 27.98 3.45 -8.83
N GLY C 218 28.07 4.45 -9.70
CA GLY C 218 27.46 4.40 -11.03
C GLY C 218 28.02 3.34 -11.95
N ILE C 219 27.21 2.31 -12.21
CA ILE C 219 27.62 1.22 -13.09
C ILE C 219 27.07 1.49 -14.49
N LYS C 220 27.95 1.47 -15.48
CA LYS C 220 27.54 1.65 -16.87
C LYS C 220 27.41 0.28 -17.51
N PRO C 221 26.20 -0.16 -17.87
CA PRO C 221 26.03 -1.51 -18.46
C PRO C 221 26.52 -1.58 -19.91
N VAL C 222 27.84 -1.68 -20.05
CA VAL C 222 28.48 -1.66 -21.36
C VAL C 222 28.78 -3.10 -21.78
N VAL C 223 28.32 -3.48 -22.97
CA VAL C 223 28.64 -4.80 -23.51
C VAL C 223 30.06 -4.77 -24.07
N SER C 224 30.79 -5.86 -23.84
CA SER C 224 32.10 -6.08 -24.47
C SER C 224 32.47 -7.55 -24.39
N THR C 225 33.34 -7.96 -25.30
CA THR C 225 34.00 -9.27 -25.25
C THR C 225 35.49 -9.05 -25.46
N GLN C 226 36.30 -9.75 -24.65
CA GLN C 226 37.75 -9.66 -24.49
C GLN C 226 38.25 -8.32 -23.93
N LEU C 227 37.36 -7.38 -23.62
CA LEU C 227 37.74 -6.10 -23.05
C LEU C 227 36.67 -5.68 -22.06
N LEU C 228 36.91 -4.58 -21.37
CA LEU C 228 35.91 -3.95 -20.51
C LEU C 228 35.93 -2.45 -20.79
N LEU C 229 34.91 -1.97 -21.49
CA LEU C 229 34.86 -0.58 -21.92
C LEU C 229 34.04 0.26 -20.95
N ASN C 230 34.55 1.47 -20.64
CA ASN C 230 33.90 2.46 -19.78
C ASN C 230 33.59 1.90 -18.39
N GLY C 231 34.54 1.15 -17.84
CA GLY C 231 34.36 0.47 -16.57
C GLY C 231 34.84 1.30 -15.39
N SER C 232 35.14 0.58 -14.31
CA SER C 232 35.59 1.19 -13.06
C SER C 232 37.04 0.78 -12.78
N LEU C 233 37.81 1.72 -12.25
CA LEU C 233 39.23 1.51 -12.01
C LEU C 233 39.46 0.79 -10.69
N ALA C 234 40.72 0.41 -10.47
CA ALA C 234 41.16 -0.13 -9.19
C ALA C 234 41.78 0.98 -8.35
N GLU C 235 42.21 0.64 -7.14
CA GLU C 235 42.72 1.62 -6.20
C GLU C 235 44.24 1.75 -6.24
N GLU C 236 44.96 0.68 -5.94
CA GLU C 236 46.41 0.74 -5.81
C GLU C 236 47.14 -0.14 -6.82
N GLU C 237 46.84 -1.43 -6.87
CA GLU C 237 47.57 -2.39 -7.70
C GLU C 237 46.62 -3.02 -8.70
N VAL C 238 47.15 -3.97 -9.47
CA VAL C 238 46.38 -4.67 -10.49
C VAL C 238 45.85 -5.97 -9.90
N MET C 239 44.53 -6.09 -9.82
CA MET C 239 43.90 -7.24 -9.21
C MET C 239 43.79 -8.40 -10.20
N ILE C 240 44.00 -9.62 -9.70
CA ILE C 240 43.83 -10.84 -10.47
C ILE C 240 42.78 -11.66 -9.73
N ARG C 241 41.64 -11.90 -10.38
CA ARG C 241 40.53 -12.59 -9.74
C ARG C 241 40.18 -13.85 -10.50
N SER C 242 39.96 -14.94 -9.76
CA SER C 242 39.59 -16.22 -10.34
C SER C 242 38.83 -17.02 -9.31
N GLU C 243 37.83 -17.77 -9.77
CA GLU C 243 37.08 -18.65 -8.86
C GLU C 243 37.95 -19.80 -8.39
N ASN C 244 38.72 -20.41 -9.30
CA ASN C 244 39.64 -21.46 -8.94
C ASN C 244 40.80 -21.42 -9.93
N ILE C 245 41.98 -21.04 -9.44
CA ILE C 245 43.19 -21.13 -10.25
C ILE C 245 43.53 -22.60 -10.42
N THR C 246 44.12 -22.92 -11.58
CA THR C 246 44.39 -24.30 -12.06
C THR C 246 43.12 -25.14 -12.10
N ASN C 247 42.04 -24.54 -12.60
CA ASN C 247 40.82 -25.27 -12.94
C ASN C 247 40.56 -25.33 -14.43
N ASN C 248 41.09 -24.37 -15.19
CA ASN C 248 41.19 -24.31 -16.66
C ASN C 248 39.80 -24.15 -17.28
N ALA C 249 38.76 -23.88 -16.48
CA ALA C 249 37.41 -23.77 -16.99
C ALA C 249 36.71 -22.49 -16.58
N LYS C 250 37.36 -21.63 -15.80
CA LYS C 250 36.76 -20.40 -15.30
C LYS C 250 37.50 -19.20 -15.87
N ASN C 251 36.76 -18.12 -16.15
CA ASN C 251 37.36 -16.91 -16.67
C ASN C 251 38.18 -16.21 -15.60
N ILE C 252 39.32 -15.66 -16.00
CA ILE C 252 40.19 -14.90 -15.12
C ILE C 252 39.96 -13.42 -15.39
N LEU C 253 39.62 -12.66 -14.34
CA LEU C 253 39.28 -11.26 -14.46
C LEU C 253 40.46 -10.41 -14.02
N VAL C 254 40.82 -9.41 -14.84
CA VAL C 254 41.94 -8.53 -14.58
C VAL C 254 41.42 -7.10 -14.60
N GLN C 255 41.70 -6.35 -13.54
CA GLN C 255 41.27 -4.96 -13.44
C GLN C 255 42.49 -4.04 -13.45
N PHE C 256 42.41 -2.97 -14.23
CA PHE C 256 43.53 -2.06 -14.41
C PHE C 256 43.56 -0.99 -13.32
N ASN C 257 44.74 -0.43 -13.12
CA ASN C 257 44.94 0.69 -12.20
C ASN C 257 45.02 2.03 -12.92
N THR C 258 44.94 2.04 -14.25
CA THR C 258 44.91 3.25 -15.05
C THR C 258 44.19 2.91 -16.35
N PRO C 259 43.39 3.82 -16.89
CA PRO C 259 42.68 3.51 -18.13
C PRO C 259 43.59 3.57 -19.35
N VAL C 260 43.24 2.78 -20.35
CA VAL C 260 43.92 2.80 -21.64
C VAL C 260 42.96 3.43 -22.64
N GLN C 261 43.28 4.64 -23.09
CA GLN C 261 42.39 5.35 -24.00
C GLN C 261 42.48 4.76 -25.40
N ILE C 262 41.33 4.48 -26.00
CA ILE C 262 41.26 3.90 -27.34
C ILE C 262 40.31 4.74 -28.19
N ASN C 263 40.80 5.13 -29.37
CA ASN C 263 39.96 5.76 -30.39
C ASN C 263 39.56 4.67 -31.36
N CYS C 264 38.29 4.63 -31.75
CA CYS C 264 37.86 3.50 -32.56
C CYS C 264 36.68 3.98 -33.40
N THR C 265 36.95 4.34 -34.66
CA THR C 265 36.01 5.14 -35.43
C THR C 265 35.88 4.63 -36.86
N ARG C 266 34.80 5.07 -37.51
CA ARG C 266 34.50 4.75 -38.90
C ARG C 266 34.72 6.00 -39.74
N PRO C 267 35.68 6.03 -40.66
CA PRO C 267 35.90 7.23 -41.47
C PRO C 267 34.92 7.31 -42.64
N ASN C 268 34.76 8.52 -43.15
CA ASN C 268 33.87 8.78 -44.27
C ASN C 268 34.42 8.20 -45.57
N ASP C 292 33.35 1.88 -49.36
CA ASP C 292 33.02 0.80 -48.43
C ASP C 292 32.59 1.36 -47.07
N ILE C 293 31.33 1.13 -46.71
CA ILE C 293 30.82 1.65 -45.44
C ILE C 293 31.20 0.77 -44.26
N ARG C 294 31.48 -0.51 -44.48
CA ARG C 294 31.86 -1.42 -43.40
C ARG C 294 33.37 -1.51 -43.28
N GLN C 295 34.00 -0.37 -42.99
CA GLN C 295 35.43 -0.28 -42.77
C GLN C 295 35.68 0.73 -41.66
N ALA C 296 36.21 0.26 -40.53
CA ALA C 296 36.47 1.11 -39.38
C ALA C 296 37.87 0.84 -38.86
N HIS C 297 38.59 1.89 -38.51
CA HIS C 297 39.92 1.78 -37.93
C HIS C 297 39.85 2.04 -36.43
N CYS C 298 40.90 1.63 -35.72
CA CYS C 298 40.81 1.58 -34.26
C CYS C 298 42.22 1.68 -33.69
N ASN C 299 42.57 2.88 -33.20
CA ASN C 299 43.90 3.19 -32.72
C ASN C 299 43.97 3.11 -31.19
N VAL C 300 45.06 2.53 -30.69
CA VAL C 300 45.34 2.44 -29.27
C VAL C 300 46.84 2.70 -29.08
N SER C 301 47.19 3.39 -28.00
CA SER C 301 48.58 3.77 -27.74
C SER C 301 49.42 2.55 -27.41
N LYS C 302 50.60 2.46 -28.01
CA LYS C 302 51.47 1.29 -27.84
C LYS C 302 52.17 1.28 -26.49
N ALA C 303 52.65 2.44 -26.03
CA ALA C 303 53.51 2.48 -24.85
C ALA C 303 52.73 2.22 -23.57
N THR C 304 51.56 2.85 -23.43
CA THR C 304 50.72 2.63 -22.27
C THR C 304 50.19 1.21 -22.22
N TRP C 305 49.84 0.65 -23.38
CA TRP C 305 49.39 -0.74 -23.46
C TRP C 305 50.51 -1.69 -23.07
N ASN C 306 51.74 -1.41 -23.53
CA ASN C 306 52.88 -2.26 -23.18
C ASN C 306 53.21 -2.18 -21.69
N GLU C 307 53.12 -0.99 -21.10
CA GLU C 307 53.43 -0.83 -19.69
C GLU C 307 52.36 -1.49 -18.81
N THR C 308 51.08 -1.32 -19.15
CA THR C 308 50.01 -1.97 -18.40
C THR C 308 50.06 -3.48 -18.58
N LEU C 309 50.42 -3.94 -19.77
CA LEU C 309 50.58 -5.37 -20.00
C LEU C 309 51.76 -5.93 -19.22
N GLY C 310 52.83 -5.14 -19.06
CA GLY C 310 53.92 -5.53 -18.19
C GLY C 310 53.52 -5.59 -16.73
N LYS C 311 52.63 -4.69 -16.29
CA LYS C 311 52.07 -4.79 -14.95
C LYS C 311 51.26 -6.06 -14.77
N VAL C 312 50.49 -6.44 -15.80
CA VAL C 312 49.76 -7.71 -15.78
C VAL C 312 50.72 -8.90 -15.75
N VAL C 313 51.84 -8.80 -16.47
CA VAL C 313 52.88 -9.83 -16.46
C VAL C 313 53.48 -9.97 -15.07
N LYS C 314 53.74 -8.84 -14.40
CA LYS C 314 54.26 -8.87 -13.03
C LYS C 314 53.26 -9.48 -12.07
N GLN C 315 51.97 -9.16 -12.22
CA GLN C 315 50.98 -9.69 -11.29
C GLN C 315 50.66 -11.16 -11.51
N LEU C 316 50.76 -11.66 -12.75
CA LEU C 316 50.55 -13.08 -12.98
C LEU C 316 51.71 -13.94 -12.47
N ARG C 317 52.90 -13.36 -12.31
CA ARG C 317 54.04 -14.12 -11.81
C ARG C 317 53.97 -14.36 -10.31
N LYS C 318 53.09 -13.66 -9.60
CA LYS C 318 52.92 -13.91 -8.17
C LYS C 318 52.26 -15.26 -7.92
N HIS C 319 51.36 -15.66 -8.81
CA HIS C 319 50.58 -16.89 -8.64
C HIS C 319 51.19 -18.09 -9.37
N PHE C 320 52.29 -17.91 -10.09
CA PHE C 320 52.78 -18.96 -10.98
C PHE C 320 54.29 -19.14 -10.86
N GLY C 321 54.82 -19.06 -9.64
CA GLY C 321 56.16 -19.53 -9.33
C GLY C 321 57.29 -18.54 -9.58
N ASN C 322 57.01 -17.41 -10.25
CA ASN C 322 57.93 -16.30 -10.46
C ASN C 322 59.18 -16.75 -11.25
N ASN C 323 59.01 -17.75 -12.13
CA ASN C 323 60.08 -18.19 -13.02
C ASN C 323 59.62 -18.68 -14.39
N THR C 324 58.32 -18.62 -14.70
CA THR C 324 57.78 -19.22 -15.90
C THR C 324 57.54 -18.16 -16.98
N ILE C 325 57.81 -18.54 -18.22
CA ILE C 325 57.49 -17.69 -19.35
C ILE C 325 56.00 -17.77 -19.64
N ILE C 326 55.42 -16.66 -20.07
CA ILE C 326 54.00 -16.61 -20.42
C ILE C 326 53.87 -16.07 -21.84
N ARG C 327 52.94 -16.64 -22.59
CA ARG C 327 52.75 -16.33 -24.00
C ARG C 327 51.29 -15.96 -24.24
N PHE C 328 51.08 -14.80 -24.86
CA PHE C 328 49.75 -14.28 -25.11
C PHE C 328 49.33 -14.63 -26.53
N ALA C 329 48.28 -15.43 -26.66
CA ALA C 329 47.79 -15.88 -27.96
C ALA C 329 46.64 -15.00 -28.43
N ASN C 330 46.30 -15.15 -29.71
CA ASN C 330 45.27 -14.29 -30.31
C ASN C 330 43.86 -14.69 -29.90
N SER C 331 43.48 -15.95 -30.14
CA SER C 331 42.20 -16.55 -29.75
C SER C 331 42.32 -18.05 -29.98
N SER C 332 41.18 -18.74 -29.91
CA SER C 332 41.08 -20.12 -30.40
C SER C 332 39.65 -20.32 -30.91
N GLY C 333 39.46 -20.08 -32.21
CA GLY C 333 38.22 -20.35 -32.92
C GLY C 333 37.03 -19.61 -32.35
N GLY C 334 35.90 -20.32 -32.24
CA GLY C 334 34.72 -19.76 -31.62
C GLY C 334 33.88 -18.94 -32.59
N ASP C 335 32.76 -18.44 -32.06
CA ASP C 335 31.85 -17.61 -32.83
C ASP C 335 32.46 -16.21 -33.03
N LEU C 336 31.89 -15.47 -33.98
CA LEU C 336 32.44 -14.18 -34.36
C LEU C 336 32.25 -13.11 -33.28
N GLU C 337 31.32 -13.32 -32.34
CA GLU C 337 31.17 -12.40 -31.22
C GLU C 337 32.13 -12.68 -30.08
N VAL C 338 32.91 -13.76 -30.17
CA VAL C 338 33.92 -14.08 -29.16
C VAL C 338 35.33 -13.87 -29.70
N THR C 339 35.60 -14.33 -30.92
CA THR C 339 36.94 -14.28 -31.50
C THR C 339 37.38 -12.87 -31.88
N THR C 340 36.49 -11.89 -31.83
CA THR C 340 36.85 -10.49 -32.01
C THR C 340 36.25 -9.67 -30.88
N HIS C 341 36.77 -8.46 -30.72
CA HIS C 341 36.21 -7.46 -29.81
C HIS C 341 34.90 -6.99 -30.41
N SER C 342 33.82 -7.61 -29.93
CA SER C 342 32.47 -7.31 -30.42
C SER C 342 31.77 -6.39 -29.44
N PHE C 343 31.36 -5.22 -29.92
CA PHE C 343 30.69 -4.27 -29.04
C PHE C 343 29.73 -3.41 -29.87
N ASN C 344 29.01 -2.53 -29.18
CA ASN C 344 27.99 -1.69 -29.79
C ASN C 344 28.37 -0.22 -29.60
N CYS C 345 28.51 0.50 -30.71
CA CYS C 345 28.84 1.92 -30.68
C CYS C 345 27.84 2.66 -31.57
N GLY C 346 27.08 3.57 -30.96
CA GLY C 346 26.12 4.37 -31.70
C GLY C 346 24.98 3.61 -32.32
N GLY C 347 24.67 2.41 -31.82
CA GLY C 347 23.71 1.54 -32.44
C GLY C 347 24.29 0.62 -33.51
N GLU C 348 25.56 0.78 -33.84
CA GLU C 348 26.22 -0.04 -34.86
C GLU C 348 27.08 -1.09 -34.17
N PHE C 349 27.05 -2.32 -34.71
CA PHE C 349 27.80 -3.43 -34.14
C PHE C 349 29.21 -3.42 -34.72
N PHE C 350 30.20 -3.12 -33.90
CA PHE C 350 31.58 -3.07 -34.32
C PHE C 350 32.29 -4.34 -33.87
N TYR C 351 32.90 -5.05 -34.82
CA TYR C 351 33.68 -6.25 -34.52
C TYR C 351 35.12 -5.93 -34.91
N CYS C 352 36.00 -5.79 -33.93
CA CYS C 352 37.38 -5.38 -34.17
C CYS C 352 38.32 -6.55 -33.88
N ASN C 353 39.21 -6.85 -34.82
CA ASN C 353 40.21 -7.89 -34.63
C ASN C 353 41.24 -7.43 -33.61
N THR C 354 41.56 -8.30 -32.64
CA THR C 354 42.53 -8.01 -31.60
C THR C 354 43.72 -8.96 -31.64
N SER C 355 44.17 -9.32 -32.84
CA SER C 355 45.30 -10.23 -32.96
C SER C 355 46.62 -9.54 -32.62
N GLY C 356 46.72 -8.24 -32.86
CA GLY C 356 47.92 -7.49 -32.61
C GLY C 356 48.10 -7.00 -31.19
N LEU C 357 47.14 -7.25 -30.31
CA LEU C 357 47.22 -6.82 -28.93
C LEU C 357 47.81 -7.87 -28.00
N PHE C 358 47.51 -9.15 -28.24
CA PHE C 358 48.03 -10.27 -27.46
C PHE C 358 48.86 -11.13 -28.41
N ASN C 359 50.12 -10.76 -28.59
CA ASN C 359 51.05 -11.51 -29.43
C ASN C 359 52.41 -11.75 -28.80
N SER C 360 52.80 -10.99 -27.78
CA SER C 360 54.16 -11.04 -27.25
C SER C 360 54.33 -12.25 -26.32
N THR C 361 55.58 -12.49 -25.94
CA THR C 361 55.94 -13.53 -25.00
C THR C 361 56.97 -12.95 -24.03
N TRP C 362 56.71 -13.11 -22.74
CA TRP C 362 57.51 -12.48 -21.70
C TRP C 362 58.28 -13.53 -20.91
N ILE C 363 59.56 -13.27 -20.68
CA ILE C 363 60.41 -14.20 -19.94
C ILE C 363 61.02 -13.47 -18.75
N SER C 364 61.86 -14.17 -17.98
CA SER C 364 62.49 -13.59 -16.81
C SER C 364 63.58 -12.60 -17.19
N ASP C 378 53.87 3.27 -32.74
CA ASP C 378 53.39 4.22 -31.75
C ASP C 378 51.90 3.98 -31.45
N SER C 379 51.15 3.63 -32.49
CA SER C 379 49.72 3.34 -32.36
C SER C 379 49.37 2.16 -33.24
N ILE C 380 48.61 1.22 -32.70
CA ILE C 380 48.22 0.02 -33.42
C ILE C 380 46.88 0.26 -34.10
N THR C 381 46.83 0.08 -35.42
CA THR C 381 45.59 0.16 -36.17
C THR C 381 44.94 -1.22 -36.23
N LEU C 382 43.62 -1.26 -36.09
CA LEU C 382 42.90 -2.52 -36.01
C LEU C 382 41.82 -2.58 -37.08
N PRO C 383 41.74 -3.67 -37.85
CA PRO C 383 40.74 -3.74 -38.93
C PRO C 383 39.34 -4.15 -38.46
N CYS C 384 38.56 -3.17 -37.98
CA CYS C 384 37.20 -3.46 -37.56
C CYS C 384 36.28 -3.65 -38.77
N ARG C 385 35.13 -4.26 -38.50
CA ARG C 385 34.15 -4.57 -39.52
C ARG C 385 32.75 -4.43 -38.93
N ILE C 386 31.82 -3.89 -39.71
CA ILE C 386 30.42 -3.78 -39.32
C ILE C 386 29.66 -4.93 -39.95
N LYS C 387 28.94 -5.68 -39.12
CA LYS C 387 28.18 -6.84 -39.58
C LYS C 387 26.71 -6.68 -39.24
N GLN C 388 25.85 -7.31 -40.06
CA GLN C 388 24.43 -7.32 -39.82
C GLN C 388 23.88 -8.70 -39.50
N ILE C 389 24.72 -9.73 -39.44
CA ILE C 389 24.31 -11.06 -39.01
C ILE C 389 24.86 -11.24 -37.59
N ILE C 390 23.99 -11.17 -36.59
CA ILE C 390 24.40 -11.03 -35.21
C ILE C 390 23.96 -12.27 -34.43
N ASN C 391 24.90 -12.89 -33.73
CA ASN C 391 24.58 -13.90 -32.74
C ASN C 391 24.30 -13.22 -31.41
N MET C 392 23.09 -13.40 -30.90
CA MET C 392 22.63 -12.66 -29.72
C MET C 392 23.13 -13.31 -28.44
N TRP C 393 23.51 -12.47 -27.47
CA TRP C 393 23.95 -12.91 -26.16
C TRP C 393 22.79 -13.21 -25.21
N GLN C 394 21.60 -12.68 -25.51
CA GLN C 394 20.46 -12.80 -24.61
C GLN C 394 19.99 -14.25 -24.52
N ARG C 395 19.80 -14.90 -25.66
CA ARG C 395 19.39 -16.29 -25.73
C ARG C 395 20.04 -16.89 -26.97
N ILE C 396 19.76 -18.16 -27.24
CA ILE C 396 20.25 -18.79 -28.46
C ILE C 396 19.39 -18.34 -29.63
N GLY C 397 20.02 -17.78 -30.65
CA GLY C 397 19.29 -17.31 -31.80
C GLY C 397 20.09 -16.30 -32.59
N GLN C 398 19.63 -16.07 -33.81
CA GLN C 398 20.28 -15.13 -34.72
C GLN C 398 19.38 -13.92 -34.96
N ALA C 399 20.01 -12.82 -35.34
CA ALA C 399 19.28 -11.59 -35.63
C ALA C 399 19.91 -10.91 -36.84
N MET C 400 19.07 -10.33 -37.69
CA MET C 400 19.55 -9.37 -38.69
C MET C 400 18.82 -8.05 -38.54
N TYR C 401 19.63 -6.97 -38.53
CA TYR C 401 19.31 -5.60 -38.17
C TYR C 401 19.26 -4.73 -39.43
N ALA C 402 19.14 -3.43 -39.21
CA ALA C 402 19.10 -2.45 -40.28
C ALA C 402 20.52 -2.13 -40.79
N PRO C 403 20.64 -1.66 -42.04
CA PRO C 403 21.95 -1.18 -42.50
C PRO C 403 22.37 0.08 -41.76
N PRO C 404 23.67 0.34 -41.64
CA PRO C 404 24.13 1.49 -40.86
C PRO C 404 23.85 2.82 -41.55
N ILE C 405 23.87 3.88 -40.74
CA ILE C 405 23.61 5.23 -41.20
C ILE C 405 24.84 5.79 -41.90
N GLN C 406 24.67 6.89 -42.63
CA GLN C 406 25.78 7.55 -43.30
C GLN C 406 26.40 8.60 -42.40
N GLY C 407 27.67 8.89 -42.65
CA GLY C 407 28.42 9.86 -41.89
C GLY C 407 29.51 9.20 -41.08
N VAL C 408 30.16 10.01 -40.25
CA VAL C 408 31.24 9.54 -39.39
C VAL C 408 30.65 9.02 -38.09
N ILE C 409 31.23 7.94 -37.56
CA ILE C 409 30.87 7.40 -36.26
C ILE C 409 32.14 7.37 -35.42
N ARG C 410 32.14 8.12 -34.32
CA ARG C 410 33.29 8.23 -33.44
C ARG C 410 32.85 7.96 -32.01
N CYS C 411 33.59 7.08 -31.33
CA CYS C 411 33.35 6.81 -29.92
C CYS C 411 34.68 6.44 -29.27
N VAL C 412 35.15 7.30 -28.36
CA VAL C 412 36.38 7.09 -27.61
C VAL C 412 36.03 6.31 -26.35
N SER C 413 36.88 5.36 -25.99
CA SER C 413 36.60 4.51 -24.84
C SER C 413 37.84 4.39 -23.95
N ASN C 414 37.60 3.92 -22.73
CA ASN C 414 38.65 3.69 -21.74
C ASN C 414 38.66 2.22 -21.39
N ILE C 415 39.66 1.49 -21.87
CA ILE C 415 39.86 0.10 -21.50
C ILE C 415 40.32 0.05 -20.04
N THR C 416 39.51 -0.60 -19.20
CA THR C 416 39.78 -0.70 -17.78
C THR C 416 39.90 -2.14 -17.28
N GLY C 417 39.68 -3.13 -18.14
CA GLY C 417 39.68 -4.50 -17.69
C GLY C 417 40.00 -5.47 -18.79
N LEU C 418 40.22 -6.72 -18.38
CA LEU C 418 40.56 -7.80 -19.29
C LEU C 418 39.95 -9.10 -18.80
N ILE C 419 39.58 -9.96 -19.74
CA ILE C 419 39.11 -11.31 -19.45
C ILE C 419 40.08 -12.27 -20.12
N LEU C 420 40.82 -13.03 -19.31
CA LEU C 420 41.83 -13.94 -19.80
C LEU C 420 41.45 -15.38 -19.48
N THR C 421 42.09 -16.31 -20.19
CA THR C 421 41.84 -17.73 -20.01
C THR C 421 43.14 -18.48 -20.24
N ARG C 422 43.50 -19.33 -19.28
CA ARG C 422 44.73 -20.11 -19.38
C ARG C 422 44.54 -21.32 -20.28
N ASP C 423 45.65 -21.80 -20.84
CA ASP C 423 45.72 -23.04 -21.59
C ASP C 423 46.67 -23.96 -20.86
N GLY C 424 46.16 -24.66 -19.84
CA GLY C 424 46.99 -25.50 -19.00
C GLY C 424 47.42 -26.79 -19.64
N GLY C 425 48.71 -26.91 -19.93
CA GLY C 425 49.25 -28.11 -20.54
C GLY C 425 50.33 -28.76 -19.70
N SER C 426 51.32 -29.35 -20.36
CA SER C 426 52.42 -30.01 -19.66
C SER C 426 53.77 -29.62 -20.26
N THR C 430 57.60 -25.14 -17.21
CA THR C 430 57.06 -24.97 -18.55
C THR C 430 56.44 -23.59 -18.73
N THR C 431 55.96 -23.31 -19.94
CA THR C 431 55.37 -22.03 -20.26
C THR C 431 53.85 -22.09 -20.11
N GLU C 432 53.26 -20.92 -19.85
CA GLU C 432 51.81 -20.78 -19.69
C GLU C 432 51.26 -19.91 -20.82
N THR C 433 50.24 -20.42 -21.49
CA THR C 433 49.59 -19.70 -22.59
C THR C 433 48.32 -19.03 -22.06
N PHE C 434 48.14 -17.76 -22.41
CA PHE C 434 46.97 -17.00 -22.00
C PHE C 434 46.30 -16.42 -23.24
N ARG C 435 44.98 -16.60 -23.35
CA ARG C 435 44.23 -16.14 -24.49
C ARG C 435 42.95 -15.44 -24.03
N PRO C 436 42.48 -14.43 -24.76
CA PRO C 436 41.27 -13.72 -24.34
C PRO C 436 40.02 -14.56 -24.53
N GLY C 437 39.02 -14.26 -23.70
CA GLY C 437 37.75 -14.96 -23.77
C GLY C 437 36.58 -14.00 -23.73
N GLY C 438 35.59 -14.29 -22.89
CA GLY C 438 34.42 -13.46 -22.79
C GLY C 438 33.14 -14.23 -23.06
N GLY C 439 32.17 -13.60 -23.67
CA GLY C 439 30.91 -14.27 -24.01
C GLY C 439 29.87 -14.29 -22.92
N ASP C 440 30.25 -14.67 -21.71
CA ASP C 440 29.35 -14.69 -20.58
C ASP C 440 29.25 -13.28 -20.01
N MET C 441 28.09 -12.65 -20.17
CA MET C 441 27.89 -11.30 -19.66
C MET C 441 27.78 -11.24 -18.15
N ARG C 442 27.54 -12.36 -17.49
CA ARG C 442 27.65 -12.42 -16.03
C ARG C 442 29.07 -12.10 -15.59
N ASP C 443 30.06 -12.69 -16.25
CA ASP C 443 31.46 -12.37 -15.96
C ASP C 443 31.84 -10.95 -16.37
N ASN C 444 31.10 -10.36 -17.31
CA ASN C 444 31.30 -8.95 -17.63
C ASN C 444 30.78 -8.08 -16.50
N TRP C 445 29.64 -8.45 -15.92
CA TRP C 445 29.03 -7.65 -14.85
C TRP C 445 29.44 -8.11 -13.46
N ARG C 446 30.29 -9.13 -13.33
CA ARG C 446 30.85 -9.47 -12.02
C ARG C 446 32.01 -8.59 -11.62
N SER C 447 32.59 -7.84 -12.56
CA SER C 447 33.77 -7.03 -12.28
C SER C 447 33.44 -5.70 -11.62
N GLU C 448 32.19 -5.22 -11.72
CA GLU C 448 31.79 -3.96 -11.10
C GLU C 448 30.97 -4.14 -9.84
N LEU C 449 30.25 -5.25 -9.70
CA LEU C 449 29.50 -5.56 -8.50
C LEU C 449 30.24 -6.53 -7.60
N TYR C 450 31.57 -6.53 -7.66
CA TYR C 450 32.36 -7.48 -6.89
C TYR C 450 32.42 -7.10 -5.42
N LYS C 451 32.26 -5.80 -5.11
CA LYS C 451 32.48 -5.29 -3.77
C LYS C 451 31.18 -4.98 -3.03
N TYR C 452 30.10 -5.69 -3.32
CA TYR C 452 28.83 -5.41 -2.68
C TYR C 452 28.14 -6.70 -2.27
N LYS C 453 27.38 -6.61 -1.18
CA LYS C 453 26.64 -7.73 -0.63
C LYS C 453 25.32 -7.23 -0.05
N VAL C 454 24.25 -8.00 -0.25
CA VAL C 454 22.94 -7.65 0.26
C VAL C 454 22.70 -8.41 1.56
N VAL C 455 22.44 -7.68 2.64
CA VAL C 455 22.14 -8.29 3.92
C VAL C 455 20.76 -7.83 4.39
N LYS C 456 20.16 -8.64 5.24
CA LYS C 456 18.83 -8.40 5.80
C LYS C 456 18.96 -8.18 7.29
N ILE C 457 18.49 -7.03 7.78
CA ILE C 457 18.54 -6.75 9.20
C ILE C 457 17.43 -7.53 9.91
N GLU C 458 17.74 -7.97 11.12
CA GLU C 458 16.81 -8.78 11.93
C GLU C 458 16.77 -8.22 13.33
N PRO C 459 16.16 -7.04 13.51
CA PRO C 459 16.32 -6.29 14.76
C PRO C 459 15.41 -6.78 15.89
N LEU C 460 15.67 -8.01 16.34
CA LEU C 460 14.90 -8.59 17.44
C LEU C 460 15.78 -9.67 18.07
N GLY C 461 16.27 -9.40 19.29
CA GLY C 461 17.15 -10.33 19.97
C GLY C 461 16.70 -10.57 21.40
N VAL C 462 17.31 -11.59 22.01
CA VAL C 462 17.10 -11.90 23.42
C VAL C 462 18.47 -11.99 24.09
N ALA C 463 18.49 -11.72 25.40
CA ALA C 463 19.74 -11.71 26.14
C ALA C 463 19.46 -11.99 27.61
N PRO C 464 20.33 -12.72 28.30
CA PRO C 464 20.14 -12.91 29.75
C PRO C 464 20.62 -11.70 30.54
N THR C 465 19.76 -11.23 31.44
CA THR C 465 20.00 -10.05 32.26
C THR C 465 19.33 -10.33 33.61
N ARG C 466 19.68 -9.57 34.64
CA ARG C 466 19.22 -9.81 36.01
C ARG C 466 17.99 -8.97 36.35
N CYS C 467 17.08 -8.79 35.40
CA CYS C 467 15.84 -8.06 35.65
C CYS C 467 14.83 -8.88 36.42
N LYS C 468 13.63 -8.33 36.55
CA LYS C 468 12.46 -9.02 37.08
C LYS C 468 11.22 -8.39 36.45
N ARG C 469 10.09 -9.07 36.63
CA ARG C 469 8.77 -8.68 36.09
C ARG C 469 8.76 -8.48 34.57
N ALA D 1 -6.11 -36.66 35.40
CA ALA D 1 -5.64 -37.64 34.44
C ALA D 1 -4.29 -37.25 33.86
N VAL D 2 -3.82 -38.01 32.88
CA VAL D 2 -2.53 -37.73 32.27
C VAL D 2 -2.68 -36.65 31.19
N GLY D 3 -1.55 -36.03 30.83
CA GLY D 3 -1.55 -34.98 29.84
C GLY D 3 -0.27 -34.96 29.04
N ILE D 4 -0.31 -34.24 27.92
CA ILE D 4 0.85 -34.11 27.04
C ILE D 4 1.04 -32.64 26.69
N GLY D 5 0.05 -31.81 26.99
CA GLY D 5 0.12 -30.40 26.65
C GLY D 5 -1.07 -29.92 25.84
N ALA D 6 -1.16 -28.62 25.60
CA ALA D 6 -2.29 -28.05 24.89
C ALA D 6 -2.17 -28.34 23.39
N VAL D 7 -3.23 -28.00 22.66
CA VAL D 7 -3.35 -28.28 21.23
C VAL D 7 -3.61 -26.99 20.47
N PHE D 8 -3.69 -27.14 19.15
CA PHE D 8 -3.94 -26.05 18.20
C PHE D 8 -5.24 -26.38 17.48
N LEU D 9 -6.31 -25.65 17.77
CA LEU D 9 -7.61 -25.97 17.20
C LEU D 9 -7.82 -25.32 15.83
N GLY D 10 -7.14 -24.21 15.55
CA GLY D 10 -7.21 -23.56 14.26
C GLY D 10 -7.78 -22.17 14.34
N PHE D 11 -7.76 -21.50 13.19
CA PHE D 11 -8.33 -20.17 13.06
C PHE D 11 -9.84 -20.22 13.21
N LEU D 12 -10.39 -19.28 13.99
CA LEU D 12 -11.82 -19.16 14.34
C LEU D 12 -12.34 -20.38 15.10
N GLY D 13 -11.46 -21.23 15.63
CA GLY D 13 -11.87 -22.40 16.36
C GLY D 13 -12.33 -22.07 17.76
N ALA D 14 -12.92 -23.06 18.41
CA ALA D 14 -13.47 -22.98 19.78
C ALA D 14 -14.52 -21.87 19.92
N ALA D 15 -15.27 -21.59 18.84
CA ALA D 15 -16.36 -20.64 18.94
C ALA D 15 -17.52 -21.20 19.72
N GLY D 16 -17.68 -22.52 19.75
CA GLY D 16 -18.66 -23.16 20.60
C GLY D 16 -18.18 -23.49 21.99
N SER D 17 -16.92 -23.20 22.30
CA SER D 17 -16.39 -23.46 23.63
C SER D 17 -16.84 -22.39 24.61
N THR D 18 -16.52 -22.60 25.88
CA THR D 18 -16.93 -21.70 26.94
C THR D 18 -16.13 -20.40 26.90
N MET D 19 -16.56 -19.42 27.71
CA MET D 19 -15.95 -18.10 27.69
C MET D 19 -14.53 -18.12 28.22
N GLY D 20 -14.32 -18.77 29.38
CA GLY D 20 -13.01 -18.84 29.98
C GLY D 20 -12.04 -19.73 29.24
N ALA D 21 -12.54 -20.66 28.42
CA ALA D 21 -11.65 -21.48 27.60
C ALA D 21 -11.27 -20.77 26.31
N ALA D 22 -12.22 -20.07 25.69
CA ALA D 22 -11.93 -19.33 24.47
C ALA D 22 -11.14 -18.06 24.73
N SER D 23 -11.15 -17.53 25.96
CA SER D 23 -10.32 -16.38 26.26
C SER D 23 -8.84 -16.74 26.45
N MET D 24 -8.52 -18.03 26.53
CA MET D 24 -7.14 -18.46 26.71
C MET D 24 -6.32 -18.37 25.42
N THR D 25 -6.95 -18.54 24.26
CA THR D 25 -6.26 -18.72 22.98
C THR D 25 -6.50 -17.55 22.02
N LEU D 26 -6.53 -16.33 22.56
CA LEU D 26 -6.73 -15.15 21.71
C LEU D 26 -5.50 -14.82 20.86
N THR D 27 -4.32 -15.29 21.27
CA THR D 27 -3.08 -14.97 20.56
C THR D 27 -3.06 -15.55 19.16
N VAL D 28 -3.50 -16.81 19.03
CA VAL D 28 -3.51 -17.50 17.74
C VAL D 28 -4.49 -16.83 16.78
N GLN D 29 -5.63 -16.38 17.31
CA GLN D 29 -6.62 -15.72 16.47
C GLN D 29 -6.15 -14.33 16.05
N ALA D 30 -5.55 -13.58 16.98
CA ALA D 30 -5.08 -12.22 16.67
C ALA D 30 -3.90 -12.23 15.72
N ARG D 31 -3.08 -13.29 15.75
CA ARG D 31 -1.99 -13.40 14.79
C ARG D 31 -2.50 -13.69 13.39
N ASN D 32 -3.66 -14.36 13.28
CA ASN D 32 -4.23 -14.72 11.99
C ASN D 32 -5.09 -13.58 11.43
N LEU D 33 -5.55 -12.65 12.30
CA LEU D 33 -6.27 -11.46 11.84
C LEU D 33 -5.47 -10.61 10.87
N LEU D 34 -4.15 -10.54 11.05
CA LEU D 34 -3.29 -9.87 10.09
C LEU D 34 -2.79 -10.83 9.00
N SER D 35 -2.78 -12.12 9.29
CA SER D 35 -2.32 -13.21 8.42
C SER D 35 -0.87 -12.99 7.98
N GLY D 36 -0.70 -12.40 6.80
CA GLY D 36 0.64 -12.13 6.32
C GLY D 36 1.28 -13.35 5.68
N ILE D 37 2.61 -13.41 5.78
CA ILE D 37 3.51 -14.33 5.07
C ILE D 37 3.26 -14.23 3.58
N VAL D 38 2.33 -15.06 3.06
CA VAL D 38 1.89 -15.12 1.67
C VAL D 38 3.03 -15.45 0.70
N GLN D 39 4.04 -14.58 0.63
CA GLN D 39 5.20 -14.66 -0.27
C GLN D 39 4.81 -14.77 -1.75
N LYS D 56 0.55 -11.35 -21.58
CA LYS D 56 -0.04 -10.10 -22.01
C LYS D 56 0.19 -8.97 -21.01
N LEU D 57 -0.89 -8.26 -20.68
CA LEU D 57 -0.81 -7.09 -19.82
C LEU D 57 -0.57 -7.46 -18.35
N THR D 58 -1.19 -8.55 -17.88
CA THR D 58 -0.86 -9.34 -16.66
C THR D 58 -0.64 -8.51 -15.39
N VAL D 59 -1.67 -7.77 -14.99
CA VAL D 59 -1.56 -6.87 -13.84
C VAL D 59 -2.57 -7.15 -12.73
N TRP D 60 -2.88 -8.42 -12.45
CA TRP D 60 -4.02 -8.73 -11.58
C TRP D 60 -3.80 -8.34 -10.12
N GLY D 61 -2.57 -7.99 -9.73
CA GLY D 61 -2.32 -7.45 -8.41
C GLY D 61 -3.05 -6.14 -8.14
N ILE D 62 -3.40 -5.40 -9.21
CA ILE D 62 -4.31 -4.25 -9.14
C ILE D 62 -5.60 -4.59 -8.41
N LYS D 63 -6.10 -5.81 -8.57
CA LYS D 63 -7.08 -6.31 -7.60
C LYS D 63 -6.39 -6.81 -6.34
N GLN D 64 -5.46 -7.78 -6.51
CA GLN D 64 -5.04 -8.66 -5.42
C GLN D 64 -4.30 -7.90 -4.31
N LEU D 65 -3.28 -7.12 -4.70
CA LEU D 65 -2.53 -6.31 -3.73
C LEU D 65 -3.44 -5.28 -3.07
N GLN D 66 -4.47 -4.80 -3.81
CA GLN D 66 -5.55 -3.98 -3.25
C GLN D 66 -6.12 -4.60 -1.99
N ALA D 67 -6.47 -5.90 -2.07
CA ALA D 67 -7.06 -6.61 -0.92
C ALA D 67 -6.10 -6.61 0.25
N ARG D 68 -4.80 -6.79 -0.04
CA ARG D 68 -3.79 -6.80 1.02
C ARG D 68 -3.76 -5.49 1.77
N VAL D 69 -3.82 -4.37 1.02
CA VAL D 69 -3.77 -3.05 1.63
C VAL D 69 -4.99 -2.85 2.51
N LEU D 70 -6.14 -3.35 2.03
CA LEU D 70 -7.40 -3.20 2.76
C LEU D 70 -7.32 -3.92 4.10
N ALA D 71 -6.71 -5.12 4.11
CA ALA D 71 -6.58 -5.89 5.34
C ALA D 71 -5.73 -5.14 6.35
N VAL D 72 -4.63 -4.55 5.87
CA VAL D 72 -3.73 -3.80 6.73
C VAL D 72 -4.46 -2.60 7.31
N GLU D 73 -5.25 -1.93 6.46
CA GLU D 73 -5.99 -0.74 6.88
C GLU D 73 -7.00 -1.10 7.95
N ARG D 74 -7.65 -2.28 7.78
CA ARG D 74 -8.66 -2.73 8.74
C ARG D 74 -8.04 -2.92 10.11
N TYR D 75 -6.82 -3.49 10.15
CA TYR D 75 -6.12 -3.71 11.41
C TYR D 75 -5.86 -2.39 12.11
N LEU D 76 -5.41 -1.39 11.35
CA LEU D 76 -5.11 -0.08 11.93
C LEU D 76 -6.37 0.57 12.49
N ARG D 77 -7.51 0.35 11.81
CA ARG D 77 -8.77 0.91 12.27
C ARG D 77 -9.13 0.33 13.64
N ASP D 78 -9.00 -1.00 13.78
CA ASP D 78 -9.25 -1.62 15.07
C ASP D 78 -8.22 -1.16 16.08
N GLN D 79 -6.96 -1.02 15.62
CA GLN D 79 -5.88 -0.56 16.46
C GLN D 79 -6.14 0.84 16.97
N GLN D 80 -6.79 1.67 16.13
CA GLN D 80 -7.12 3.03 16.52
C GLN D 80 -8.03 3.05 17.73
N LEU D 81 -9.06 2.19 17.73
CA LEU D 81 -9.94 2.11 18.89
C LEU D 81 -9.17 1.61 20.10
N LEU D 82 -8.33 0.60 19.90
CA LEU D 82 -7.57 0.06 21.01
C LEU D 82 -6.36 0.94 21.33
N GLY D 83 -6.11 1.96 20.50
CA GLY D 83 -5.10 2.94 20.83
C GLY D 83 -5.69 4.12 21.57
N ILE D 84 -7.02 4.24 21.62
CA ILE D 84 -7.55 5.51 22.10
C ILE D 84 -8.34 5.27 23.38
N TRP D 85 -8.78 4.03 23.60
CA TRP D 85 -9.21 3.57 24.92
C TRP D 85 -7.98 3.09 25.68
N GLY D 86 -7.06 4.03 25.94
CA GLY D 86 -5.64 3.75 25.94
C GLY D 86 -5.11 2.75 26.95
N CYS D 87 -4.86 1.54 26.44
CA CYS D 87 -4.04 0.55 27.14
C CYS D 87 -2.82 0.17 26.32
N SER D 88 -3.05 -0.31 25.08
CA SER D 88 -2.09 -0.72 24.05
C SER D 88 -1.26 -1.95 24.42
N GLY D 89 -1.38 -2.44 25.65
CA GLY D 89 -0.89 -3.74 26.05
C GLY D 89 -1.98 -4.75 25.80
N LYS D 90 -2.18 -5.11 24.54
CA LYS D 90 -3.45 -5.57 24.01
C LYS D 90 -3.84 -6.97 24.51
N LEU D 91 -5.02 -7.41 24.03
CA LEU D 91 -5.79 -8.64 24.27
C LEU D 91 -6.46 -8.68 25.64
N ILE D 92 -6.00 -7.84 26.58
CA ILE D 92 -6.59 -7.66 27.91
C ILE D 92 -6.13 -6.30 28.42
N CYS D 93 -7.08 -5.51 28.92
CA CYS D 93 -6.84 -4.39 29.82
C CYS D 93 -8.17 -4.09 30.50
N CYS D 94 -8.21 -2.99 31.25
CA CYS D 94 -9.42 -2.66 32.00
C CYS D 94 -9.64 -1.16 31.93
N THR D 95 -10.85 -0.75 32.32
CA THR D 95 -11.23 0.66 32.36
C THR D 95 -11.89 0.92 33.71
N ASN D 96 -12.53 2.08 33.85
CA ASN D 96 -13.19 2.45 35.09
C ASN D 96 -14.68 2.68 34.92
N VAL D 97 -15.28 2.11 33.87
CA VAL D 97 -16.68 2.36 33.54
C VAL D 97 -17.58 1.32 34.17
N PRO D 98 -18.53 1.73 35.01
CA PRO D 98 -19.54 0.77 35.50
C PRO D 98 -20.62 0.52 34.45
N TRP D 99 -21.21 -0.67 34.55
CA TRP D 99 -22.22 -1.10 33.59
C TRP D 99 -23.57 -0.45 33.86
N ASN D 100 -24.46 -0.54 32.88
CA ASN D 100 -25.83 -0.09 33.00
C ASN D 100 -26.79 -1.27 32.82
N SER D 101 -27.95 -1.19 33.48
CA SER D 101 -28.86 -2.32 33.57
C SER D 101 -29.56 -2.66 32.27
N SER D 102 -29.64 -1.72 31.32
CA SER D 102 -30.29 -2.00 30.05
C SER D 102 -29.44 -2.86 29.12
N TRP D 103 -28.15 -3.01 29.43
CA TRP D 103 -27.24 -3.78 28.57
C TRP D 103 -27.07 -5.19 29.12
N SER D 104 -28.15 -5.98 28.98
CA SER D 104 -28.18 -7.41 29.26
C SER D 104 -27.82 -7.72 30.72
N ASN D 105 -28.72 -7.31 31.62
CA ASN D 105 -28.49 -7.47 33.05
C ASN D 105 -28.53 -8.93 33.47
N ARG D 106 -27.35 -9.55 33.53
CA ARG D 106 -27.16 -10.94 33.90
C ARG D 106 -26.15 -11.03 35.04
N ASN D 107 -26.12 -12.19 35.69
CA ASN D 107 -25.14 -12.44 36.74
C ASN D 107 -23.95 -13.23 36.20
N LEU D 108 -22.98 -13.52 37.07
CA LEU D 108 -21.71 -14.12 36.66
C LEU D 108 -21.90 -15.59 36.27
N SER D 109 -22.74 -16.31 37.01
CA SER D 109 -23.01 -17.72 36.71
C SER D 109 -23.86 -17.89 35.45
N GLU D 110 -24.42 -16.79 34.93
CA GLU D 110 -24.96 -16.84 33.58
C GLU D 110 -23.90 -16.52 32.54
N ILE D 111 -22.98 -15.61 32.89
CA ILE D 111 -22.22 -14.91 31.84
C ILE D 111 -20.85 -15.52 31.57
N TRP D 112 -20.29 -16.31 32.50
CA TRP D 112 -18.89 -16.71 32.32
C TRP D 112 -18.66 -18.21 32.15
N ASP D 113 -19.60 -19.07 32.54
CA ASP D 113 -19.35 -20.50 32.48
C ASP D 113 -20.25 -21.29 31.55
N ASN D 114 -21.31 -20.69 31.00
CA ASN D 114 -22.32 -21.53 30.36
C ASN D 114 -22.75 -20.97 28.99
N MET D 115 -22.12 -19.91 28.48
CA MET D 115 -22.42 -19.51 27.10
C MET D 115 -21.13 -19.19 26.37
N THR D 116 -21.23 -19.14 25.04
CA THR D 116 -20.16 -18.78 24.12
C THR D 116 -20.11 -17.27 23.92
N TRP D 117 -19.18 -16.83 23.08
CA TRP D 117 -19.10 -15.41 22.76
C TRP D 117 -20.13 -14.99 21.72
N LEU D 118 -20.62 -15.95 20.92
CA LEU D 118 -21.63 -15.65 19.91
C LEU D 118 -22.95 -15.21 20.55
N GLN D 119 -23.40 -15.96 21.57
CA GLN D 119 -24.62 -15.59 22.27
C GLN D 119 -24.46 -14.35 23.14
N TRP D 120 -23.22 -13.99 23.49
CA TRP D 120 -22.98 -12.71 24.16
C TRP D 120 -23.11 -11.54 23.19
N ASP D 121 -22.37 -11.56 22.09
CA ASP D 121 -22.45 -10.43 21.17
C ASP D 121 -23.76 -10.39 20.38
N LYS D 122 -24.51 -11.50 20.33
CA LYS D 122 -25.82 -11.50 19.70
C LYS D 122 -26.82 -10.60 20.44
N GLU D 123 -26.63 -10.42 21.74
CA GLU D 123 -27.47 -9.51 22.51
C GLU D 123 -26.78 -8.19 22.83
N ILE D 124 -25.45 -8.12 22.77
CA ILE D 124 -24.76 -6.85 22.98
C ILE D 124 -24.66 -6.03 21.68
N SER D 125 -25.00 -6.63 20.53
CA SER D 125 -24.98 -5.90 19.26
C SER D 125 -26.00 -4.76 19.19
N ASN D 126 -27.01 -4.76 20.06
CA ASN D 126 -27.90 -3.61 20.16
C ASN D 126 -27.19 -2.44 20.82
N TYR D 127 -26.27 -2.73 21.75
CA TYR D 127 -25.66 -1.70 22.60
C TYR D 127 -24.18 -1.52 22.32
N THR D 128 -23.81 -1.45 21.04
CA THR D 128 -22.40 -1.31 20.68
C THR D 128 -21.90 0.11 20.91
N GLN D 129 -22.48 1.08 20.22
CA GLN D 129 -21.96 2.44 20.24
C GLN D 129 -22.27 3.17 21.55
N ILE D 130 -23.29 2.76 22.29
CA ILE D 130 -23.64 3.45 23.53
C ILE D 130 -22.61 3.15 24.62
N ILE D 131 -21.97 1.98 24.59
CA ILE D 131 -20.84 1.75 25.48
C ILE D 131 -19.53 2.18 24.84
N TYR D 132 -19.44 2.17 23.50
CA TYR D 132 -18.18 2.57 22.88
C TYR D 132 -17.93 4.07 22.99
N GLY D 133 -18.99 4.89 22.93
CA GLY D 133 -18.85 6.32 23.17
C GLY D 133 -18.51 6.66 24.61
N LEU D 134 -19.09 5.93 25.57
CA LEU D 134 -18.78 6.17 26.97
C LEU D 134 -17.35 5.77 27.30
N LEU D 135 -16.90 4.61 26.78
CA LEU D 135 -15.50 4.23 26.92
C LEU D 135 -14.57 5.14 26.14
N GLU D 136 -15.07 5.78 25.08
CA GLU D 136 -14.31 6.76 24.32
C GLU D 136 -14.09 8.04 25.12
N GLU D 137 -15.12 8.51 25.81
CA GLU D 137 -15.05 9.85 26.39
C GLU D 137 -14.63 9.86 27.86
N SER D 138 -15.18 8.96 28.68
CA SER D 138 -15.18 9.15 30.14
C SER D 138 -13.79 9.06 30.74
N GLN D 139 -13.13 7.90 30.61
CA GLN D 139 -11.80 7.75 31.20
C GLN D 139 -10.76 8.53 30.41
N ASN D 140 -10.96 8.66 29.09
CA ASN D 140 -9.96 9.34 28.26
C ASN D 140 -10.00 10.85 28.39
N GLN D 141 -11.04 11.40 29.03
CA GLN D 141 -11.00 12.79 29.47
C GLN D 141 -10.98 12.93 30.99
N GLN D 142 -11.07 11.84 31.74
CA GLN D 142 -11.03 11.88 33.19
C GLN D 142 -9.76 11.32 33.80
N GLU D 143 -9.18 10.26 33.23
CA GLU D 143 -7.83 9.88 33.64
C GLU D 143 -6.82 10.89 33.13
N LYS D 144 -7.10 11.53 32.00
CA LYS D 144 -6.39 12.73 31.60
C LYS D 144 -6.95 13.93 32.36
N ASN D 145 -6.27 15.07 32.22
CA ASN D 145 -6.58 16.36 32.84
C ASN D 145 -6.57 16.32 34.36
N GLU D 146 -5.96 15.31 34.97
CA GLU D 146 -5.80 15.23 36.42
C GLU D 146 -4.38 14.90 36.85
N GLN D 147 -3.60 14.18 36.04
CA GLN D 147 -2.20 13.96 36.34
C GLN D 147 -1.36 15.20 36.07
N ASP D 148 -1.86 16.12 35.25
CA ASP D 148 -1.22 17.43 35.11
C ASP D 148 -1.35 18.23 36.41
N LEU D 149 -2.49 18.11 37.07
CA LEU D 149 -2.65 18.71 38.39
C LEU D 149 -1.82 17.97 39.44
N LEU D 150 -1.62 16.66 39.27
CA LEU D 150 -0.75 15.90 40.15
C LEU D 150 0.72 16.17 39.89
N ALA D 151 1.06 16.70 38.71
CA ALA D 151 2.44 17.06 38.38
C ALA D 151 2.78 18.49 38.80
N LEU D 152 1.84 19.19 39.44
CA LEU D 152 2.12 20.52 39.95
C LEU D 152 3.15 20.48 41.08
N ASP D 153 3.04 19.49 41.96
CA ASP D 153 3.96 19.35 43.08
C ASP D 153 5.04 18.32 42.77
N ALA E 1 -21.82 33.10 32.85
CA ALA E 1 -23.14 33.20 32.24
C ALA E 1 -23.76 31.81 32.09
N VAL E 2 -24.87 31.72 31.35
CA VAL E 2 -25.55 30.44 31.19
C VAL E 2 -24.85 29.60 30.12
N GLY E 3 -24.82 28.29 30.34
CA GLY E 3 -24.17 27.38 29.42
C GLY E 3 -25.03 26.14 29.20
N ILE E 4 -24.63 25.34 28.21
CA ILE E 4 -25.36 24.12 27.85
C ILE E 4 -24.39 22.94 27.68
N GLY E 5 -23.11 23.24 27.43
CA GLY E 5 -22.12 22.25 27.10
C GLY E 5 -21.33 22.64 25.87
N ALA E 6 -20.35 21.80 25.54
CA ALA E 6 -19.39 22.10 24.49
C ALA E 6 -20.03 22.03 23.11
N VAL E 7 -19.30 22.54 22.13
CA VAL E 7 -19.78 22.57 20.74
C VAL E 7 -18.80 21.79 19.88
N PHE E 8 -19.03 21.78 18.57
CA PHE E 8 -18.23 21.00 17.63
C PHE E 8 -17.71 21.92 16.53
N LEU E 9 -16.42 22.24 16.56
CA LEU E 9 -15.84 23.08 15.53
C LEU E 9 -15.57 22.32 14.24
N GLY E 10 -14.99 21.12 14.32
CA GLY E 10 -14.80 20.31 13.14
C GLY E 10 -13.36 20.01 12.79
N PHE E 11 -13.13 19.57 11.55
CA PHE E 11 -11.80 19.26 11.06
C PHE E 11 -10.98 20.54 10.90
N LEU E 12 -9.78 20.55 11.49
CA LEU E 12 -8.83 21.68 11.49
C LEU E 12 -9.44 22.95 12.09
N GLY E 13 -10.41 22.81 12.99
CA GLY E 13 -11.11 23.96 13.51
C GLY E 13 -10.41 24.69 14.64
N ALA E 14 -9.34 24.13 15.17
CA ALA E 14 -8.64 24.73 16.31
C ALA E 14 -7.48 25.63 15.91
N ALA E 15 -7.35 25.94 14.62
CA ALA E 15 -6.27 26.82 14.19
C ALA E 15 -6.52 28.27 14.55
N GLY E 16 -7.76 28.63 14.89
CA GLY E 16 -8.08 29.99 15.29
C GLY E 16 -8.47 30.16 16.74
N SER E 17 -8.43 29.11 17.55
CA SER E 17 -8.72 29.18 18.97
C SER E 17 -7.43 29.03 19.77
N THR E 18 -7.52 29.34 21.06
CA THR E 18 -6.34 29.29 21.91
C THR E 18 -5.89 27.86 22.13
N MET E 19 -4.58 27.71 22.42
CA MET E 19 -3.95 26.41 22.58
C MET E 19 -4.52 25.64 23.76
N GLY E 20 -4.79 26.34 24.87
CA GLY E 20 -5.42 25.72 26.02
C GLY E 20 -6.83 25.25 25.72
N ALA E 21 -7.56 25.98 24.86
CA ALA E 21 -8.84 25.49 24.37
C ALA E 21 -8.67 24.41 23.31
N ALA E 22 -7.56 24.44 22.56
CA ALA E 22 -7.31 23.45 21.52
C ALA E 22 -6.87 22.11 22.08
N SER E 23 -6.47 22.07 23.35
CA SER E 23 -6.00 20.82 23.95
C SER E 23 -7.13 19.83 24.21
N MET E 24 -8.37 20.29 24.42
CA MET E 24 -9.46 19.36 24.66
C MET E 24 -9.99 18.71 23.39
N THR E 25 -9.68 19.27 22.22
CA THR E 25 -10.26 18.82 20.96
C THR E 25 -9.22 18.15 20.05
N LEU E 26 -8.19 17.55 20.66
CA LEU E 26 -7.18 16.85 19.89
C LEU E 26 -7.68 15.53 19.33
N THR E 27 -8.57 14.85 20.08
CA THR E 27 -8.97 13.49 19.75
C THR E 27 -9.83 13.40 18.48
N VAL E 28 -10.72 14.38 18.25
CA VAL E 28 -11.59 14.31 17.08
C VAL E 28 -10.82 14.62 15.80
N GLN E 29 -9.72 15.37 15.90
CA GLN E 29 -8.81 15.50 14.77
C GLN E 29 -7.96 14.24 14.61
N ALA E 30 -7.57 13.62 15.72
CA ALA E 30 -6.72 12.43 15.65
C ALA E 30 -7.45 11.19 15.14
N ARG E 31 -8.79 11.14 15.23
CA ARG E 31 -9.53 9.99 14.71
C ARG E 31 -9.45 9.89 13.20
N ASN E 32 -9.75 10.98 12.49
CA ASN E 32 -9.89 10.96 11.04
C ASN E 32 -8.63 11.41 10.31
N LEU E 33 -7.46 11.22 10.91
CA LEU E 33 -6.21 11.43 10.20
C LEU E 33 -6.00 10.35 9.14
N LEU E 34 -6.16 9.09 9.54
CA LEU E 34 -6.16 7.98 8.60
C LEU E 34 -7.52 7.80 7.94
N SER E 35 -8.58 8.34 8.56
CA SER E 35 -9.98 8.28 8.14
C SER E 35 -10.50 6.84 8.11
N GLY E 36 -10.00 6.04 7.16
CA GLY E 36 -10.41 4.65 7.09
C GLY E 36 -11.66 4.47 6.27
N ILE E 37 -12.19 3.24 6.35
CA ILE E 37 -13.37 2.75 5.63
C ILE E 37 -13.17 2.87 4.12
N VAL E 38 -13.37 4.09 3.59
CA VAL E 38 -13.20 4.47 2.18
C VAL E 38 -14.10 3.66 1.25
N GLN E 39 -13.82 2.35 1.14
CA GLN E 39 -14.52 1.40 0.25
C GLN E 39 -14.56 1.84 -1.21
N LYS E 56 -8.93 -1.00 -21.66
CA LYS E 56 -8.90 -1.08 -20.20
C LYS E 56 -7.83 -0.12 -19.67
N LEU E 57 -8.29 0.96 -19.05
CA LEU E 57 -7.38 1.86 -18.36
C LEU E 57 -7.59 1.74 -16.85
N THR E 58 -6.52 1.96 -16.11
CA THR E 58 -6.49 1.67 -14.68
C THR E 58 -6.46 2.98 -13.89
N VAL E 59 -7.62 3.40 -13.40
CA VAL E 59 -7.78 4.45 -12.40
C VAL E 59 -8.63 3.83 -11.31
N TRP E 60 -8.45 4.29 -10.07
CA TRP E 60 -9.13 3.80 -8.86
C TRP E 60 -8.90 2.29 -8.68
N GLY E 61 -7.63 2.00 -8.38
CA GLY E 61 -7.07 0.66 -8.42
C GLY E 61 -5.59 0.71 -8.75
N ILE E 62 -5.15 1.81 -9.34
CA ILE E 62 -3.76 2.23 -9.31
C ILE E 62 -3.81 3.75 -9.35
N LYS E 63 -2.76 4.39 -8.78
CA LYS E 63 -2.54 5.83 -8.62
C LYS E 63 -3.46 6.40 -7.52
N GLN E 64 -4.37 5.57 -7.01
CA GLN E 64 -5.20 5.91 -5.86
C GLN E 64 -4.96 5.03 -4.65
N LEU E 65 -4.46 3.79 -4.83
CA LEU E 65 -4.03 3.06 -3.65
C LEU E 65 -2.65 3.52 -3.20
N GLN E 66 -1.91 4.22 -4.09
CA GLN E 66 -0.66 4.84 -3.71
C GLN E 66 -0.88 5.94 -2.69
N ALA E 67 -1.99 6.66 -2.80
CA ALA E 67 -2.38 7.65 -1.79
C ALA E 67 -2.65 7.00 -0.44
N ARG E 68 -3.33 5.85 -0.44
CA ARG E 68 -3.58 5.13 0.80
C ARG E 68 -2.29 4.59 1.40
N VAL E 69 -1.37 4.10 0.55
CA VAL E 69 -0.10 3.58 1.01
C VAL E 69 0.77 4.70 1.59
N LEU E 70 0.74 5.88 0.97
CA LEU E 70 1.46 7.04 1.49
C LEU E 70 0.88 7.51 2.81
N ALA E 71 -0.46 7.50 2.94
CA ALA E 71 -1.08 7.90 4.20
C ALA E 71 -0.77 6.90 5.32
N VAL E 72 -0.78 5.60 5.01
CA VAL E 72 -0.44 4.58 6.00
C VAL E 72 1.03 4.68 6.39
N GLU E 73 1.91 4.92 5.43
CA GLU E 73 3.34 5.05 5.72
C GLU E 73 3.65 6.32 6.50
N ARG E 74 2.87 7.40 6.31
CA ARG E 74 3.02 8.57 7.16
C ARG E 74 2.51 8.32 8.57
N TYR E 75 1.34 7.68 8.69
CA TYR E 75 0.73 7.46 9.99
C TYR E 75 1.52 6.48 10.85
N LEU E 76 2.03 5.40 10.24
CA LEU E 76 2.85 4.44 10.97
C LEU E 76 4.18 5.06 11.41
N ARG E 77 4.77 5.92 10.57
CA ARG E 77 6.01 6.59 10.95
C ARG E 77 5.79 7.57 12.09
N ASP E 78 4.67 8.30 12.06
CA ASP E 78 4.36 9.24 13.15
C ASP E 78 4.03 8.49 14.44
N GLN E 79 3.31 7.38 14.34
CA GLN E 79 3.00 6.59 15.52
C GLN E 79 4.25 5.91 16.09
N GLN E 80 5.17 5.48 15.23
CA GLN E 80 6.43 4.92 15.69
C GLN E 80 7.29 5.98 16.36
N LEU E 81 7.32 7.20 15.80
CA LEU E 81 8.07 8.30 16.42
C LEU E 81 7.46 8.72 17.75
N LEU E 82 6.13 8.62 17.89
CA LEU E 82 5.52 8.88 19.19
C LEU E 82 5.77 7.76 20.18
N GLY E 83 5.89 6.52 19.69
CA GLY E 83 6.18 5.39 20.56
C GLY E 83 7.63 5.27 20.98
N ILE E 84 8.56 5.85 20.20
CA ILE E 84 9.96 5.82 20.58
C ILE E 84 10.20 6.73 21.79
N TRP E 85 9.73 7.98 21.71
CA TRP E 85 9.78 8.92 22.85
C TRP E 85 8.71 8.48 23.84
N GLY E 86 9.03 7.42 24.59
CA GLY E 86 8.03 6.49 25.06
C GLY E 86 6.98 7.01 26.01
N CYS E 87 5.79 7.28 25.45
CA CYS E 87 4.60 7.50 26.24
C CYS E 87 3.54 6.46 25.88
N SER E 88 3.10 6.43 24.62
CA SER E 88 2.19 5.47 23.97
C SER E 88 0.76 5.48 24.51
N GLY E 89 0.52 6.21 25.62
CA GLY E 89 -0.80 6.63 26.06
C GLY E 89 -1.01 8.02 25.53
N LYS E 90 -1.27 8.12 24.23
CA LYS E 90 -0.92 9.30 23.45
C LYS E 90 -1.89 10.47 23.67
N LEU E 91 -1.74 11.48 22.82
CA LEU E 91 -2.43 12.76 22.66
C LEU E 91 -2.04 13.78 23.74
N ILE E 92 -1.39 13.36 24.83
CA ILE E 92 -0.68 14.23 25.77
C ILE E 92 0.24 13.35 26.62
N CYS E 93 1.52 13.74 26.75
CA CYS E 93 2.43 13.06 27.66
C CYS E 93 3.58 14.01 27.99
N CYS E 94 4.21 13.76 29.13
CA CYS E 94 5.29 14.60 29.64
C CYS E 94 6.62 13.87 29.54
N THR E 95 7.70 14.64 29.62
CA THR E 95 9.06 14.13 29.39
C THR E 95 10.00 14.86 30.34
N ASN E 96 11.10 14.22 30.72
CA ASN E 96 12.08 14.75 31.67
C ASN E 96 13.24 15.45 30.96
N VAL E 97 13.00 16.08 29.82
CA VAL E 97 13.99 16.89 29.12
C VAL E 97 13.71 18.35 29.44
N PRO E 98 14.69 19.10 29.96
CA PRO E 98 14.44 20.50 30.31
C PRO E 98 14.29 21.39 29.08
N TRP E 99 13.46 22.42 29.24
CA TRP E 99 13.18 23.36 28.16
C TRP E 99 14.24 24.43 28.09
N ASN E 100 14.82 24.63 26.91
CA ASN E 100 15.78 25.72 26.72
C ASN E 100 15.05 27.04 26.63
N SER E 101 15.54 28.04 27.37
CA SER E 101 14.88 29.34 27.46
C SER E 101 15.20 30.26 26.28
N SER E 102 16.11 29.86 25.39
CA SER E 102 16.45 30.68 24.24
C SER E 102 15.48 30.52 23.08
N TRP E 103 14.48 29.65 23.21
CA TRP E 103 13.60 29.26 22.10
C TRP E 103 12.24 29.90 22.32
N SER E 104 12.11 31.15 21.86
CA SER E 104 10.90 31.97 21.91
C SER E 104 10.37 32.12 23.35
N ASN E 105 11.19 32.80 24.15
CA ASN E 105 10.91 32.99 25.57
C ASN E 105 9.64 33.79 25.85
N ARG E 106 8.64 33.12 26.39
CA ARG E 106 7.36 33.74 26.70
C ARG E 106 6.85 33.21 28.03
N ASN E 107 5.78 33.82 28.52
CA ASN E 107 5.14 33.39 29.75
C ASN E 107 4.05 32.35 29.46
N LEU E 108 3.61 31.67 30.52
CA LEU E 108 2.59 30.64 30.36
C LEU E 108 1.20 31.24 30.13
N SER E 109 0.94 32.43 30.68
CA SER E 109 -0.33 33.09 30.37
C SER E 109 -0.35 33.65 28.96
N GLU E 110 0.82 33.98 28.41
CA GLU E 110 0.89 34.53 27.06
C GLU E 110 0.67 33.44 26.01
N ILE E 111 1.24 32.26 26.24
CA ILE E 111 1.14 31.18 25.26
C ILE E 111 -0.20 30.45 25.38
N TRP E 112 -0.56 30.03 26.59
CA TRP E 112 -1.64 29.08 26.80
C TRP E 112 -3.02 29.71 26.94
N ASP E 113 -3.14 31.02 26.78
CA ASP E 113 -4.42 31.66 27.04
C ASP E 113 -4.71 32.70 25.95
N ASN E 114 -3.71 33.09 25.16
CA ASN E 114 -3.83 34.18 24.20
C ASN E 114 -3.37 33.82 22.79
N MET E 115 -2.67 32.71 22.60
CA MET E 115 -2.06 32.27 21.35
C MET E 115 -2.67 30.97 20.82
N THR E 116 -2.56 30.82 19.50
CA THR E 116 -2.97 29.63 18.76
C THR E 116 -1.77 28.70 18.54
N TRP E 117 -2.06 27.54 17.94
CA TRP E 117 -1.01 26.56 17.65
C TRP E 117 -0.17 26.95 16.43
N LEU E 118 -0.79 27.54 15.41
CA LEU E 118 -0.09 27.82 14.16
C LEU E 118 0.95 28.92 14.32
N GLN E 119 0.64 29.95 15.11
CA GLN E 119 1.62 31.00 15.36
C GLN E 119 2.78 30.47 16.20
N TRP E 120 2.49 29.49 17.06
CA TRP E 120 3.53 28.87 17.87
C TRP E 120 4.46 28.04 17.01
N ASP E 121 3.92 27.29 16.04
CA ASP E 121 4.76 26.59 15.08
C ASP E 121 5.55 27.57 14.21
N LYS E 122 4.95 28.75 13.94
CA LYS E 122 5.64 29.79 13.18
C LYS E 122 6.92 30.28 13.86
N GLU E 123 6.97 30.22 15.19
CA GLU E 123 8.20 30.59 15.90
C GLU E 123 9.08 29.39 16.24
N ILE E 124 8.48 28.22 16.50
CA ILE E 124 9.24 27.06 16.97
C ILE E 124 9.73 26.17 15.82
N SER E 125 9.37 26.50 14.57
CA SER E 125 9.74 25.68 13.43
C SER E 125 11.22 25.69 13.10
N ASN E 126 11.99 26.62 13.68
CA ASN E 126 13.43 26.64 13.44
C ASN E 126 14.20 25.67 14.32
N TYR E 127 13.52 25.00 15.27
CA TYR E 127 14.19 24.21 16.29
C TYR E 127 13.71 22.76 16.31
N THR E 128 13.10 22.29 15.21
CA THR E 128 12.38 21.03 15.21
C THR E 128 13.30 19.83 15.37
N GLN E 129 14.39 19.79 14.58
CA GLN E 129 15.32 18.68 14.69
C GLN E 129 16.13 18.72 15.97
N ILE E 130 16.38 19.91 16.52
CA ILE E 130 17.09 20.01 17.79
C ILE E 130 16.19 19.51 18.93
N ILE E 131 14.87 19.73 18.82
CA ILE E 131 13.93 19.06 19.70
C ILE E 131 13.98 17.55 19.50
N TYR E 132 13.95 17.09 18.25
CA TYR E 132 13.76 15.68 17.97
C TYR E 132 14.96 14.84 18.36
N GLY E 133 16.18 15.39 18.24
CA GLY E 133 17.36 14.65 18.68
C GLY E 133 17.40 14.43 20.18
N LEU E 134 17.10 15.49 20.96
CA LEU E 134 17.11 15.38 22.41
C LEU E 134 15.98 14.49 22.91
N LEU E 135 14.78 14.64 22.34
CA LEU E 135 13.66 13.78 22.70
C LEU E 135 13.89 12.34 22.25
N GLU E 136 14.68 12.17 21.19
CA GLU E 136 14.92 10.85 20.62
C GLU E 136 15.94 10.10 21.44
N GLU E 137 16.96 10.80 21.93
CA GLU E 137 18.03 10.19 22.72
C GLU E 137 17.70 10.14 24.23
N SER E 138 17.58 11.33 24.84
CA SER E 138 18.03 11.54 26.22
C SER E 138 17.22 10.76 27.24
N GLN E 139 15.89 10.80 27.14
CA GLN E 139 15.06 10.08 28.08
C GLN E 139 15.24 8.57 27.92
N ASN E 140 15.21 8.08 26.69
CA ASN E 140 15.20 6.64 26.48
C ASN E 140 16.59 6.01 26.53
N GLN E 141 17.65 6.80 26.73
CA GLN E 141 18.84 6.22 27.35
C GLN E 141 19.03 6.57 28.81
N GLN E 142 18.21 7.47 29.39
CA GLN E 142 18.32 7.72 30.82
C GLN E 142 17.15 7.18 31.64
N GLU E 143 15.94 7.10 31.09
CA GLU E 143 14.87 6.40 31.80
C GLU E 143 15.12 4.90 31.82
N LYS E 144 15.57 4.35 30.70
CA LYS E 144 16.03 2.97 30.67
C LYS E 144 17.48 2.90 31.13
N ASN E 145 17.93 1.67 31.44
CA ASN E 145 19.24 1.30 31.96
C ASN E 145 19.56 1.91 33.32
N GLU E 146 18.57 2.50 33.99
CA GLU E 146 18.61 2.70 35.43
C GLU E 146 17.61 1.83 36.15
N GLN E 147 16.56 1.36 35.46
CA GLN E 147 15.76 0.25 35.95
C GLN E 147 16.56 -1.05 35.93
N ASP E 148 17.57 -1.13 35.06
CA ASP E 148 18.52 -2.23 35.10
C ASP E 148 19.30 -2.24 36.40
N LEU E 149 19.63 -1.07 36.93
CA LEU E 149 20.24 -0.96 38.25
C LEU E 149 19.21 -1.02 39.37
N LEU E 150 17.96 -0.64 39.10
CA LEU E 150 16.92 -0.66 40.12
C LEU E 150 16.43 -2.08 40.42
N ALA E 151 16.37 -2.94 39.40
CA ALA E 151 15.89 -4.30 39.55
C ALA E 151 17.00 -5.29 39.89
N LEU E 152 18.13 -4.80 40.41
CA LEU E 152 19.19 -5.70 40.84
C LEU E 152 18.77 -6.51 42.06
N ASP E 153 18.03 -5.89 42.97
CA ASP E 153 17.49 -6.59 44.13
C ASP E 153 15.99 -6.80 43.97
N ALA F 1 39.29 11.01 32.47
CA ALA F 1 39.73 12.10 31.61
C ALA F 1 38.60 13.08 31.35
N VAL F 2 38.77 13.92 30.34
CA VAL F 2 37.77 14.94 30.04
C VAL F 2 36.82 14.44 28.95
N GLY F 3 35.64 15.03 28.90
CA GLY F 3 34.61 14.60 27.98
C GLY F 3 33.78 15.77 27.49
N ILE F 4 33.13 15.57 26.35
CA ILE F 4 32.27 16.58 25.75
C ILE F 4 30.85 16.09 25.52
N GLY F 5 30.60 14.79 25.60
CA GLY F 5 29.29 14.24 25.32
C GLY F 5 29.35 13.12 24.30
N ALA F 6 28.19 12.51 24.09
CA ALA F 6 28.08 11.38 23.19
C ALA F 6 28.17 11.81 21.73
N VAL F 7 28.38 10.83 20.85
CA VAL F 7 28.50 11.08 19.42
C VAL F 7 27.44 10.28 18.69
N PHE F 8 27.43 10.36 17.35
CA PHE F 8 26.44 9.70 16.52
C PHE F 8 27.18 8.77 15.56
N LEU F 9 27.10 7.46 15.82
CA LEU F 9 27.83 6.50 15.01
C LEU F 9 27.17 6.29 13.64
N GLY F 10 25.85 6.26 13.60
CA GLY F 10 25.12 6.09 12.36
C GLY F 10 24.27 4.82 12.36
N PHE F 11 23.54 4.67 11.26
CA PHE F 11 22.69 3.50 11.07
C PHE F 11 23.55 2.26 10.87
N LEU F 12 23.25 1.21 11.65
CA LEU F 12 24.03 -0.04 11.73
C LEU F 12 25.49 0.22 12.06
N GLY F 13 25.77 1.27 12.82
CA GLY F 13 27.12 1.76 12.99
C GLY F 13 27.81 1.32 14.27
N ALA F 14 27.29 0.29 14.91
CA ALA F 14 27.89 -0.20 16.14
C ALA F 14 27.91 -1.71 16.20
N ALA F 15 27.87 -2.40 15.05
CA ALA F 15 27.81 -3.86 15.03
C ALA F 15 29.13 -4.50 15.46
N GLY F 16 30.24 -3.77 15.43
CA GLY F 16 31.50 -4.30 15.92
C GLY F 16 31.85 -3.89 17.32
N SER F 17 31.06 -3.02 17.94
CA SER F 17 31.32 -2.56 19.28
C SER F 17 30.87 -3.61 20.29
N THR F 18 31.06 -3.30 21.57
CA THR F 18 30.77 -4.24 22.63
C THR F 18 29.26 -4.37 22.84
N MET F 19 28.89 -5.32 23.71
CA MET F 19 27.49 -5.63 23.95
C MET F 19 26.78 -4.50 24.69
N GLY F 20 27.43 -3.95 25.73
CA GLY F 20 26.84 -2.84 26.46
C GLY F 20 26.77 -1.56 25.64
N ALA F 21 27.78 -1.30 24.82
CA ALA F 21 27.81 -0.09 24.02
C ALA F 21 26.81 -0.13 22.87
N ALA F 22 26.57 -1.30 22.28
CA ALA F 22 25.59 -1.43 21.22
C ALA F 22 24.15 -1.38 21.73
N SER F 23 23.95 -1.55 23.03
CA SER F 23 22.63 -1.40 23.63
C SER F 23 22.33 0.03 24.04
N MET F 24 23.22 0.97 23.74
CA MET F 24 22.94 2.40 23.92
C MET F 24 22.39 3.05 22.67
N THR F 25 22.68 2.48 21.50
CA THR F 25 22.33 3.05 20.20
C THR F 25 21.34 2.16 19.47
N LEU F 26 20.39 1.59 20.22
CA LEU F 26 19.33 0.79 19.62
C LEU F 26 18.36 1.68 18.86
N THR F 27 18.32 2.97 19.21
CA THR F 27 17.23 3.83 18.77
C THR F 27 17.39 4.24 17.30
N VAL F 28 18.64 4.37 16.84
CA VAL F 28 18.86 4.81 15.46
C VAL F 28 18.60 3.73 14.42
N GLN F 29 18.46 2.47 14.83
CA GLN F 29 18.12 1.41 13.90
C GLN F 29 16.63 1.09 13.86
N ALA F 30 15.88 1.49 14.88
CA ALA F 30 14.44 1.33 14.85
C ALA F 30 13.77 2.31 13.90
N ARG F 31 14.42 3.43 13.60
CA ARG F 31 13.83 4.42 12.70
C ARG F 31 13.87 3.95 11.25
N ASN F 32 14.95 3.26 10.86
CA ASN F 32 15.21 2.98 9.46
C ASN F 32 14.66 1.59 9.09
N LEU F 33 13.97 0.93 10.02
CA LEU F 33 13.29 -0.32 9.68
C LEU F 33 12.10 -0.05 8.76
N LEU F 34 11.39 1.05 8.99
CA LEU F 34 10.37 1.51 8.06
C LEU F 34 10.91 2.56 7.09
N SER F 35 11.98 3.26 7.47
CA SER F 35 12.75 4.21 6.65
C SER F 35 11.92 5.41 6.22
N GLY F 36 10.98 5.20 5.31
CA GLY F 36 10.18 6.30 4.80
C GLY F 36 10.86 6.98 3.62
N ILE F 37 10.63 8.30 3.53
CA ILE F 37 11.05 9.19 2.44
C ILE F 37 10.53 8.65 1.11
N VAL F 38 11.39 7.93 0.37
CA VAL F 38 11.16 7.38 -0.97
C VAL F 38 10.80 8.48 -1.97
N GLN F 39 9.60 9.07 -1.82
CA GLN F 39 9.08 10.18 -2.63
C GLN F 39 9.06 9.89 -4.13
N HIS F 53 7.66 9.49 -20.58
CA HIS F 53 6.77 8.60 -21.32
C HIS F 53 5.35 9.14 -21.40
N LEU F 54 4.48 8.38 -22.06
CA LEU F 54 3.09 8.77 -22.27
C LEU F 54 2.14 7.75 -21.65
N LEU F 55 2.49 7.28 -20.44
CA LEU F 55 1.66 6.38 -19.61
C LEU F 55 1.36 5.07 -20.31
N LYS F 56 2.41 4.42 -20.83
CA LYS F 56 2.24 3.19 -21.58
C LYS F 56 1.99 2.00 -20.67
N LEU F 57 2.95 1.69 -19.80
CA LEU F 57 2.86 0.50 -18.95
C LEU F 57 3.28 0.85 -17.53
N THR F 58 2.73 0.10 -16.58
CA THR F 58 3.07 0.21 -15.17
C THR F 58 3.82 -1.07 -14.80
N VAL F 59 5.14 -1.02 -14.87
CA VAL F 59 5.99 -2.17 -14.61
C VAL F 59 6.80 -1.94 -13.34
N TRP F 60 7.08 -0.67 -13.04
CA TRP F 60 7.64 -0.27 -11.75
C TRP F 60 6.75 0.71 -11.02
N GLY F 61 5.47 0.74 -11.40
CA GLY F 61 4.43 1.31 -10.56
C GLY F 61 3.73 0.27 -9.73
N ILE F 62 4.14 -0.99 -9.84
CA ILE F 62 3.54 -2.10 -9.10
C ILE F 62 4.56 -2.69 -8.14
N LYS F 63 5.81 -2.82 -8.60
CA LYS F 63 6.86 -3.50 -7.87
C LYS F 63 7.40 -2.69 -6.70
N GLN F 64 7.61 -1.38 -6.89
CA GLN F 64 7.98 -0.49 -5.80
C GLN F 64 6.88 -0.45 -4.75
N LEU F 65 5.63 -0.40 -5.21
CA LEU F 65 4.47 -0.37 -4.32
C LEU F 65 4.32 -1.68 -3.57
N GLN F 66 4.63 -2.80 -4.23
CA GLN F 66 4.68 -4.10 -3.57
C GLN F 66 5.76 -4.15 -2.50
N ALA F 67 6.93 -3.56 -2.78
CA ALA F 67 8.01 -3.51 -1.81
C ALA F 67 7.64 -2.67 -0.59
N ARG F 68 6.97 -1.53 -0.81
CA ARG F 68 6.53 -0.69 0.30
C ARG F 68 5.46 -1.37 1.14
N VAL F 69 4.52 -2.07 0.49
CA VAL F 69 3.48 -2.79 1.21
C VAL F 69 4.08 -3.94 2.02
N LEU F 70 5.07 -4.64 1.45
CA LEU F 70 5.75 -5.71 2.17
C LEU F 70 6.53 -5.18 3.37
N ALA F 71 7.18 -4.01 3.22
CA ALA F 71 7.91 -3.43 4.34
C ALA F 71 6.97 -2.99 5.46
N VAL F 72 5.82 -2.41 5.10
CA VAL F 72 4.82 -2.01 6.09
C VAL F 72 4.26 -3.23 6.82
N GLU F 73 3.99 -4.31 6.07
CA GLU F 73 3.47 -5.53 6.67
C GLU F 73 4.51 -6.21 7.57
N ARG F 74 5.80 -6.16 7.20
CA ARG F 74 6.85 -6.74 8.03
C ARG F 74 7.02 -5.95 9.33
N TYR F 75 6.98 -4.62 9.25
CA TYR F 75 7.05 -3.82 10.47
C TYR F 75 5.83 -4.04 11.37
N LEU F 76 4.65 -4.19 10.76
CA LEU F 76 3.45 -4.48 11.54
C LEU F 76 3.52 -5.87 12.17
N ARG F 77 4.12 -6.84 11.48
CA ARG F 77 4.30 -8.17 12.06
C ARG F 77 5.26 -8.15 13.23
N ASP F 78 6.36 -7.38 13.13
CA ASP F 78 7.29 -7.28 14.24
C ASP F 78 6.67 -6.55 15.45
N GLN F 79 5.89 -5.49 15.20
CA GLN F 79 5.19 -4.82 16.27
C GLN F 79 4.12 -5.70 16.90
N GLN F 80 3.46 -6.53 16.09
CA GLN F 80 2.47 -7.47 16.60
C GLN F 80 3.12 -8.58 17.43
N LEU F 81 4.32 -9.02 17.02
CA LEU F 81 5.07 -9.99 17.83
C LEU F 81 5.52 -9.40 19.15
N LEU F 82 5.94 -8.13 19.18
CA LEU F 82 6.19 -7.51 20.47
C LEU F 82 4.92 -7.23 21.26
N GLY F 83 3.78 -7.09 20.57
CA GLY F 83 2.54 -6.83 21.27
C GLY F 83 1.92 -8.04 21.93
N ILE F 84 2.11 -9.23 21.34
CA ILE F 84 1.62 -10.44 21.99
C ILE F 84 2.40 -10.74 23.26
N TRP F 85 3.73 -10.65 23.18
CA TRP F 85 4.54 -10.76 24.40
C TRP F 85 4.31 -9.54 25.28
N GLY F 86 4.75 -9.65 26.53
CA GLY F 86 4.65 -8.55 27.47
C GLY F 86 5.56 -7.42 27.06
N CYS F 87 4.97 -6.22 26.87
CA CYS F 87 5.44 -4.83 26.98
C CYS F 87 4.75 -3.94 25.96
N SER F 88 5.38 -3.82 24.77
CA SER F 88 5.21 -2.83 23.70
C SER F 88 5.72 -1.44 24.08
N GLY F 89 6.16 -1.23 25.32
CA GLY F 89 7.01 -0.11 25.69
C GLY F 89 8.42 -0.52 25.39
N LYS F 90 8.79 -0.48 24.12
CA LYS F 90 9.81 -1.34 23.56
C LYS F 90 11.21 -0.75 23.73
N LEU F 91 12.15 -1.33 22.97
CA LEU F 91 13.59 -1.09 22.79
C LEU F 91 14.45 -1.61 23.95
N ILE F 92 13.86 -1.82 25.13
CA ILE F 92 14.35 -2.71 26.18
C ILE F 92 13.21 -2.89 27.19
N CYS F 93 12.93 -4.14 27.57
CA CYS F 93 12.13 -4.41 28.76
C CYS F 93 12.41 -5.84 29.20
N CYS F 94 12.00 -6.16 30.42
CA CYS F 94 12.40 -7.38 31.10
C CYS F 94 11.18 -8.22 31.43
N THR F 95 11.36 -9.54 31.37
CA THR F 95 10.27 -10.50 31.61
C THR F 95 10.69 -11.56 32.60
N ASN F 96 9.91 -12.63 32.74
CA ASN F 96 10.05 -13.59 33.83
C ASN F 96 10.13 -15.02 33.32
N VAL F 97 10.99 -15.26 32.34
CA VAL F 97 11.35 -16.62 31.91
C VAL F 97 12.70 -16.96 32.51
N PRO F 98 12.84 -18.08 33.23
CA PRO F 98 14.16 -18.48 33.72
C PRO F 98 15.08 -18.89 32.58
N TRP F 99 16.32 -18.42 32.66
CA TRP F 99 17.31 -18.69 31.62
C TRP F 99 18.04 -19.98 31.97
N ASN F 100 17.66 -21.07 31.30
CA ASN F 100 18.29 -22.36 31.52
C ASN F 100 19.73 -22.35 31.01
N SER F 101 20.56 -23.16 31.64
CA SER F 101 21.98 -23.23 31.29
C SER F 101 22.24 -24.07 30.05
N SER F 102 21.21 -24.70 29.47
CA SER F 102 21.42 -25.45 28.23
C SER F 102 21.62 -24.54 27.03
N TRP F 103 21.25 -23.26 27.13
CA TRP F 103 21.42 -22.31 26.04
C TRP F 103 22.66 -21.46 26.33
N SER F 104 23.82 -21.94 25.85
CA SER F 104 25.09 -21.20 25.82
C SER F 104 25.54 -20.75 27.21
N ASN F 105 25.91 -21.75 28.02
CA ASN F 105 26.29 -21.50 29.41
C ASN F 105 27.62 -20.76 29.54
N ARG F 106 27.56 -19.43 29.50
CA ARG F 106 28.74 -18.58 29.61
C ARG F 106 28.46 -17.47 30.61
N ASN F 107 29.53 -16.88 31.13
CA ASN F 107 29.46 -15.89 32.19
C ASN F 107 28.92 -14.57 31.65
N LEU F 108 28.56 -13.67 32.58
CA LEU F 108 28.00 -12.37 32.21
C LEU F 108 29.02 -11.47 31.54
N SER F 109 30.25 -11.44 32.08
CA SER F 109 31.31 -10.64 31.46
C SER F 109 31.80 -11.23 30.15
N GLU F 110 31.64 -12.54 29.97
CA GLU F 110 32.04 -13.19 28.72
C GLU F 110 31.11 -12.84 27.56
N ILE F 111 29.86 -12.48 27.83
CA ILE F 111 28.91 -12.17 26.78
C ILE F 111 28.48 -10.72 26.77
N TRP F 112 28.79 -9.94 27.80
CA TRP F 112 28.38 -8.55 27.88
C TRP F 112 29.53 -7.57 27.78
N ASP F 113 30.77 -8.04 27.64
CA ASP F 113 31.90 -7.12 27.54
C ASP F 113 32.74 -7.53 26.33
N ASN F 114 32.75 -8.82 26.02
CA ASN F 114 33.63 -9.36 25.00
C ASN F 114 32.88 -9.85 23.75
N MET F 115 31.68 -9.34 23.49
CA MET F 115 30.90 -9.83 22.37
C MET F 115 30.25 -8.72 21.58
N THR F 116 30.24 -8.89 20.26
CA THR F 116 29.33 -8.17 19.40
C THR F 116 28.01 -8.93 19.32
N TRP F 117 27.01 -8.29 18.70
CA TRP F 117 25.71 -8.93 18.58
C TRP F 117 25.71 -10.02 17.51
N LEU F 118 26.61 -9.92 16.53
CA LEU F 118 26.74 -10.94 15.50
C LEU F 118 27.19 -12.28 16.09
N GLN F 119 28.19 -12.26 16.96
CA GLN F 119 28.64 -13.48 17.62
C GLN F 119 27.62 -14.01 18.60
N TRP F 120 26.72 -13.16 19.10
CA TRP F 120 25.62 -13.65 19.92
C TRP F 120 24.59 -14.39 19.07
N ASP F 121 24.21 -13.82 17.92
CA ASP F 121 23.24 -14.51 17.07
C ASP F 121 23.81 -15.76 16.42
N LYS F 122 25.12 -15.82 16.17
CA LYS F 122 25.73 -17.04 15.65
C LYS F 122 25.71 -18.19 16.65
N GLU F 123 25.46 -17.93 17.93
CA GLU F 123 25.27 -18.99 18.91
C GLU F 123 23.80 -19.26 19.23
N ILE F 124 22.97 -18.22 19.30
CA ILE F 124 21.57 -18.41 19.66
C ILE F 124 20.68 -18.52 18.41
N SER F 125 21.28 -18.75 17.24
CA SER F 125 20.48 -19.04 16.05
C SER F 125 19.83 -20.41 16.07
N ASN F 126 20.25 -21.30 16.98
CA ASN F 126 19.69 -22.65 17.07
C ASN F 126 18.49 -22.73 17.99
N TYR F 127 18.25 -21.72 18.83
CA TYR F 127 17.23 -21.79 19.86
C TYR F 127 16.34 -20.55 19.86
N THR F 128 15.99 -20.04 18.68
CA THR F 128 15.07 -18.91 18.63
C THR F 128 13.63 -19.35 18.87
N GLN F 129 13.25 -20.53 18.36
CA GLN F 129 11.85 -20.94 18.37
C GLN F 129 11.37 -21.34 19.76
N ILE F 130 12.22 -22.04 20.52
CA ILE F 130 11.83 -22.46 21.87
C ILE F 130 11.75 -21.27 22.82
N ILE F 131 12.69 -20.33 22.68
CA ILE F 131 12.65 -19.09 23.45
C ILE F 131 11.43 -18.25 23.08
N TYR F 132 11.10 -18.20 21.78
CA TYR F 132 9.92 -17.50 21.33
C TYR F 132 8.63 -18.14 21.84
N GLY F 133 8.59 -19.48 21.93
CA GLY F 133 7.43 -20.14 22.49
C GLY F 133 7.27 -19.92 23.99
N LEU F 134 8.40 -19.92 24.73
CA LEU F 134 8.34 -19.64 26.16
C LEU F 134 7.90 -18.21 26.43
N LEU F 135 8.40 -17.25 25.63
CA LEU F 135 7.92 -15.88 25.73
C LEU F 135 6.49 -15.73 25.20
N GLU F 136 6.06 -16.64 24.31
CA GLU F 136 4.69 -16.64 23.82
C GLU F 136 3.71 -17.02 24.91
N GLU F 137 4.08 -17.98 25.76
CA GLU F 137 3.12 -18.50 26.72
C GLU F 137 3.24 -17.92 28.13
N SER F 138 4.47 -17.68 28.62
CA SER F 138 4.68 -17.57 30.07
C SER F 138 4.12 -16.26 30.64
N GLN F 139 4.65 -15.12 30.18
CA GLN F 139 4.17 -13.85 30.71
C GLN F 139 2.77 -13.52 30.20
N ASN F 140 2.37 -14.09 29.07
CA ASN F 140 1.10 -13.76 28.48
C ASN F 140 -0.05 -14.63 28.98
N GLN F 141 0.24 -15.68 29.75
CA GLN F 141 -0.82 -16.41 30.43
C GLN F 141 -0.56 -16.63 31.91
N GLN F 142 0.50 -16.04 32.47
CA GLN F 142 0.79 -16.18 33.90
C GLN F 142 0.96 -14.85 34.61
N GLU F 143 1.15 -13.75 33.88
CA GLU F 143 0.91 -12.42 34.45
C GLU F 143 -0.55 -12.01 34.29
N LYS F 144 -1.15 -12.31 33.16
CA LYS F 144 -2.60 -12.23 33.02
C LYS F 144 -3.24 -13.42 33.71
N ASN F 145 -4.51 -13.22 34.10
CA ASN F 145 -5.35 -13.97 35.06
C ASN F 145 -4.80 -13.91 36.48
N GLU F 146 -3.94 -12.93 36.77
CA GLU F 146 -3.43 -12.69 38.12
C GLU F 146 -3.93 -11.38 38.71
N GLN F 147 -4.01 -10.32 37.89
CA GLN F 147 -4.46 -9.02 38.39
C GLN F 147 -5.94 -9.00 38.73
N ASP F 148 -6.75 -9.89 38.12
CA ASP F 148 -8.17 -9.94 38.46
C ASP F 148 -8.38 -10.49 39.86
N LEU F 149 -7.53 -11.41 40.32
CA LEU F 149 -7.56 -11.85 41.71
C LEU F 149 -6.90 -10.87 42.65
N LEU F 150 -6.01 -10.01 42.14
CA LEU F 150 -5.43 -8.95 42.97
C LEU F 150 -6.44 -7.83 43.21
N ALA F 151 -7.32 -7.59 42.23
CA ALA F 151 -8.29 -6.49 42.30
C ALA F 151 -9.64 -6.95 42.82
N LEU F 152 -9.68 -7.93 43.74
CA LEU F 152 -10.93 -8.31 44.40
C LEU F 152 -11.47 -7.19 45.26
N ASP F 153 -10.60 -6.41 45.90
CA ASP F 153 -11.02 -5.36 46.80
C ASP F 153 -10.33 -4.04 46.46
N GLN G 1 -19.34 -38.87 10.09
CA GLN G 1 -18.41 -38.01 9.36
C GLN G 1 -17.01 -38.09 9.95
N GLU G 2 -16.94 -38.06 11.28
CA GLU G 2 -15.67 -38.16 12.00
C GLU G 2 -15.22 -39.61 11.94
N VAL G 3 -14.12 -39.86 11.21
CA VAL G 3 -13.70 -41.22 10.90
C VAL G 3 -12.18 -41.27 10.79
N LEU G 4 -11.61 -42.41 11.16
CA LEU G 4 -10.20 -42.70 10.98
C LEU G 4 -10.05 -43.87 10.01
N VAL G 5 -9.17 -43.72 9.04
CA VAL G 5 -8.95 -44.71 8.00
C VAL G 5 -7.53 -45.24 8.16
N GLN G 6 -7.40 -46.55 8.28
CA GLN G 6 -6.11 -47.21 8.44
C GLN G 6 -5.69 -47.87 7.13
N SER G 7 -4.46 -48.39 7.11
CA SER G 7 -3.96 -49.08 5.94
C SER G 7 -4.35 -50.56 6.00
N GLY G 8 -3.99 -51.28 4.94
CA GLY G 8 -4.35 -52.68 4.81
C GLY G 8 -3.50 -53.59 5.69
N ALA G 9 -3.86 -54.87 5.68
CA ALA G 9 -3.17 -55.86 6.48
C ALA G 9 -1.77 -56.14 5.92
N GLU G 10 -0.83 -56.39 6.82
CA GLU G 10 0.57 -56.62 6.43
C GLU G 10 1.12 -57.80 7.21
N VAL G 11 1.82 -58.69 6.51
CA VAL G 11 2.41 -59.88 7.09
C VAL G 11 3.92 -59.77 6.96
N LYS G 12 4.63 -59.91 8.08
CA LYS G 12 6.07 -59.72 8.12
C LYS G 12 6.74 -60.84 8.89
N LYS G 13 8.02 -61.05 8.57
CA LYS G 13 8.87 -61.99 9.28
C LYS G 13 9.35 -61.38 10.60
N PRO G 14 9.69 -62.22 11.59
CA PRO G 14 10.25 -61.69 12.84
C PRO G 14 11.61 -61.04 12.62
N GLY G 15 11.88 -60.01 13.43
CA GLY G 15 13.09 -59.22 13.30
C GLY G 15 12.98 -58.04 12.36
N ALA G 16 11.85 -57.89 11.66
CA ALA G 16 11.65 -56.83 10.69
C ALA G 16 11.03 -55.62 11.38
N SER G 17 10.51 -54.68 10.59
CA SER G 17 9.76 -53.53 11.09
C SER G 17 8.45 -53.44 10.32
N VAL G 18 7.41 -52.93 10.99
CA VAL G 18 6.10 -52.73 10.40
C VAL G 18 5.68 -51.28 10.62
N LYS G 19 5.11 -50.68 9.57
CA LYS G 19 4.65 -49.30 9.60
C LYS G 19 3.19 -49.27 9.22
N VAL G 20 2.36 -48.64 10.07
CA VAL G 20 0.94 -48.50 9.80
C VAL G 20 0.56 -47.03 9.89
N SER G 21 -0.31 -46.59 8.99
CA SER G 21 -0.71 -45.19 8.88
C SER G 21 -2.19 -45.05 9.21
N CYS G 22 -2.55 -43.91 9.79
CA CYS G 22 -3.92 -43.62 10.16
C CYS G 22 -4.24 -42.18 9.76
N ARG G 23 -5.27 -42.00 8.96
CA ARG G 23 -5.64 -40.71 8.39
C ARG G 23 -6.99 -40.28 8.93
N ALA G 24 -7.13 -39.00 9.27
CA ALA G 24 -8.33 -38.48 9.90
C ALA G 24 -9.20 -37.75 8.89
N PHE G 25 -10.52 -37.92 9.02
CA PHE G 25 -11.49 -37.17 8.24
C PHE G 25 -12.62 -36.72 9.15
N GLY G 26 -13.16 -35.54 8.85
CA GLY G 26 -14.33 -35.03 9.54
C GLY G 26 -14.04 -34.11 10.72
N TYR G 27 -12.78 -33.97 11.13
CA TYR G 27 -12.44 -33.11 12.26
C TYR G 27 -11.05 -32.52 12.04
N THR G 28 -10.69 -31.57 12.89
CA THR G 28 -9.40 -30.92 12.83
C THR G 28 -8.37 -31.79 13.52
N PHE G 29 -7.36 -32.22 12.76
CA PHE G 29 -6.41 -33.23 13.24
C PHE G 29 -5.49 -32.68 14.33
N THR G 30 -5.25 -31.38 14.34
CA THR G 30 -4.30 -30.78 15.27
C THR G 30 -4.90 -30.48 16.63
N GLY G 31 -6.18 -30.79 16.85
CA GLY G 31 -6.84 -30.42 18.09
C GLY G 31 -7.14 -31.55 19.05
N ASN G 32 -7.02 -32.80 18.61
CA ASN G 32 -7.30 -33.95 19.47
C ASN G 32 -6.09 -34.88 19.49
N ALA G 33 -5.76 -35.37 20.68
CA ALA G 33 -4.68 -36.34 20.83
C ALA G 33 -5.12 -37.70 20.26
N LEU G 34 -4.13 -38.54 19.98
CA LEU G 34 -4.40 -39.81 19.30
C LEU G 34 -3.76 -40.96 20.06
N HIS G 35 -4.55 -42.00 20.32
CA HIS G 35 -4.08 -43.21 20.98
C HIS G 35 -3.91 -44.34 19.96
N TRP G 36 -3.03 -45.28 20.30
CA TRP G 36 -2.89 -46.53 19.56
C TRP G 36 -3.17 -47.68 20.51
N VAL G 37 -3.96 -48.65 20.07
CA VAL G 37 -4.33 -49.80 20.90
C VAL G 37 -4.26 -51.06 20.05
N ARG G 38 -3.79 -52.15 20.65
CA ARG G 38 -3.70 -53.42 19.95
C ARG G 38 -4.51 -54.49 20.67
N GLN G 39 -5.13 -55.35 19.86
CA GLN G 39 -5.85 -56.51 20.40
C GLN G 39 -5.24 -57.78 19.82
N ALA G 40 -4.80 -58.67 20.70
CA ALA G 40 -4.39 -59.99 20.27
C ALA G 40 -5.62 -60.81 19.89
N PRO G 41 -5.49 -61.75 18.94
CA PRO G 41 -6.64 -62.59 18.55
C PRO G 41 -7.05 -63.52 19.69
N GLY G 42 -8.29 -63.37 20.15
CA GLY G 42 -8.81 -64.13 21.25
C GLY G 42 -8.52 -63.57 22.63
N GLN G 43 -7.81 -62.44 22.71
CA GLN G 43 -7.42 -61.85 23.98
C GLN G 43 -8.08 -60.47 24.12
N GLY G 44 -7.71 -59.75 25.17
CA GLY G 44 -8.24 -58.44 25.46
C GLY G 44 -7.52 -57.33 24.73
N LEU G 45 -7.69 -56.12 25.25
CA LEU G 45 -7.14 -54.91 24.64
C LEU G 45 -5.87 -54.49 25.36
N GLU G 46 -4.82 -54.20 24.60
CA GLU G 46 -3.54 -53.76 25.13
C GLU G 46 -3.22 -52.37 24.60
N TRP G 47 -3.11 -51.40 25.51
CA TRP G 47 -2.78 -50.03 25.15
C TRP G 47 -1.31 -49.91 24.81
N LEU G 48 -0.99 -49.07 23.83
CA LEU G 48 0.35 -48.94 23.28
C LEU G 48 0.99 -47.59 23.58
N GLY G 49 0.37 -46.50 23.15
CA GLY G 49 0.96 -45.18 23.29
C GLY G 49 -0.01 -44.12 22.83
N TRP G 50 0.37 -42.86 23.07
CA TRP G 50 -0.48 -41.75 22.64
C TRP G 50 0.34 -40.51 22.33
N ILE G 51 -0.10 -39.80 21.30
CA ILE G 51 0.69 -38.76 20.64
C ILE G 51 -0.15 -37.49 20.51
N ASN G 52 0.50 -36.35 20.72
CA ASN G 52 -0.07 -35.07 20.32
C ASN G 52 0.26 -34.85 18.84
N PRO G 53 -0.74 -34.65 17.98
CA PRO G 53 -0.42 -34.33 16.57
C PRO G 53 0.14 -32.93 16.38
N HIS G 54 -0.04 -32.03 17.35
CA HIS G 54 0.39 -30.64 17.18
C HIS G 54 1.89 -30.49 17.46
N SER G 55 2.31 -30.76 18.69
CA SER G 55 3.70 -30.55 19.08
C SER G 55 4.61 -31.69 18.67
N GLY G 56 4.06 -32.85 18.28
CA GLY G 56 4.86 -34.00 17.97
C GLY G 56 5.36 -34.78 19.17
N ASP G 57 4.95 -34.40 20.38
CA ASP G 57 5.36 -35.09 21.58
C ASP G 57 4.66 -36.45 21.68
N THR G 58 5.35 -37.41 22.29
CA THR G 58 4.86 -38.78 22.39
C THR G 58 4.85 -39.21 23.85
N THR G 59 4.05 -40.24 24.13
CA THR G 59 4.13 -40.94 25.40
C THR G 59 3.91 -42.42 25.14
N THR G 60 4.92 -43.22 25.51
CA THR G 60 4.98 -44.63 25.22
C THR G 60 5.01 -45.41 26.53
N SER G 61 4.34 -46.57 26.54
CA SER G 61 4.39 -47.47 27.68
C SER G 61 5.81 -47.98 27.89
N GLN G 62 6.16 -48.21 29.16
CA GLN G 62 7.52 -48.60 29.51
C GLN G 62 7.84 -50.03 29.12
N LYS G 63 6.82 -50.88 28.93
CA LYS G 63 7.06 -52.25 28.48
C LYS G 63 7.57 -52.27 27.05
N PHE G 64 7.10 -51.36 26.21
CA PHE G 64 7.51 -51.25 24.82
C PHE G 64 8.36 -50.01 24.55
N GLN G 65 9.04 -49.51 25.58
CA GLN G 65 9.82 -48.28 25.46
C GLN G 65 11.06 -48.53 24.63
N GLY G 66 11.28 -47.69 23.62
CA GLY G 66 12.39 -47.83 22.71
C GLY G 66 12.20 -48.81 21.58
N ARG G 67 11.07 -49.51 21.53
CA ARG G 67 10.76 -50.42 20.44
C ARG G 67 9.68 -49.93 19.50
N VAL G 68 8.70 -49.17 19.98
CA VAL G 68 7.64 -48.64 19.14
C VAL G 68 7.76 -47.12 19.07
N TYR G 69 7.67 -46.58 17.86
CA TYR G 69 7.89 -45.15 17.62
C TYR G 69 6.70 -44.58 16.86
N MET G 70 6.30 -43.36 17.23
CA MET G 70 5.07 -42.75 16.74
C MET G 70 5.37 -41.37 16.16
N THR G 71 5.00 -41.15 14.90
CA THR G 71 5.29 -39.92 14.18
C THR G 71 4.02 -39.36 13.56
N ARG G 72 4.12 -38.14 13.03
CA ARG G 72 2.94 -37.46 12.49
C ARG G 72 3.30 -36.67 11.23
N ASP G 73 2.27 -36.30 10.49
CA ASP G 73 2.37 -35.44 9.31
C ASP G 73 1.10 -34.61 9.23
N LYS G 74 1.24 -33.29 9.47
CA LYS G 74 0.10 -32.39 9.48
C LYS G 74 -0.33 -31.95 8.09
N SER G 75 0.51 -32.15 7.07
CA SER G 75 0.15 -31.72 5.72
C SER G 75 -0.93 -32.61 5.12
N ILE G 76 -0.89 -33.91 5.41
CA ILE G 76 -1.89 -34.86 4.92
C ILE G 76 -2.69 -35.47 6.06
N ASN G 77 -2.51 -34.96 7.29
CA ASN G 77 -3.28 -35.34 8.48
C ASN G 77 -3.15 -36.83 8.82
N THR G 78 -1.94 -37.36 8.74
CA THR G 78 -1.73 -38.79 8.96
C THR G 78 -0.73 -39.01 10.08
N ALA G 79 -1.02 -39.98 10.94
CA ALA G 79 -0.05 -40.43 11.93
C ALA G 79 0.49 -41.80 11.54
N PHE G 80 1.75 -42.04 11.90
CA PHE G 80 2.44 -43.28 11.57
C PHE G 80 2.91 -43.97 12.84
N LEU G 81 2.74 -45.29 12.87
CA LEU G 81 3.23 -46.16 13.92
C LEU G 81 4.27 -47.10 13.34
N ASP G 82 5.44 -47.13 13.97
CA ASP G 82 6.54 -48.01 13.60
C ASP G 82 6.74 -48.98 14.75
N VAL G 83 6.57 -50.27 14.48
CA VAL G 83 6.87 -51.31 15.45
C VAL G 83 8.04 -52.10 14.90
N THR G 84 9.18 -52.04 15.60
CA THR G 84 10.37 -52.75 15.18
C THR G 84 10.61 -53.96 16.07
N ARG G 85 11.51 -54.83 15.61
CA ARG G 85 11.95 -56.05 16.30
C ARG G 85 10.76 -56.96 16.65
N LEU G 86 10.05 -57.37 15.60
CA LEU G 86 8.84 -58.16 15.76
C LEU G 86 9.14 -59.58 16.25
N THR G 87 8.27 -60.08 17.11
CA THR G 87 8.19 -61.48 17.51
C THR G 87 6.82 -62.02 17.12
N SER G 88 6.54 -63.26 17.50
CA SER G 88 5.22 -63.83 17.27
C SER G 88 4.18 -63.33 18.27
N ASP G 89 4.61 -62.65 19.34
CA ASP G 89 3.67 -62.12 20.33
C ASP G 89 3.01 -60.84 19.85
N ASP G 90 3.56 -60.17 18.84
CA ASP G 90 3.06 -58.89 18.38
C ASP G 90 1.99 -59.02 17.29
N THR G 91 1.59 -60.23 16.93
CA THR G 91 0.56 -60.42 15.91
C THR G 91 -0.81 -60.08 16.49
N GLY G 92 -1.56 -59.24 15.79
CA GLY G 92 -2.86 -58.82 16.27
C GLY G 92 -3.39 -57.70 15.41
N ILE G 93 -4.46 -57.07 15.88
CA ILE G 93 -5.10 -55.97 15.18
C ILE G 93 -4.72 -54.65 15.85
N TYR G 94 -4.23 -53.72 15.05
CA TYR G 94 -3.80 -52.39 15.48
C TYR G 94 -4.90 -51.39 15.14
N TYR G 95 -5.28 -50.57 16.12
CA TYR G 95 -6.38 -49.63 16.03
C TYR G 95 -5.86 -48.25 16.42
N CYS G 96 -6.23 -47.22 15.65
CA CYS G 96 -5.98 -45.84 16.03
C CYS G 96 -7.29 -45.23 16.54
N ALA G 97 -7.21 -44.51 17.66
CA ALA G 97 -8.40 -44.01 18.32
C ALA G 97 -8.23 -42.56 18.72
N ARG G 98 -9.24 -41.75 18.39
CA ARG G 98 -9.22 -40.33 18.71
C ARG G 98 -9.63 -40.12 20.16
N ASP G 99 -8.81 -39.41 20.92
CA ASP G 99 -9.14 -39.05 22.29
C ASP G 99 -10.18 -37.94 22.28
N LYS G 100 -11.12 -38.04 23.23
CA LYS G 100 -12.13 -36.99 23.36
C LYS G 100 -11.52 -35.71 23.89
N TYR G 101 -10.60 -35.84 24.85
CA TYR G 101 -9.63 -34.81 25.25
C TYR G 101 -10.32 -33.54 25.76
N TYR G 102 -10.96 -33.67 26.93
CA TYR G 102 -11.61 -32.54 27.58
C TYR G 102 -10.76 -32.08 28.77
N GLY G 103 -10.52 -30.77 28.83
CA GLY G 103 -9.73 -30.20 29.91
C GLY G 103 -8.25 -30.46 29.80
N ASN G 104 -7.75 -30.67 28.57
CA ASN G 104 -6.34 -30.98 28.28
C ASN G 104 -5.86 -32.21 29.03
N GLU G 105 -6.72 -33.22 29.11
CA GLU G 105 -6.36 -34.49 29.73
C GLU G 105 -7.16 -35.59 29.08
N ALA G 106 -6.73 -36.83 29.31
CA ALA G 106 -7.38 -37.98 28.68
C ALA G 106 -8.76 -38.22 29.29
N VAL G 107 -9.75 -38.42 28.44
CA VAL G 107 -11.14 -38.65 28.85
C VAL G 107 -11.65 -39.98 28.33
N GLY G 108 -11.63 -40.16 27.02
CA GLY G 108 -12.16 -41.36 26.41
C GLY G 108 -11.85 -41.38 24.94
N MET G 109 -11.96 -42.56 24.36
CA MET G 109 -11.58 -42.80 22.98
C MET G 109 -12.84 -43.10 22.18
N ASP G 110 -13.35 -42.10 21.45
CA ASP G 110 -14.70 -42.22 20.89
C ASP G 110 -14.74 -42.60 19.41
N VAL G 111 -13.75 -42.20 18.62
CA VAL G 111 -13.76 -42.45 17.18
C VAL G 111 -12.63 -43.43 16.86
N TRP G 112 -12.98 -44.61 16.38
CA TRP G 112 -12.02 -45.69 16.20
C TRP G 112 -12.01 -46.10 14.73
N GLY G 113 -10.85 -46.52 14.25
CA GLY G 113 -10.70 -46.92 12.86
C GLY G 113 -11.20 -48.33 12.60
N GLN G 114 -11.00 -48.78 11.36
CA GLN G 114 -11.44 -50.12 10.99
C GLN G 114 -10.42 -51.21 11.30
N GLY G 115 -9.16 -50.85 11.48
CA GLY G 115 -8.20 -51.80 11.99
C GLY G 115 -7.18 -52.25 10.95
N THR G 116 -6.02 -52.69 11.44
CA THR G 116 -4.97 -53.25 10.59
C THR G 116 -4.49 -54.56 11.20
N SER G 117 -4.57 -55.64 10.44
CA SER G 117 -4.16 -56.96 10.91
C SER G 117 -2.69 -57.18 10.59
N VAL G 118 -1.86 -57.36 11.62
CA VAL G 118 -0.43 -57.56 11.46
C VAL G 118 -0.10 -58.96 11.96
N THR G 119 0.49 -59.77 11.09
CA THR G 119 0.84 -61.14 11.42
C THR G 119 2.35 -61.35 11.34
N ASP H 1 1.79 -51.86 37.80
CA ASP H 1 0.76 -51.09 37.13
C ASP H 1 -0.52 -51.09 37.95
N ILE H 2 -1.64 -50.75 37.30
CA ILE H 2 -2.96 -50.80 37.92
C ILE H 2 -3.78 -51.83 37.14
N GLN H 3 -4.28 -52.84 37.86
CA GLN H 3 -5.00 -53.94 37.25
C GLN H 3 -6.50 -53.78 37.46
N LEU H 4 -7.26 -54.05 36.40
CA LEU H 4 -8.71 -53.95 36.41
C LEU H 4 -9.30 -55.35 36.35
N THR H 5 -10.14 -55.69 37.32
CA THR H 5 -10.82 -56.98 37.35
C THR H 5 -12.30 -56.75 37.08
N GLN H 6 -12.84 -57.49 36.12
CA GLN H 6 -14.22 -57.35 35.70
C GLN H 6 -15.00 -58.60 36.11
N SER H 7 -16.18 -58.39 36.69
CA SER H 7 -17.00 -59.48 37.19
C SER H 7 -18.43 -59.30 36.70
N PRO H 8 -19.10 -60.38 36.24
CA PRO H 8 -18.58 -61.75 36.06
C PRO H 8 -17.88 -61.91 34.71
N SER H 9 -17.07 -62.96 34.52
CA SER H 9 -16.35 -63.12 33.26
C SER H 9 -17.29 -63.48 32.12
N PHE H 10 -18.30 -64.30 32.39
CA PHE H 10 -19.30 -64.66 31.39
C PHE H 10 -20.67 -64.62 32.06
N LEU H 11 -21.59 -63.85 31.51
CA LEU H 11 -22.92 -63.67 32.08
C LEU H 11 -23.96 -64.13 31.06
N SER H 12 -25.00 -64.80 31.55
CA SER H 12 -26.09 -65.30 30.72
C SER H 12 -27.40 -64.67 31.17
N ALA H 13 -28.13 -64.08 30.23
CA ALA H 13 -29.39 -63.42 30.53
C ALA H 13 -30.27 -63.39 29.29
N SER H 14 -31.55 -63.10 29.50
CA SER H 14 -32.53 -63.08 28.43
C SER H 14 -32.82 -61.65 27.98
N VAL H 15 -33.68 -61.53 26.98
CA VAL H 15 -34.04 -60.23 26.42
C VAL H 15 -35.01 -59.54 27.37
N GLY H 16 -34.68 -58.31 27.75
CA GLY H 16 -35.51 -57.53 28.65
C GLY H 16 -35.09 -57.54 30.10
N ASP H 17 -33.95 -58.13 30.42
CA ASP H 17 -33.47 -58.19 31.79
C ASP H 17 -32.68 -56.94 32.14
N LYS H 18 -32.50 -56.72 33.44
CA LYS H 18 -31.65 -55.66 33.96
C LYS H 18 -30.39 -56.31 34.53
N VAL H 19 -29.22 -55.87 34.06
CA VAL H 19 -27.95 -56.50 34.43
C VAL H 19 -27.00 -55.43 34.95
N THR H 20 -26.06 -55.89 35.79
CA THR H 20 -25.07 -55.01 36.41
C THR H 20 -23.72 -55.72 36.39
N ILE H 21 -22.69 -55.01 35.93
CA ILE H 21 -21.35 -55.57 35.74
C ILE H 21 -20.35 -54.68 36.48
N THR H 22 -19.47 -55.31 37.26
CA THR H 22 -18.61 -54.60 38.20
C THR H 22 -17.16 -54.59 37.73
N CYS H 23 -16.59 -53.39 37.67
CA CYS H 23 -15.16 -53.16 37.44
C CYS H 23 -14.54 -52.72 38.76
N ARG H 24 -13.45 -53.41 39.13
CA ARG H 24 -12.72 -53.20 40.38
C ARG H 24 -11.29 -52.83 40.01
N ALA H 25 -10.81 -51.71 40.55
CA ALA H 25 -9.47 -51.19 40.28
C ALA H 25 -8.55 -51.49 41.45
N SER H 26 -7.29 -51.80 41.13
CA SER H 26 -6.34 -52.18 42.17
C SER H 26 -5.84 -50.97 42.95
N GLN H 27 -5.94 -49.77 42.38
CA GLN H 27 -5.49 -48.55 43.04
C GLN H 27 -6.57 -47.48 42.92
N GLY H 28 -6.37 -46.40 43.68
CA GLY H 28 -7.31 -45.29 43.66
C GLY H 28 -7.21 -44.53 42.35
N VAL H 29 -8.32 -44.41 41.64
CA VAL H 29 -8.32 -43.91 40.27
C VAL H 29 -9.29 -42.73 40.10
N ARG H 30 -9.96 -42.34 41.19
CA ARG H 30 -10.99 -41.29 41.25
C ARG H 30 -12.09 -41.71 40.27
N ASN H 31 -12.60 -40.82 39.42
CA ASN H 31 -13.66 -41.18 38.48
C ASN H 31 -13.15 -41.28 37.03
N GLU H 32 -11.86 -41.53 36.83
CA GLU H 32 -11.29 -41.56 35.48
C GLU H 32 -11.23 -42.99 34.96
N LEU H 33 -12.40 -43.50 34.60
CA LEU H 33 -12.65 -44.75 33.87
C LEU H 33 -13.72 -44.58 32.82
N ALA H 34 -13.53 -45.31 31.72
CA ALA H 34 -14.43 -45.28 30.58
C ALA H 34 -14.87 -46.71 30.24
N TRP H 35 -16.10 -46.80 29.75
CA TRP H 35 -16.82 -48.03 29.48
C TRP H 35 -17.08 -48.16 27.98
N TYR H 36 -16.70 -49.31 27.41
CA TYR H 36 -16.70 -49.57 25.98
C TYR H 36 -17.43 -50.87 25.65
N GLN H 37 -18.00 -50.94 24.45
CA GLN H 37 -18.70 -52.11 23.94
C GLN H 37 -18.06 -52.55 22.63
N GLN H 38 -17.75 -53.84 22.51
CA GLN H 38 -17.13 -54.40 21.32
C GLN H 38 -17.93 -55.60 20.84
N LYS H 39 -18.33 -55.55 19.58
CA LYS H 39 -18.81 -56.67 18.79
C LYS H 39 -17.63 -57.40 18.19
N PRO H 40 -17.68 -58.73 18.10
CA PRO H 40 -16.59 -59.48 17.45
C PRO H 40 -16.44 -59.13 15.97
N GLY H 41 -15.21 -58.85 15.56
CA GLY H 41 -14.91 -58.43 14.21
C GLY H 41 -15.01 -56.94 13.95
N LYS H 42 -15.51 -56.16 14.92
CA LYS H 42 -15.66 -54.72 14.77
C LYS H 42 -14.90 -54.00 15.87
N ALA H 43 -14.69 -52.70 15.67
CA ALA H 43 -13.98 -51.89 16.64
C ALA H 43 -14.88 -51.58 17.84
N PRO H 44 -14.30 -51.48 19.04
CA PRO H 44 -15.06 -51.02 20.20
C PRO H 44 -15.56 -49.58 20.06
N ASN H 45 -16.73 -49.33 20.64
CA ASN H 45 -17.36 -48.02 20.63
C ASN H 45 -17.57 -47.60 22.09
N LEU H 46 -17.43 -46.30 22.36
CA LEU H 46 -17.50 -45.80 23.72
C LEU H 46 -18.95 -45.62 24.15
N LEU H 47 -19.25 -46.00 25.39
CA LEU H 47 -20.52 -45.66 26.02
C LEU H 47 -20.35 -44.62 27.10
N ILE H 48 -19.45 -44.83 28.05
CA ILE H 48 -19.41 -43.98 29.24
C ILE H 48 -18.02 -43.39 29.40
N TYR H 49 -17.94 -42.06 29.49
CA TYR H 49 -16.77 -41.36 29.97
C TYR H 49 -17.14 -40.66 31.27
N TYR H 50 -16.10 -40.36 32.08
CA TYR H 50 -16.21 -39.80 33.44
C TYR H 50 -16.98 -40.70 34.41
N ALA H 51 -17.14 -41.99 34.07
CA ALA H 51 -17.74 -43.07 34.86
C ALA H 51 -19.22 -42.87 35.20
N SER H 52 -19.81 -41.75 34.79
CA SER H 52 -21.23 -41.50 35.04
C SER H 52 -21.94 -40.80 33.88
N THR H 53 -21.22 -40.24 32.92
CA THR H 53 -21.81 -39.40 31.89
C THR H 53 -22.02 -40.21 30.61
N LEU H 54 -23.18 -40.01 29.98
CA LEU H 54 -23.51 -40.73 28.76
C LEU H 54 -22.87 -40.08 27.54
N GLN H 55 -22.32 -40.90 26.65
CA GLN H 55 -21.83 -40.41 25.37
C GLN H 55 -23.02 -40.11 24.47
N SER H 56 -22.90 -39.02 23.69
CA SER H 56 -23.92 -38.67 22.71
C SER H 56 -24.04 -39.76 21.64
N GLY H 57 -25.28 -40.17 21.36
CA GLY H 57 -25.56 -41.26 20.46
C GLY H 57 -25.84 -42.59 21.14
N VAL H 58 -25.40 -42.76 22.38
CA VAL H 58 -25.70 -43.94 23.17
C VAL H 58 -27.12 -43.83 23.69
N PRO H 59 -27.94 -44.87 23.60
CA PRO H 59 -29.30 -44.80 24.14
C PRO H 59 -29.30 -44.72 25.67
N SER H 60 -30.39 -44.20 26.20
CA SER H 60 -30.51 -43.86 27.62
C SER H 60 -30.71 -45.07 28.53
N ARG H 61 -30.83 -46.27 27.97
CA ARG H 61 -31.03 -47.46 28.81
C ARG H 61 -29.75 -47.88 29.55
N PHE H 62 -28.60 -47.35 29.17
CA PHE H 62 -27.35 -47.70 29.82
C PHE H 62 -27.05 -46.67 30.90
N SER H 63 -26.37 -47.11 31.96
CA SER H 63 -25.97 -46.20 33.02
C SER H 63 -24.69 -46.74 33.66
N ALA H 64 -23.98 -45.86 34.36
CA ALA H 64 -22.77 -46.25 35.05
C ALA H 64 -22.60 -45.42 36.31
N THR H 65 -22.33 -46.10 37.42
CA THR H 65 -22.13 -45.47 38.72
C THR H 65 -20.81 -45.94 39.32
N GLY H 66 -20.41 -45.29 40.41
CA GLY H 66 -19.24 -45.74 41.14
C GLY H 66 -18.29 -44.64 41.56
N SER H 67 -17.37 -44.98 42.45
CA SER H 67 -16.31 -44.08 42.90
C SER H 67 -15.18 -44.92 43.47
N GLY H 68 -14.03 -44.27 43.67
CA GLY H 68 -12.88 -44.92 44.27
C GLY H 68 -12.33 -46.05 43.42
N THR H 69 -12.56 -47.28 43.86
CA THR H 69 -12.20 -48.48 43.13
C THR H 69 -13.40 -49.31 42.70
N HIS H 70 -14.62 -48.89 43.04
CA HIS H 70 -15.80 -49.70 42.79
C HIS H 70 -16.72 -49.02 41.77
N PHE H 71 -17.02 -49.76 40.69
CA PHE H 71 -17.53 -49.22 39.42
C PHE H 71 -18.53 -50.20 38.82
N THR H 72 -19.70 -49.68 38.43
CA THR H 72 -20.80 -50.51 37.96
C THR H 72 -21.35 -49.96 36.65
N LEU H 73 -21.56 -50.87 35.69
CA LEU H 73 -22.35 -50.59 34.49
C LEU H 73 -23.68 -51.32 34.60
N THR H 74 -24.78 -50.61 34.35
CA THR H 74 -26.11 -51.16 34.51
C THR H 74 -26.90 -50.97 33.22
N VAL H 75 -27.45 -52.06 32.71
CA VAL H 75 -28.37 -52.03 31.58
C VAL H 75 -29.76 -52.33 32.13
N SER H 76 -30.69 -51.38 31.93
CA SER H 76 -32.03 -51.50 32.50
C SER H 76 -32.87 -52.52 31.75
N SER H 77 -32.73 -52.59 30.42
CA SER H 77 -33.51 -53.53 29.62
C SER H 77 -32.64 -54.00 28.47
N LEU H 78 -32.40 -55.30 28.39
CA LEU H 78 -31.55 -55.86 27.35
C LEU H 78 -32.28 -55.95 26.03
N GLN H 79 -31.64 -55.43 24.98
CA GLN H 79 -32.03 -55.53 23.59
C GLN H 79 -31.11 -56.50 22.88
N PRO H 80 -31.56 -57.12 21.76
CA PRO H 80 -30.68 -58.07 21.06
C PRO H 80 -29.43 -57.47 20.44
N GLU H 81 -29.38 -56.16 20.22
CA GLU H 81 -28.15 -55.53 19.73
C GLU H 81 -27.16 -55.22 20.85
N ASP H 82 -27.56 -55.41 22.10
CA ASP H 82 -26.74 -55.04 23.25
C ASP H 82 -25.88 -56.19 23.75
N PHE H 83 -25.86 -57.31 23.03
CA PHE H 83 -25.25 -58.55 23.51
C PHE H 83 -23.83 -58.58 22.95
N ALA H 84 -22.85 -58.10 23.72
CA ALA H 84 -21.49 -57.91 23.22
C ALA H 84 -20.51 -57.98 24.40
N THR H 85 -19.28 -57.56 24.16
CA THR H 85 -18.22 -57.64 25.16
C THR H 85 -17.91 -56.25 25.72
N TYR H 86 -17.94 -56.11 27.04
CA TYR H 86 -17.85 -54.81 27.69
C TYR H 86 -16.51 -54.65 28.40
N PHE H 87 -15.93 -53.45 28.31
CA PHE H 87 -14.59 -53.17 28.81
C PHE H 87 -14.58 -51.90 29.66
N CYS H 88 -13.68 -51.87 30.66
CA CYS H 88 -13.37 -50.66 31.42
C CYS H 88 -11.88 -50.34 31.30
N GLN H 89 -11.56 -49.05 31.15
CA GLN H 89 -10.16 -48.65 31.02
C GLN H 89 -9.94 -47.28 31.64
N HIS H 90 -8.80 -47.08 32.31
CA HIS H 90 -8.56 -45.89 33.11
C HIS H 90 -7.47 -45.02 32.48
N MET H 91 -7.35 -43.81 33.06
CA MET H 91 -6.31 -42.86 32.67
C MET H 91 -5.79 -41.97 33.82
N SER H 92 -5.77 -42.47 35.06
CA SER H 92 -5.16 -41.70 36.14
C SER H 92 -3.63 -41.70 36.06
N SER H 93 -3.02 -42.80 35.62
CA SER H 93 -1.58 -42.91 35.63
C SER H 93 -1.10 -43.81 34.51
N TYR H 94 0.16 -43.63 34.12
CA TYR H 94 0.78 -44.49 33.11
C TYR H 94 1.19 -45.81 33.74
N PRO H 95 1.14 -46.93 32.98
CA PRO H 95 0.61 -47.11 31.62
C PRO H 95 -0.88 -47.36 31.65
N LEU H 96 -1.56 -47.29 30.51
CA LEU H 96 -3.00 -47.47 30.49
C LEU H 96 -3.29 -48.96 30.36
N THR H 97 -4.16 -49.50 31.20
CA THR H 97 -4.54 -50.90 31.08
C THR H 97 -6.05 -51.03 30.95
N PHE H 98 -6.46 -51.99 30.13
CA PHE H 98 -7.85 -52.30 29.88
C PHE H 98 -8.29 -53.44 30.79
N GLY H 99 -9.61 -53.57 30.95
CA GLY H 99 -10.14 -54.65 31.75
C GLY H 99 -10.09 -55.99 31.03
N GLY H 100 -10.48 -57.03 31.77
CA GLY H 100 -10.46 -58.37 31.20
C GLY H 100 -11.54 -58.63 30.17
N GLY H 101 -12.63 -57.88 30.21
CA GLY H 101 -13.71 -58.06 29.26
C GLY H 101 -14.82 -58.93 29.80
N THR H 102 -16.06 -58.55 29.55
CA THR H 102 -17.23 -59.29 30.02
C THR H 102 -18.11 -59.61 28.83
N LYS H 103 -18.19 -60.89 28.48
CA LYS H 103 -19.03 -61.35 27.37
C LYS H 103 -20.39 -61.74 27.92
N VAL H 104 -21.45 -61.19 27.31
CA VAL H 104 -22.82 -61.45 27.71
C VAL H 104 -23.52 -62.20 26.59
N GLU H 105 -24.38 -63.15 26.96
CA GLU H 105 -25.03 -64.02 26.00
C GLU H 105 -26.38 -64.48 26.58
N GLN I 1 -21.23 37.30 5.02
CA GLN I 1 -21.17 35.89 4.68
C GLN I 1 -21.91 35.04 5.72
N GLU I 2 -21.65 35.30 6.99
CA GLU I 2 -22.30 34.61 8.10
C GLU I 2 -23.71 35.18 8.23
N VAL I 3 -24.66 34.56 7.55
CA VAL I 3 -26.02 35.07 7.39
C VAL I 3 -27.00 33.94 7.74
N LEU I 4 -28.13 34.29 8.36
CA LEU I 4 -29.20 33.35 8.65
C LEU I 4 -30.40 33.61 7.74
N VAL I 5 -30.93 32.55 7.13
CA VAL I 5 -32.05 32.63 6.20
C VAL I 5 -33.19 31.75 6.71
N GLN I 6 -34.39 32.32 6.79
CA GLN I 6 -35.53 31.66 7.39
C GLN I 6 -36.60 31.41 6.33
N SER I 7 -37.74 30.87 6.77
CA SER I 7 -38.88 30.70 5.88
C SER I 7 -39.68 31.99 5.75
N GLY I 8 -40.71 31.96 4.90
CA GLY I 8 -41.56 33.11 4.70
C GLY I 8 -42.60 33.30 5.78
N ALA I 9 -43.45 34.31 5.57
CA ALA I 9 -44.50 34.65 6.52
C ALA I 9 -45.61 33.61 6.54
N GLU I 10 -46.21 33.43 7.71
CA GLU I 10 -47.27 32.47 7.93
C GLU I 10 -48.45 33.11 8.66
N VAL I 11 -49.66 32.78 8.22
CA VAL I 11 -50.89 33.21 8.87
C VAL I 11 -51.69 31.96 9.20
N LYS I 12 -52.01 31.76 10.48
CA LYS I 12 -52.60 30.51 10.94
C LYS I 12 -53.60 30.80 12.05
N LYS I 13 -54.64 29.95 12.14
CA LYS I 13 -55.74 30.11 13.09
C LYS I 13 -55.28 29.84 14.52
N PRO I 14 -55.98 30.41 15.52
CA PRO I 14 -55.65 30.09 16.92
C PRO I 14 -55.91 28.64 17.27
N GLY I 15 -55.11 28.13 18.21
CA GLY I 15 -55.21 26.76 18.67
C GLY I 15 -54.39 25.76 17.89
N ALA I 16 -53.81 26.18 16.75
CA ALA I 16 -53.03 25.30 15.90
C ALA I 16 -51.56 25.39 16.26
N SER I 17 -50.70 24.91 15.37
CA SER I 17 -49.25 24.99 15.55
C SER I 17 -48.62 25.56 14.28
N VAL I 18 -47.48 26.22 14.45
CA VAL I 18 -46.70 26.79 13.35
C VAL I 18 -45.27 26.29 13.47
N LYS I 19 -44.60 26.20 12.32
CA LYS I 19 -43.23 25.73 12.22
C LYS I 19 -42.43 26.70 11.35
N VAL I 20 -41.36 27.26 11.92
CA VAL I 20 -40.46 28.11 11.17
C VAL I 20 -39.07 27.49 11.16
N SER I 21 -38.26 27.91 10.19
CA SER I 21 -36.94 27.37 9.93
C SER I 21 -35.89 28.45 10.08
N CYS I 22 -34.64 28.03 10.24
CA CYS I 22 -33.49 28.95 10.23
C CYS I 22 -32.27 28.18 9.75
N ARG I 23 -31.76 28.53 8.58
CA ARG I 23 -30.63 27.87 7.96
C ARG I 23 -29.45 28.84 7.93
N ALA I 24 -28.25 28.31 8.23
CA ALA I 24 -27.07 29.14 8.41
C ALA I 24 -26.15 29.04 7.19
N PHE I 25 -25.64 30.20 6.74
CA PHE I 25 -24.64 30.26 5.68
C PHE I 25 -23.43 31.01 6.21
N GLY I 26 -22.25 30.59 5.75
CA GLY I 26 -21.02 31.30 6.02
C GLY I 26 -20.23 30.85 7.23
N TYR I 27 -20.80 30.01 8.10
CA TYR I 27 -20.05 29.51 9.24
C TYR I 27 -20.43 28.06 9.47
N THR I 28 -19.71 27.42 10.40
CA THR I 28 -20.01 26.05 10.81
C THR I 28 -21.14 26.07 11.82
N PHE I 29 -22.25 25.37 11.50
CA PHE I 29 -23.47 25.48 12.29
C PHE I 29 -23.26 24.88 13.69
N THR I 30 -22.47 23.81 13.79
CA THR I 30 -22.33 23.08 15.04
C THR I 30 -21.31 23.70 15.99
N GLY I 31 -20.78 24.88 15.65
CA GLY I 31 -19.79 25.54 16.49
C GLY I 31 -20.35 26.62 17.39
N ASN I 32 -21.60 27.02 17.16
CA ASN I 32 -22.21 28.08 17.95
C ASN I 32 -23.67 27.75 18.22
N ALA I 33 -24.15 28.11 19.41
CA ALA I 33 -25.53 27.89 19.79
C ALA I 33 -26.42 28.97 19.18
N LEU I 34 -27.74 28.72 19.22
CA LEU I 34 -28.70 29.58 18.53
C LEU I 34 -29.83 29.98 19.47
N HIS I 35 -30.11 31.28 19.53
CA HIS I 35 -31.21 31.86 20.29
C HIS I 35 -32.38 32.16 19.38
N TRP I 36 -33.59 32.22 19.96
CA TRP I 36 -34.77 32.67 19.23
C TRP I 36 -35.40 33.84 19.98
N VAL I 37 -35.72 34.91 19.24
CA VAL I 37 -36.17 36.18 19.79
C VAL I 37 -37.44 36.62 19.07
N ARG I 38 -38.51 36.90 19.81
CA ARG I 38 -39.73 37.37 19.17
C ARG I 38 -39.99 38.83 19.52
N GLN I 39 -40.78 39.49 18.66
CA GLN I 39 -41.12 40.90 18.81
C GLN I 39 -42.59 41.09 18.48
N ALA I 40 -43.35 41.60 19.44
CA ALA I 40 -44.69 42.08 19.13
C ALA I 40 -44.60 43.38 18.33
N PRO I 41 -45.56 43.64 17.44
CA PRO I 41 -45.55 44.89 16.66
C PRO I 41 -45.79 46.10 17.56
N GLY I 42 -44.85 47.03 17.54
CA GLY I 42 -44.92 48.22 18.37
C GLY I 42 -44.41 48.04 19.79
N GLN I 43 -43.94 46.86 20.15
CA GLN I 43 -43.45 46.57 21.49
C GLN I 43 -41.97 46.20 21.40
N GLY I 44 -41.41 45.80 22.54
CA GLY I 44 -40.04 45.37 22.61
C GLY I 44 -39.86 43.95 22.14
N LEU I 45 -38.64 43.44 22.31
CA LEU I 45 -38.29 42.09 21.91
C LEU I 45 -38.58 41.15 23.08
N GLU I 46 -38.86 39.87 22.77
CA GLU I 46 -39.09 38.85 23.79
C GLU I 46 -38.32 37.59 23.40
N TRP I 47 -37.73 36.94 24.40
CA TRP I 47 -36.86 35.77 24.21
C TRP I 47 -37.60 34.48 24.53
N LEU I 48 -37.33 33.42 23.76
CA LEU I 48 -38.00 32.14 23.90
C LEU I 48 -37.08 31.02 24.42
N GLY I 49 -36.00 30.73 23.71
CA GLY I 49 -35.14 29.63 24.09
C GLY I 49 -33.91 29.57 23.21
N TRP I 50 -33.05 28.60 23.53
CA TRP I 50 -31.79 28.51 22.83
C TRP I 50 -31.38 27.05 22.73
N ILE I 51 -30.78 26.71 21.59
CA ILE I 51 -30.51 25.32 21.21
C ILE I 51 -29.02 25.18 20.90
N ASN I 52 -28.42 24.13 21.44
CA ASN I 52 -27.10 23.68 20.98
C ASN I 52 -27.29 22.81 19.74
N PRO I 53 -26.74 23.20 18.59
CA PRO I 53 -26.95 22.41 17.37
C PRO I 53 -26.16 21.12 17.36
N HIS I 54 -25.04 21.07 18.07
CA HIS I 54 -24.19 19.87 18.04
C HIS I 54 -24.79 18.74 18.87
N SER I 55 -25.35 19.07 20.03
CA SER I 55 -25.90 18.04 20.92
C SER I 55 -27.40 17.87 20.78
N GLY I 56 -28.10 18.90 20.29
CA GLY I 56 -29.54 18.87 20.22
C GLY I 56 -30.24 19.23 21.52
N ASP I 57 -29.49 19.57 22.56
CA ASP I 57 -30.07 19.95 23.83
C ASP I 57 -30.72 21.33 23.71
N THR I 58 -31.83 21.51 24.43
CA THR I 58 -32.63 22.72 24.35
C THR I 58 -32.79 23.33 25.74
N THR I 59 -32.91 24.66 25.78
CA THR I 59 -33.24 25.36 27.02
C THR I 59 -34.30 26.42 26.71
N THR I 60 -35.44 26.34 27.40
CA THR I 60 -36.61 27.13 27.09
C THR I 60 -36.96 28.04 28.26
N SER I 61 -37.44 29.25 27.96
CA SER I 61 -37.98 30.13 28.99
C SER I 61 -39.21 29.50 29.64
N GLN I 62 -39.33 29.67 30.95
CA GLN I 62 -40.32 28.93 31.73
C GLN I 62 -41.74 29.45 31.55
N LYS I 63 -41.92 30.63 30.95
CA LYS I 63 -43.25 31.04 30.52
C LYS I 63 -43.70 30.18 29.34
N PHE I 64 -42.76 29.75 28.50
CA PHE I 64 -43.05 29.04 27.27
C PHE I 64 -42.66 27.56 27.34
N GLN I 65 -42.58 26.99 28.54
CA GLN I 65 -42.23 25.58 28.67
C GLN I 65 -43.40 24.71 28.25
N GLY I 66 -43.11 23.66 27.49
CA GLY I 66 -44.13 22.77 26.98
C GLY I 66 -44.94 23.30 25.84
N ARG I 67 -44.61 24.49 25.32
CA ARG I 67 -45.39 25.14 24.27
C ARG I 67 -44.59 25.41 23.01
N VAL I 68 -43.33 25.84 23.12
CA VAL I 68 -42.45 26.05 21.98
C VAL I 68 -41.37 24.97 22.02
N TYR I 69 -41.07 24.38 20.86
CA TYR I 69 -40.11 23.30 20.75
C TYR I 69 -39.06 23.61 19.70
N MET I 70 -37.87 23.06 19.92
CA MET I 70 -36.67 23.38 19.16
C MET I 70 -36.04 22.10 18.66
N THR I 71 -35.84 21.98 17.35
CA THR I 71 -35.20 20.81 16.76
C THR I 71 -34.10 21.29 15.81
N ARG I 72 -33.31 20.33 15.32
CA ARG I 72 -32.19 20.66 14.44
C ARG I 72 -31.98 19.54 13.43
N ASP I 73 -31.33 19.90 12.32
CA ASP I 73 -30.93 18.96 11.29
C ASP I 73 -29.55 19.37 10.80
N LYS I 74 -28.55 18.52 11.07
CA LYS I 74 -27.17 18.82 10.70
C LYS I 74 -26.87 18.59 9.23
N SER I 75 -27.67 17.78 8.54
CA SER I 75 -27.38 17.48 7.13
C SER I 75 -27.65 18.66 6.23
N ILE I 76 -28.67 19.46 6.54
CA ILE I 76 -29.02 20.64 5.76
C ILE I 76 -28.80 21.93 6.55
N ASN I 77 -28.20 21.83 7.74
CA ASN I 77 -27.81 22.97 8.59
C ASN I 77 -29.00 23.86 8.96
N THR I 78 -30.07 23.24 9.47
CA THR I 78 -31.28 23.99 9.82
C THR I 78 -31.65 23.79 11.28
N ALA I 79 -32.19 24.83 11.89
CA ALA I 79 -32.84 24.74 13.19
C ALA I 79 -34.31 25.12 13.05
N PHE I 80 -35.18 24.32 13.67
CA PHE I 80 -36.61 24.45 13.50
C PHE I 80 -37.26 24.84 14.83
N LEU I 81 -38.21 25.78 14.76
CA LEU I 81 -39.02 26.20 15.90
C LEU I 81 -40.47 25.83 15.65
N ASP I 82 -41.11 25.26 16.67
CA ASP I 82 -42.52 24.91 16.65
C ASP I 82 -43.22 25.68 17.77
N VAL I 83 -44.30 26.40 17.44
CA VAL I 83 -45.19 26.98 18.44
C VAL I 83 -46.55 26.30 18.33
N THR I 84 -46.96 25.64 19.40
CA THR I 84 -48.26 24.98 19.46
C THR I 84 -49.21 25.82 20.31
N ARG I 85 -50.51 25.55 20.13
CA ARG I 85 -51.61 26.17 20.88
C ARG I 85 -51.62 27.69 20.73
N LEU I 86 -51.88 28.12 19.50
CA LEU I 86 -51.73 29.53 19.14
C LEU I 86 -52.83 30.39 19.77
N THR I 87 -52.45 31.57 20.21
CA THR I 87 -53.35 32.61 20.69
C THR I 87 -53.21 33.85 19.80
N SER I 88 -53.82 34.96 20.24
CA SER I 88 -53.62 36.22 19.53
C SER I 88 -52.41 37.00 20.04
N ASP I 89 -51.79 36.56 21.13
CA ASP I 89 -50.67 37.32 21.72
C ASP I 89 -49.34 37.05 21.02
N ASP I 90 -49.25 35.98 20.22
CA ASP I 90 -48.00 35.55 19.63
C ASP I 90 -47.75 36.11 18.23
N THR I 91 -48.65 36.95 17.73
CA THR I 91 -48.48 37.56 16.41
C THR I 91 -47.33 38.56 16.45
N GLY I 92 -46.35 38.37 15.58
CA GLY I 92 -45.19 39.24 15.58
C GLY I 92 -44.09 38.65 14.73
N ILE I 93 -42.89 39.18 14.94
CA ILE I 93 -41.72 38.82 14.14
C ILE I 93 -40.82 37.89 14.96
N TYR I 94 -40.48 36.75 14.37
CA TYR I 94 -39.64 35.74 14.98
C TYR I 94 -38.26 35.85 14.33
N TYR I 95 -37.21 35.95 15.14
CA TYR I 95 -35.83 35.98 14.67
C TYR I 95 -35.06 34.81 15.25
N CYS I 96 -34.19 34.23 14.42
CA CYS I 96 -33.16 33.32 14.91
C CYS I 96 -31.84 34.08 14.95
N ALA I 97 -31.02 33.80 15.95
CA ALA I 97 -29.85 34.61 16.25
C ALA I 97 -28.70 33.71 16.65
N ARG I 98 -27.52 33.96 16.10
CA ARG I 98 -26.34 33.21 16.50
C ARG I 98 -25.63 33.89 17.65
N ASP I 99 -25.46 33.16 18.75
CA ASP I 99 -24.65 33.63 19.87
C ASP I 99 -23.17 33.59 19.48
N LYS I 100 -22.40 34.54 20.02
CA LYS I 100 -20.98 34.59 19.70
C LYS I 100 -20.22 33.49 20.45
N TYR I 101 -20.65 33.20 21.69
CA TYR I 101 -20.36 31.96 22.41
C TYR I 101 -18.87 31.76 22.67
N TYR I 102 -18.30 32.67 23.46
CA TYR I 102 -16.94 32.54 23.96
C TYR I 102 -16.93 31.94 25.35
N GLY I 103 -16.00 31.02 25.60
CA GLY I 103 -15.80 30.43 26.91
C GLY I 103 -16.94 29.55 27.41
N ASN I 104 -17.63 28.88 26.48
CA ASN I 104 -18.77 27.98 26.76
C ASN I 104 -19.88 28.67 27.55
N GLU I 105 -20.17 29.92 27.17
CA GLU I 105 -21.26 30.66 27.79
C GLU I 105 -21.79 31.67 26.78
N ALA I 106 -23.00 32.15 27.05
CA ALA I 106 -23.61 33.14 26.17
C ALA I 106 -22.90 34.48 26.33
N VAL I 107 -22.60 35.11 25.19
CA VAL I 107 -21.88 36.38 25.16
C VAL I 107 -22.70 37.48 24.51
N GLY I 108 -23.13 37.26 23.26
CA GLY I 108 -23.89 38.24 22.52
C GLY I 108 -24.34 37.70 21.18
N MET I 109 -25.50 38.14 20.72
CA MET I 109 -26.10 37.59 19.50
C MET I 109 -25.71 38.51 18.34
N ASP I 110 -24.68 38.14 17.59
CA ASP I 110 -24.08 39.04 16.61
C ASP I 110 -24.64 38.90 15.19
N VAL I 111 -25.24 37.76 14.86
CA VAL I 111 -25.77 37.50 13.52
C VAL I 111 -27.26 37.20 13.64
N TRP I 112 -28.10 38.01 12.98
CA TRP I 112 -29.53 37.78 13.04
C TRP I 112 -30.08 37.62 11.63
N GLY I 113 -31.21 36.91 11.49
CA GLY I 113 -31.89 36.82 10.24
C GLY I 113 -32.79 38.02 9.98
N GLN I 114 -33.51 37.98 8.86
CA GLN I 114 -34.34 39.14 8.54
C GLN I 114 -35.79 38.99 8.99
N GLY I 115 -36.12 37.99 9.81
CA GLY I 115 -37.37 37.94 10.53
C GLY I 115 -38.47 37.17 9.83
N THR I 116 -39.43 36.69 10.63
CA THR I 116 -40.59 35.94 10.15
C THR I 116 -41.85 36.55 10.75
N SER I 117 -42.77 36.97 9.89
CA SER I 117 -44.04 37.51 10.36
C SER I 117 -45.02 36.37 10.55
N VAL I 118 -45.44 36.15 11.80
CA VAL I 118 -46.42 35.11 12.13
C VAL I 118 -47.66 35.83 12.65
N THR I 119 -48.80 35.58 12.01
CA THR I 119 -50.04 36.22 12.38
C THR I 119 -51.07 35.19 12.82
N ASP J 1 -38.75 37.42 37.81
CA ASP J 1 -37.57 37.32 36.96
C ASP J 1 -36.64 38.51 37.15
N ILE J 2 -36.05 38.93 36.03
CA ILE J 2 -34.97 39.92 36.02
C ILE J 2 -35.53 41.12 35.27
N GLN J 3 -35.54 42.28 35.90
CA GLN J 3 -36.13 43.47 35.28
C GLN J 3 -35.06 44.50 34.90
N LEU J 4 -35.20 45.04 33.70
CA LEU J 4 -34.25 46.01 33.14
C LEU J 4 -35.00 47.27 32.76
N THR J 5 -34.49 48.42 33.22
CA THR J 5 -35.10 49.71 32.89
C THR J 5 -34.10 50.57 32.13
N GLN J 6 -34.55 51.13 31.01
CA GLN J 6 -33.73 52.03 30.20
C GLN J 6 -34.21 53.47 30.41
N SER J 7 -33.28 54.36 30.71
CA SER J 7 -33.61 55.76 30.96
C SER J 7 -32.74 56.66 30.09
N PRO J 8 -33.35 57.61 29.36
CA PRO J 8 -34.79 57.88 29.24
C PRO J 8 -35.44 56.97 28.20
N SER J 9 -36.78 56.95 28.08
CA SER J 9 -37.40 56.18 27.02
C SER J 9 -37.30 56.87 25.68
N PHE J 10 -37.64 58.16 25.61
CA PHE J 10 -37.51 58.96 24.39
C PHE J 10 -36.51 60.07 24.66
N LEU J 11 -35.48 60.17 23.84
CA LEU J 11 -34.48 61.22 23.95
C LEU J 11 -34.39 61.97 22.63
N SER J 12 -34.36 63.29 22.70
CA SER J 12 -34.22 64.15 21.54
C SER J 12 -32.85 64.81 21.57
N ALA J 13 -32.14 64.73 20.44
CA ALA J 13 -30.81 65.33 20.32
C ALA J 13 -30.54 65.67 18.87
N SER J 14 -29.57 66.54 18.66
CA SER J 14 -29.18 66.99 17.33
C SER J 14 -27.97 66.19 16.83
N VAL J 15 -27.59 66.47 15.59
CA VAL J 15 -26.47 65.77 14.95
C VAL J 15 -25.17 66.29 15.52
N GLY J 16 -24.34 65.39 16.04
CA GLY J 16 -23.06 65.75 16.62
C GLY J 16 -23.04 65.82 18.13
N ASP J 17 -24.16 65.57 18.79
CA ASP J 17 -24.22 65.64 20.24
C ASP J 17 -23.60 64.39 20.87
N LYS J 18 -23.13 64.55 22.11
CA LYS J 18 -22.62 63.45 22.92
C LYS J 18 -23.72 63.00 23.86
N VAL J 19 -24.18 61.76 23.70
CA VAL J 19 -25.38 61.29 24.39
C VAL J 19 -25.05 60.02 25.18
N THR J 20 -25.42 60.04 26.46
CA THR J 20 -25.23 58.91 27.37
C THR J 20 -26.59 58.43 27.84
N ILE J 21 -26.88 57.15 27.62
CA ILE J 21 -28.17 56.55 27.99
C ILE J 21 -27.89 55.40 28.98
N THR J 22 -28.83 55.19 29.91
CA THR J 22 -28.56 54.42 31.13
C THR J 22 -29.43 53.18 31.18
N CYS J 23 -28.82 52.04 31.56
CA CYS J 23 -29.53 50.79 31.79
C CYS J 23 -29.35 50.37 33.25
N ARG J 24 -30.46 50.06 33.91
CA ARG J 24 -30.52 49.57 35.28
C ARG J 24 -31.02 48.13 35.30
N ALA J 25 -30.34 47.28 36.07
CA ALA J 25 -30.77 45.93 36.36
C ALA J 25 -31.21 45.81 37.81
N SER J 26 -32.18 44.93 38.06
CA SER J 26 -32.76 44.81 39.40
C SER J 26 -31.84 44.12 40.38
N GLN J 27 -30.88 43.34 39.91
CA GLN J 27 -29.85 42.83 40.80
C GLN J 27 -28.48 43.12 40.19
N GLY J 28 -27.45 42.73 40.94
CA GLY J 28 -26.12 42.64 40.39
C GLY J 28 -26.09 41.60 39.30
N VAL J 29 -25.72 42.01 38.09
CA VAL J 29 -25.55 41.07 37.00
C VAL J 29 -24.12 41.06 36.50
N ARG J 30 -23.20 41.65 37.28
CA ARG J 30 -21.75 41.69 37.06
C ARG J 30 -21.52 42.44 35.74
N ASN J 31 -20.92 41.86 34.71
CA ASN J 31 -20.39 42.62 33.60
C ASN J 31 -20.91 42.06 32.27
N GLU J 32 -21.72 41.01 32.31
CA GLU J 32 -22.25 40.38 31.10
C GLU J 32 -23.51 41.13 30.63
N LEU J 33 -23.27 42.24 29.94
CA LEU J 33 -24.32 43.02 29.31
C LEU J 33 -23.96 43.13 27.83
N ALA J 34 -24.98 43.21 26.97
CA ALA J 34 -24.79 43.43 25.54
C ALA J 34 -25.73 44.53 25.05
N TRP J 35 -25.18 45.43 24.23
CA TRP J 35 -25.92 46.55 23.64
C TRP J 35 -26.17 46.28 22.16
N TYR J 36 -27.42 46.49 21.74
CA TYR J 36 -27.91 46.26 20.38
C TYR J 36 -28.58 47.50 19.83
N GLN J 37 -28.52 47.67 18.51
CA GLN J 37 -29.13 48.79 17.81
C GLN J 37 -30.08 48.27 16.75
N GLN J 38 -31.30 48.80 16.72
CA GLN J 38 -32.34 48.38 15.78
C GLN J 38 -32.93 49.60 15.09
N LYS J 39 -33.05 49.53 13.74
CA LYS J 39 -33.83 50.40 12.88
C LYS J 39 -35.18 49.75 12.58
N PRO J 40 -36.24 50.53 12.35
CA PRO J 40 -37.55 49.94 12.06
C PRO J 40 -37.58 49.20 10.74
N GLY J 41 -38.20 48.02 10.76
CA GLY J 41 -38.23 47.15 9.60
C GLY J 41 -36.98 46.31 9.41
N LYS J 42 -36.02 46.39 10.32
CA LYS J 42 -34.77 45.66 10.22
C LYS J 42 -34.52 44.88 11.51
N ALA J 43 -33.61 43.92 11.42
CA ALA J 43 -33.18 43.20 12.60
C ALA J 43 -32.17 44.02 13.39
N PRO J 44 -32.16 43.88 14.72
CA PRO J 44 -31.09 44.47 15.53
C PRO J 44 -29.72 43.91 15.20
N ASN J 45 -28.72 44.78 15.31
CA ASN J 45 -27.33 44.46 15.08
C ASN J 45 -26.62 44.71 16.40
N LEU J 46 -25.57 43.93 16.66
CA LEU J 46 -24.89 44.00 17.96
C LEU J 46 -23.88 45.13 17.94
N LEU J 47 -23.85 45.90 19.03
CA LEU J 47 -22.88 46.96 19.23
C LEU J 47 -21.84 46.61 20.27
N ILE J 48 -22.26 46.23 21.48
CA ILE J 48 -21.35 45.99 22.59
C ILE J 48 -21.61 44.60 23.14
N TYR J 49 -20.55 43.82 23.30
CA TYR J 49 -20.60 42.61 24.11
C TYR J 49 -19.63 42.79 25.27
N TYR J 50 -19.89 42.06 26.37
CA TYR J 50 -19.19 42.17 27.65
C TYR J 50 -19.24 43.56 28.27
N ALA J 51 -20.23 44.37 27.88
CA ALA J 51 -20.57 45.70 28.43
C ALA J 51 -19.48 46.77 28.29
N SER J 52 -18.32 46.43 27.75
CA SER J 52 -17.26 47.40 27.52
C SER J 52 -16.49 47.18 26.22
N THR J 53 -16.62 46.02 25.59
CA THR J 53 -15.79 45.65 24.45
C THR J 53 -16.56 45.86 23.16
N LEU J 54 -15.91 46.51 22.19
CA LEU J 54 -16.56 46.86 20.93
C LEU J 54 -16.66 45.64 20.01
N GLN J 55 -17.80 45.52 19.35
CA GLN J 55 -17.96 44.55 18.28
C GLN J 55 -17.15 44.97 17.07
N SER J 56 -16.58 43.99 16.38
CA SER J 56 -15.92 44.25 15.10
C SER J 56 -16.93 44.74 14.08
N GLY J 57 -16.61 45.84 13.41
CA GLY J 57 -17.49 46.50 12.50
C GLY J 57 -18.24 47.68 13.09
N VAL J 58 -18.36 47.75 14.40
CA VAL J 58 -18.95 48.92 15.05
C VAL J 58 -17.89 50.01 15.20
N PRO J 59 -18.12 51.21 14.68
CA PRO J 59 -17.09 52.25 14.74
C PRO J 59 -16.87 52.78 16.15
N SER J 60 -15.80 53.58 16.27
CA SER J 60 -15.23 53.93 17.57
C SER J 60 -16.03 54.99 18.33
N ARG J 61 -17.05 55.60 17.73
CA ARG J 61 -17.82 56.60 18.46
C ARG J 61 -18.74 55.99 19.51
N PHE J 62 -19.07 54.70 19.38
CA PHE J 62 -19.85 54.02 20.40
C PHE J 62 -18.95 53.53 21.53
N SER J 63 -19.43 53.65 22.76
CA SER J 63 -18.73 53.11 23.91
C SER J 63 -19.74 52.72 24.97
N ALA J 64 -19.32 51.86 25.90
CA ALA J 64 -20.20 51.42 26.97
C ALA J 64 -19.38 51.14 28.22
N THR J 65 -19.88 51.59 29.36
CA THR J 65 -19.26 51.36 30.65
C THR J 65 -20.28 50.82 31.63
N GLY J 66 -19.79 50.30 32.76
CA GLY J 66 -20.68 49.89 33.82
C GLY J 66 -20.35 48.55 34.47
N SER J 67 -20.95 48.32 35.62
CA SER J 67 -20.79 47.08 36.37
C SER J 67 -21.98 46.92 37.31
N GLY J 68 -22.13 45.72 37.85
CA GLY J 68 -23.12 45.43 38.86
C GLY J 68 -24.56 45.64 38.42
N THR J 69 -25.15 46.73 38.90
CA THR J 69 -26.52 47.11 38.56
C THR J 69 -26.58 48.29 37.59
N HIS J 70 -25.46 48.95 37.34
CA HIS J 70 -25.47 50.23 36.63
C HIS J 70 -24.69 50.10 35.34
N PHE J 71 -25.28 50.53 34.23
CA PHE J 71 -24.54 50.59 32.98
C PHE J 71 -24.95 51.82 32.19
N THR J 72 -24.03 52.32 31.38
CA THR J 72 -24.27 53.42 30.46
C THR J 72 -23.67 53.08 29.11
N LEU J 73 -24.28 53.58 28.03
CA LEU J 73 -23.60 53.64 26.75
C LEU J 73 -23.52 55.11 26.35
N THR J 74 -22.45 55.45 25.65
CA THR J 74 -22.17 56.83 25.27
C THR J 74 -21.78 56.88 23.80
N VAL J 75 -22.45 57.75 23.05
CA VAL J 75 -22.01 58.13 21.71
C VAL J 75 -21.36 59.51 21.82
N SER J 76 -20.18 59.65 21.22
CA SER J 76 -19.42 60.88 21.34
C SER J 76 -19.89 61.93 20.35
N SER J 77 -20.28 61.52 19.15
CA SER J 77 -20.76 62.45 18.13
C SER J 77 -21.83 61.74 17.33
N LEU J 78 -23.06 62.26 17.40
CA LEU J 78 -24.18 61.62 16.72
C LEU J 78 -24.12 61.87 15.23
N GLN J 79 -24.20 60.79 14.45
CA GLN J 79 -24.35 60.82 13.02
C GLN J 79 -25.80 60.50 12.66
N PRO J 80 -26.29 60.92 11.48
CA PRO J 80 -27.69 60.67 11.13
C PRO J 80 -28.08 59.20 10.99
N GLU J 81 -27.12 58.29 10.79
CA GLU J 81 -27.43 56.87 10.75
C GLU J 81 -27.55 56.24 12.13
N ASP J 82 -27.22 56.98 13.20
CA ASP J 82 -27.27 56.44 14.55
C ASP J 82 -28.63 56.60 15.23
N PHE J 83 -29.55 57.34 14.63
CA PHE J 83 -30.84 57.60 15.27
C PHE J 83 -31.72 56.36 15.11
N ALA J 84 -31.75 55.55 16.16
CA ALA J 84 -32.36 54.23 16.14
C ALA J 84 -32.81 53.92 17.57
N THR J 85 -33.11 52.65 17.85
CA THR J 85 -33.44 52.24 19.21
C THR J 85 -32.35 51.30 19.74
N TYR J 86 -32.09 51.37 21.05
CA TYR J 86 -30.94 50.74 21.66
C TYR J 86 -31.36 49.88 22.85
N PHE J 87 -30.90 48.63 22.87
CA PHE J 87 -31.36 47.62 23.83
C PHE J 87 -30.18 47.09 24.64
N CYS J 88 -30.43 46.82 25.93
CA CYS J 88 -29.44 46.23 26.82
C CYS J 88 -29.89 44.85 27.31
N GLN J 89 -28.98 43.87 27.22
CA GLN J 89 -29.30 42.47 27.47
C GLN J 89 -28.36 41.82 28.47
N HIS J 90 -28.94 41.16 29.46
CA HIS J 90 -28.20 40.34 30.40
C HIS J 90 -28.31 38.88 29.98
N MET J 91 -27.30 38.09 30.35
CA MET J 91 -27.43 36.64 30.31
C MET J 91 -26.84 35.97 31.56
N SER J 92 -26.99 36.60 32.74
CA SER J 92 -26.47 36.03 33.97
C SER J 92 -27.22 34.77 34.38
N SER J 93 -28.55 34.77 34.27
CA SER J 93 -29.35 33.62 34.67
C SER J 93 -30.67 33.63 33.91
N TYR J 94 -31.34 32.49 33.93
CA TYR J 94 -32.62 32.35 33.25
C TYR J 94 -33.72 33.09 34.01
N PRO J 95 -34.70 33.68 33.32
CA PRO J 95 -34.79 33.89 31.86
C PRO J 95 -33.96 35.07 31.36
N LEU J 96 -33.64 35.09 30.06
CA LEU J 96 -33.09 36.27 29.41
C LEU J 96 -34.24 37.14 28.92
N THR J 97 -34.25 38.42 29.28
CA THR J 97 -35.31 39.32 28.84
C THR J 97 -34.71 40.61 28.31
N PHE J 98 -35.57 41.44 27.72
CA PHE J 98 -35.16 42.63 27.00
C PHE J 98 -35.54 43.90 27.75
N GLY J 99 -34.79 44.96 27.49
CA GLY J 99 -35.04 46.25 28.11
C GLY J 99 -36.22 46.97 27.50
N GLY J 100 -36.53 48.13 28.07
CA GLY J 100 -37.66 48.91 27.60
C GLY J 100 -37.45 49.59 26.26
N GLY J 101 -36.19 49.80 25.87
CA GLY J 101 -35.90 50.41 24.59
C GLY J 101 -35.80 51.92 24.66
N THR J 102 -34.82 52.49 23.97
CA THR J 102 -34.64 53.94 23.93
C THR J 102 -34.49 54.38 22.48
N LYS J 103 -35.51 55.05 21.96
CA LYS J 103 -35.49 55.61 20.60
C LYS J 103 -34.97 57.03 20.67
N VAL J 104 -33.94 57.34 19.88
CA VAL J 104 -33.37 58.67 19.81
C VAL J 104 -33.81 59.30 18.49
N GLU J 105 -34.23 60.56 18.56
CA GLU J 105 -34.72 61.29 17.39
C GLU J 105 -33.96 62.60 17.21
N GLN K 1 43.03 4.39 5.02
CA GLN K 1 41.86 5.02 4.41
C GLN K 1 41.37 6.20 5.24
N GLU K 2 41.64 6.16 6.54
CA GLU K 2 41.20 7.21 7.46
C GLU K 2 42.20 8.36 7.40
N VAL K 3 41.85 9.41 6.64
CA VAL K 3 42.71 10.56 6.45
C VAL K 3 41.91 11.85 6.65
N LEU K 4 42.65 12.93 6.91
CA LEU K 4 42.10 14.27 7.00
C LEU K 4 42.83 15.16 6.01
N VAL K 5 42.07 15.88 5.19
CA VAL K 5 42.61 16.74 4.14
C VAL K 5 42.40 18.19 4.54
N GLN K 6 43.45 19.00 4.40
CA GLN K 6 43.48 20.35 4.90
C GLN K 6 43.60 21.36 3.75
N SER K 7 43.42 22.63 4.10
CA SER K 7 43.47 23.72 3.14
C SER K 7 44.92 24.08 2.83
N GLY K 8 45.08 25.07 1.93
CA GLY K 8 46.40 25.52 1.56
C GLY K 8 47.01 26.47 2.57
N ALA K 9 48.25 26.87 2.29
CA ALA K 9 48.95 27.82 3.15
C ALA K 9 48.37 29.22 2.99
N GLU K 10 48.40 29.97 4.09
CA GLU K 10 47.86 31.33 4.13
C GLU K 10 48.91 32.28 4.69
N VAL K 11 48.98 33.48 4.11
CA VAL K 11 49.80 34.56 4.63
C VAL K 11 48.87 35.74 4.93
N LYS K 12 48.98 36.27 6.14
CA LYS K 12 48.07 37.30 6.65
C LYS K 12 48.85 38.38 7.37
N LYS K 13 48.27 39.58 7.40
CA LYS K 13 48.79 40.69 8.17
C LYS K 13 48.35 40.58 9.62
N PRO K 14 49.11 41.17 10.55
CA PRO K 14 48.69 41.16 11.96
C PRO K 14 47.40 41.94 12.20
N GLY K 15 46.61 41.45 13.16
CA GLY K 15 45.32 42.03 13.47
C GLY K 15 44.17 41.50 12.65
N ALA K 16 44.43 40.68 11.64
CA ALA K 16 43.39 40.12 10.78
C ALA K 16 42.93 38.77 11.33
N SER K 17 42.17 38.04 10.52
CA SER K 17 41.67 36.72 10.90
C SER K 17 42.03 35.72 9.81
N VAL K 18 42.24 34.47 10.22
CA VAL K 18 42.55 33.38 9.31
C VAL K 18 41.55 32.26 9.54
N LYS K 19 41.15 31.60 8.46
CA LYS K 19 40.18 30.51 8.49
C LYS K 19 40.75 29.32 7.75
N VAL K 20 40.92 28.21 8.46
CA VAL K 20 41.40 26.97 7.84
C VAL K 20 40.32 25.91 7.96
N SER K 21 40.35 24.96 7.04
CA SER K 21 39.34 23.92 6.95
C SER K 21 39.99 22.55 7.08
N CYS K 22 39.19 21.58 7.53
CA CYS K 22 39.67 20.21 7.72
C CYS K 22 38.54 19.27 7.35
N ARG K 23 38.71 18.50 6.27
CA ARG K 23 37.70 17.61 5.76
C ARG K 23 38.11 16.16 6.02
N ALA K 24 37.13 15.32 6.38
CA ALA K 24 37.40 13.93 6.74
C ALA K 24 37.09 13.00 5.59
N PHE K 25 37.99 12.05 5.35
CA PHE K 25 37.74 10.97 4.40
C PHE K 25 38.09 9.65 5.06
N GLY K 26 37.21 8.66 4.94
CA GLY K 26 37.51 7.33 5.40
C GLY K 26 36.97 6.95 6.76
N TYR K 27 36.25 7.84 7.43
CA TYR K 27 35.57 7.48 8.68
C TYR K 27 34.29 8.28 8.80
N THR K 28 33.39 7.82 9.67
CA THR K 28 32.17 8.54 9.96
C THR K 28 32.49 9.76 10.80
N PHE K 29 32.21 10.95 10.25
CA PHE K 29 32.70 12.18 10.85
C PHE K 29 32.00 12.52 12.15
N THR K 30 30.75 12.09 12.33
CA THR K 30 29.98 12.40 13.52
C THR K 30 30.24 11.45 14.68
N GLY K 31 31.33 10.68 14.66
CA GLY K 31 31.57 9.70 15.69
C GLY K 31 32.85 9.88 16.49
N ASN K 32 33.69 10.83 16.09
CA ASN K 32 34.95 11.07 16.78
C ASN K 32 35.18 12.57 16.94
N ALA K 33 35.64 12.96 18.13
CA ALA K 33 35.94 14.35 18.41
C ALA K 33 37.17 14.81 17.65
N LEU K 34 37.31 16.12 17.49
CA LEU K 34 38.38 16.68 16.67
C LEU K 34 39.14 17.75 17.45
N HIS K 35 40.47 17.63 17.48
CA HIS K 35 41.35 18.57 18.16
C HIS K 35 42.04 19.49 17.16
N TRP K 36 42.39 20.68 17.61
CA TRP K 36 43.23 21.61 16.85
C TRP K 36 44.53 21.84 17.61
N VAL K 37 45.64 21.38 17.05
CA VAL K 37 46.95 21.45 17.70
C VAL K 37 47.91 22.21 16.81
N ARG K 38 48.61 23.20 17.36
CA ARG K 38 49.52 24.01 16.58
C ARG K 38 50.97 23.79 17.01
N GLN K 39 51.88 24.10 16.08
CA GLN K 39 53.31 23.98 16.27
C GLN K 39 53.97 25.25 15.75
N ALA K 40 54.58 26.01 16.64
CA ALA K 40 55.47 27.05 16.19
C ALA K 40 56.73 26.42 15.63
N PRO K 41 57.31 26.98 14.57
CA PRO K 41 58.45 26.32 13.90
C PRO K 41 59.71 26.32 14.75
N GLY K 42 60.20 25.12 15.04
CA GLY K 42 61.35 24.94 15.90
C GLY K 42 61.04 24.70 17.37
N GLN K 43 59.77 24.72 17.76
CA GLN K 43 59.36 24.45 19.14
C GLN K 43 58.34 23.30 19.15
N GLY K 44 57.76 23.06 20.32
CA GLY K 44 56.90 21.91 20.55
C GLY K 44 55.47 22.13 20.11
N LEU K 45 54.59 21.25 20.58
CA LEU K 45 53.18 21.28 20.23
C LEU K 45 52.40 22.09 21.26
N GLU K 46 51.51 22.93 20.78
CA GLU K 46 50.63 23.74 21.62
C GLU K 46 49.19 23.42 21.27
N TRP K 47 48.35 23.32 22.29
CA TRP K 47 46.96 22.90 22.13
C TRP K 47 46.06 24.13 22.04
N LEU K 48 45.05 24.06 21.17
CA LEU K 48 44.03 25.11 21.13
C LEU K 48 42.71 24.67 21.76
N GLY K 49 42.10 23.62 21.23
CA GLY K 49 40.76 23.25 21.65
C GLY K 49 40.26 22.08 20.84
N TRP K 50 38.99 21.74 21.09
CA TRP K 50 38.43 20.51 20.52
C TRP K 50 36.92 20.62 20.44
N ILE K 51 36.36 19.95 19.44
CA ILE K 51 34.97 20.12 19.02
C ILE K 51 34.35 18.74 18.79
N ASN K 52 33.08 18.60 19.18
CA ASN K 52 32.27 17.45 18.79
C ASN K 52 31.59 17.73 17.46
N PRO K 53 31.76 16.88 16.45
CA PRO K 53 31.12 17.12 15.15
C PRO K 53 29.63 16.87 15.14
N HIS K 54 29.05 16.22 16.15
CA HIS K 54 27.62 16.01 16.14
C HIS K 54 26.86 17.16 16.79
N SER K 55 27.09 17.38 18.09
CA SER K 55 26.26 18.29 18.86
C SER K 55 26.62 19.76 18.67
N GLY K 56 27.83 20.04 18.19
CA GLY K 56 28.28 21.41 18.08
C GLY K 56 28.85 22.00 19.35
N ASP K 57 28.99 21.22 20.42
CA ASP K 57 29.64 21.71 21.63
C ASP K 57 31.13 21.92 21.37
N THR K 58 31.66 23.02 21.90
CA THR K 58 33.04 23.41 21.67
C THR K 58 33.77 23.52 23.01
N THR K 59 35.10 23.44 22.95
CA THR K 59 35.92 23.72 24.12
C THR K 59 37.24 24.33 23.68
N THR K 60 37.50 25.55 24.13
CA THR K 60 38.76 26.25 23.87
C THR K 60 39.50 26.43 25.18
N SER K 61 40.83 26.35 25.13
CA SER K 61 41.64 26.63 26.29
C SER K 61 41.53 28.11 26.66
N GLN K 62 41.73 28.39 27.96
CA GLN K 62 41.45 29.73 28.49
C GLN K 62 42.45 30.78 28.04
N LYS K 63 43.62 30.37 27.55
CA LYS K 63 44.56 31.34 26.98
C LYS K 63 44.06 31.88 25.65
N PHE K 64 43.36 31.05 24.88
CA PHE K 64 42.82 31.44 23.59
C PHE K 64 41.29 31.59 23.62
N GLN K 65 40.72 31.81 24.80
CA GLN K 65 39.29 32.00 24.93
C GLN K 65 38.92 33.37 24.38
N GLY K 66 37.90 33.39 23.51
CA GLY K 66 37.50 34.62 22.85
C GLY K 66 38.36 35.03 21.68
N ARG K 67 39.37 34.25 21.33
CA ARG K 67 40.26 34.52 20.22
C ARG K 67 40.22 33.44 19.14
N VAL K 68 39.97 32.19 19.51
CA VAL K 68 40.04 31.06 18.60
C VAL K 68 38.69 30.36 18.62
N TYR K 69 38.05 30.25 17.45
CA TYR K 69 36.71 29.71 17.32
C TYR K 69 36.72 28.46 16.44
N MET K 70 35.85 27.52 16.75
CA MET K 70 35.74 26.27 16.01
C MET K 70 34.28 26.03 15.62
N THR K 71 34.04 25.86 14.33
CA THR K 71 32.71 25.57 13.79
C THR K 71 32.77 24.29 12.98
N ARG K 72 31.59 23.77 12.62
CA ARG K 72 31.52 22.51 11.89
C ARG K 72 30.48 22.60 10.78
N ASP K 73 30.51 21.62 9.89
CA ASP K 73 29.51 21.44 8.85
C ASP K 73 29.45 19.96 8.51
N LYS K 74 28.29 19.35 8.76
CA LYS K 74 28.11 17.91 8.55
C LYS K 74 27.79 17.57 7.11
N SER K 75 27.41 18.55 6.29
CA SER K 75 27.04 18.26 4.90
C SER K 75 28.24 17.89 4.06
N ILE K 76 29.39 18.50 4.33
CA ILE K 76 30.63 18.21 3.61
C ILE K 76 31.69 17.61 4.53
N ASN K 77 31.31 17.23 5.76
CA ASN K 77 32.16 16.55 6.74
C ASN K 77 33.42 17.36 7.07
N THR K 78 33.22 18.63 7.39
CA THR K 78 34.35 19.56 7.47
C THR K 78 34.24 20.37 8.76
N ALA K 79 35.37 20.63 9.40
CA ALA K 79 35.44 21.56 10.52
C ALA K 79 36.26 22.78 10.13
N PHE K 80 35.85 23.95 10.62
CA PHE K 80 36.51 25.20 10.35
C PHE K 80 37.12 25.75 11.62
N LEU K 81 38.37 26.21 11.52
CA LEU K 81 39.07 26.88 12.61
C LEU K 81 39.28 28.33 12.23
N ASP K 82 38.82 29.24 13.07
CA ASP K 82 38.99 30.68 12.88
C ASP K 82 39.91 31.20 13.97
N VAL K 83 40.96 31.90 13.57
CA VAL K 83 41.87 32.54 14.52
C VAL K 83 41.86 34.04 14.22
N THR K 84 41.42 34.83 15.21
CA THR K 84 41.24 36.27 15.05
C THR K 84 42.28 37.04 15.87
N ARG K 85 42.46 38.31 15.49
CA ARG K 85 43.43 39.24 16.08
C ARG K 85 44.85 38.66 16.08
N LEU K 86 45.37 38.49 14.87
CA LEU K 86 46.66 37.86 14.67
C LEU K 86 47.81 38.75 15.14
N THR K 87 48.79 38.14 15.81
CA THR K 87 50.10 38.71 16.08
C THR K 87 51.15 37.80 15.46
N SER K 88 52.41 38.09 15.75
CA SER K 88 53.50 37.32 15.15
C SER K 88 53.76 36.00 15.88
N ASP K 89 53.19 35.80 17.07
CA ASP K 89 53.41 34.54 17.79
C ASP K 89 52.56 33.40 17.25
N ASP K 90 51.52 33.71 16.46
CA ASP K 90 50.63 32.69 15.90
C ASP K 90 51.18 32.07 14.62
N THR K 91 52.34 32.50 14.15
CA THR K 91 52.92 31.96 12.92
C THR K 91 53.41 30.54 13.17
N GLY K 92 52.97 29.61 12.35
CA GLY K 92 53.37 28.22 12.51
C GLY K 92 52.50 27.31 11.68
N ILE K 93 52.57 26.02 11.99
CA ILE K 93 51.80 25.00 11.29
C ILE K 93 50.69 24.50 12.20
N TYR K 94 49.53 24.24 11.62
CA TYR K 94 48.32 23.90 12.35
C TYR K 94 47.81 22.54 11.87
N TYR K 95 47.43 21.69 12.82
CA TYR K 95 46.92 20.35 12.53
C TYR K 95 45.53 20.19 13.13
N CYS K 96 44.67 19.51 12.38
CA CYS K 96 43.45 18.93 12.91
C CYS K 96 43.71 17.44 13.16
N ALA K 97 43.31 16.98 14.33
CA ALA K 97 43.63 15.62 14.74
C ALA K 97 42.37 14.90 15.18
N ARG K 98 42.26 13.63 14.83
CA ARG K 98 41.12 12.81 15.23
C ARG K 98 41.44 12.06 16.50
N ASP K 99 40.55 12.17 17.49
CA ASP K 99 40.67 11.42 18.73
C ASP K 99 40.05 10.04 18.55
N LYS K 100 40.61 9.06 19.26
CA LYS K 100 40.05 7.72 19.21
C LYS K 100 38.71 7.65 19.94
N TYR K 101 38.63 8.34 21.09
CA TYR K 101 37.39 8.63 21.82
C TYR K 101 36.66 7.34 22.25
N TYR K 102 37.33 6.59 23.11
CA TYR K 102 36.79 5.35 23.65
C TYR K 102 36.15 5.63 25.01
N GLY K 103 34.91 5.21 25.19
CA GLY K 103 34.23 5.36 26.46
C GLY K 103 33.91 6.79 26.85
N ASN K 104 33.55 7.63 25.87
CA ASN K 104 33.12 9.02 26.06
C ASN K 104 34.18 9.88 26.76
N GLU K 105 35.45 9.65 26.41
CA GLU K 105 36.54 10.46 26.94
C GLU K 105 37.70 10.44 25.96
N ALA K 106 38.59 11.42 26.11
CA ALA K 106 39.74 11.55 25.22
C ALA K 106 40.78 10.47 25.52
N VAL K 107 41.27 9.82 24.46
CA VAL K 107 42.13 8.66 24.60
C VAL K 107 43.47 8.87 23.92
N GLY K 108 43.44 9.19 22.62
CA GLY K 108 44.68 9.40 21.89
C GLY K 108 44.42 9.91 20.49
N MET K 109 45.42 10.60 19.94
CA MET K 109 45.32 11.24 18.65
C MET K 109 46.02 10.34 17.63
N ASP K 110 45.23 9.61 16.83
CA ASP K 110 45.80 8.63 15.91
C ASP K 110 45.84 9.06 14.45
N VAL K 111 44.95 9.93 14.00
CA VAL K 111 44.91 10.38 12.61
C VAL K 111 45.18 11.87 12.58
N TRP K 112 46.22 12.26 11.84
CA TRP K 112 46.64 13.66 11.76
C TRP K 112 46.65 14.11 10.31
N GLY K 113 46.37 15.39 10.09
CA GLY K 113 46.42 15.98 8.77
C GLY K 113 47.83 16.34 8.35
N GLN K 114 47.93 16.88 7.13
CA GLN K 114 49.24 17.21 6.57
C GLN K 114 49.79 18.54 7.07
N GLY K 115 48.98 19.35 7.73
CA GLY K 115 49.45 20.61 8.29
C GLY K 115 49.13 21.79 7.40
N THR K 116 48.85 22.93 8.02
CA THR K 116 48.60 24.18 7.32
C THR K 116 49.59 25.22 7.84
N SER K 117 50.35 25.82 6.93
CA SER K 117 51.36 26.80 7.31
C SER K 117 50.76 28.19 7.23
N VAL K 118 50.75 28.91 8.35
CA VAL K 118 50.23 30.27 8.42
C VAL K 118 51.36 31.17 8.93
N THR K 119 51.51 32.34 8.31
CA THR K 119 52.57 33.26 8.67
C THR K 119 52.01 34.66 8.90
N ASP L 1 48.44 25.45 35.43
CA ASP L 1 48.10 24.27 34.64
C ASP L 1 48.89 23.05 35.11
N ILE L 2 49.01 22.07 34.23
CA ILE L 2 49.80 20.87 34.49
C ILE L 2 51.00 20.91 33.54
N GLN L 3 52.21 20.86 34.09
CA GLN L 3 53.42 20.89 33.28
C GLN L 3 54.05 19.50 33.23
N LEU L 4 54.60 19.15 32.07
CA LEU L 4 55.22 17.85 31.83
C LEU L 4 56.67 18.06 31.41
N THR L 5 57.58 17.32 32.02
CA THR L 5 59.01 17.43 31.76
C THR L 5 59.54 16.12 31.21
N GLN L 6 60.35 16.21 30.16
CA GLN L 6 60.92 15.04 29.49
C GLN L 6 62.41 14.96 29.75
N SER L 7 62.89 13.78 30.13
CA SER L 7 64.31 13.57 30.39
C SER L 7 64.79 12.34 29.63
N PRO L 8 65.90 12.43 28.90
CA PRO L 8 66.71 13.63 28.63
C PRO L 8 66.17 14.45 27.47
N SER L 9 66.62 15.69 27.30
CA SER L 9 66.17 16.49 26.16
C SER L 9 66.82 16.04 24.86
N PHE L 10 68.15 15.92 24.84
CA PHE L 10 68.88 15.40 23.68
C PHE L 10 69.56 14.11 24.12
N LEU L 11 69.50 13.10 23.26
CA LEU L 11 69.99 11.77 23.59
C LEU L 11 70.69 11.15 22.39
N SER L 12 71.84 10.53 22.64
CA SER L 12 72.65 9.92 21.58
C SER L 12 72.74 8.43 21.81
N ALA L 13 72.47 7.65 20.76
CA ALA L 13 72.55 6.20 20.83
C ALA L 13 72.83 5.64 19.45
N SER L 14 73.27 4.37 19.43
CA SER L 14 73.57 3.66 18.20
C SER L 14 72.44 2.70 17.84
N VAL L 15 72.59 2.04 16.70
CA VAL L 15 71.59 1.08 16.24
C VAL L 15 71.70 -0.18 17.10
N GLY L 16 70.55 -0.74 17.48
CA GLY L 16 70.48 -1.95 18.28
C GLY L 16 70.45 -1.73 19.78
N ASP L 17 70.59 -0.50 20.24
CA ASP L 17 70.61 -0.22 21.66
C ASP L 17 69.19 -0.24 22.24
N LYS L 18 69.10 -0.46 23.55
CA LYS L 18 67.85 -0.33 24.27
C LYS L 18 67.83 1.03 24.97
N VAL L 19 66.75 1.77 24.78
CA VAL L 19 66.68 3.19 25.10
C VAL L 19 65.47 3.41 26.01
N THR L 20 65.65 4.29 27.00
CA THR L 20 64.62 4.57 27.99
C THR L 20 64.52 6.08 28.20
N ILE L 21 63.34 6.63 27.94
CA ILE L 21 63.09 8.05 28.19
C ILE L 21 61.96 8.18 29.22
N THR L 22 61.98 9.31 29.95
CA THR L 22 61.12 9.47 31.13
C THR L 22 60.30 10.75 30.99
N CYS L 23 59.02 10.65 31.29
CA CYS L 23 58.09 11.77 31.31
C CYS L 23 57.56 11.95 32.73
N ARG L 24 57.75 13.15 33.28
CA ARG L 24 57.39 13.45 34.67
C ARG L 24 56.31 14.52 34.71
N ALA L 25 55.35 14.35 35.61
CA ALA L 25 54.19 15.20 35.72
C ALA L 25 54.22 16.01 37.01
N SER L 26 53.70 17.24 36.94
CA SER L 26 53.62 18.08 38.13
C SER L 26 52.52 17.61 39.07
N GLN L 27 51.49 16.95 38.56
CA GLN L 27 50.39 16.45 39.36
C GLN L 27 49.98 15.08 38.80
N GLY L 28 49.38 14.26 39.65
CA GLY L 28 48.96 12.93 39.25
C GLY L 28 47.86 12.97 38.21
N VAL L 29 48.10 12.35 37.06
CA VAL L 29 47.16 12.34 35.94
C VAL L 29 46.59 10.95 35.69
N ARG L 30 46.72 10.05 36.66
CA ARG L 30 46.34 8.62 36.62
C ARG L 30 47.10 7.97 35.46
N ASN L 31 46.46 7.21 34.59
CA ASN L 31 47.15 6.52 33.50
C ASN L 31 46.74 7.03 32.12
N GLU L 32 46.29 8.29 32.03
CA GLU L 32 45.88 8.86 30.74
C GLU L 32 47.07 9.61 30.13
N LEU L 33 47.94 8.86 29.45
CA LEU L 33 49.06 9.44 28.73
C LEU L 33 49.05 8.87 27.31
N ALA L 34 49.44 9.70 26.34
CA ALA L 34 49.73 9.23 25.00
C ALA L 34 51.17 9.56 24.63
N TRP L 35 51.88 8.56 24.10
CA TRP L 35 53.22 8.71 23.56
C TRP L 35 53.15 8.80 22.05
N TYR L 36 53.79 9.85 21.49
CA TYR L 36 53.76 10.19 20.09
C TYR L 36 55.17 10.26 19.53
N GLN L 37 55.31 10.00 18.23
CA GLN L 37 56.57 10.15 17.50
C GLN L 37 56.35 11.08 16.31
N GLN L 38 57.24 12.05 16.16
CA GLN L 38 57.20 13.01 15.07
C GLN L 38 58.57 13.10 14.41
N LYS L 39 58.59 12.87 13.10
CA LYS L 39 59.71 13.11 12.22
C LYS L 39 59.68 14.55 11.74
N PRO L 40 60.83 15.17 11.43
CA PRO L 40 60.80 16.54 10.91
C PRO L 40 60.17 16.61 9.53
N GLY L 41 59.19 17.52 9.40
CA GLY L 41 58.44 17.69 8.18
C GLY L 41 57.22 16.81 8.05
N LYS L 42 56.93 15.97 9.04
CA LYS L 42 55.82 15.04 8.99
C LYS L 42 54.90 15.23 10.18
N ALA L 43 53.67 14.74 10.03
CA ALA L 43 52.70 14.77 11.11
C ALA L 43 53.08 13.76 12.19
N PRO L 44 52.77 14.06 13.45
CA PRO L 44 53.05 13.09 14.53
C PRO L 44 52.18 11.85 14.42
N ASN L 45 52.72 10.74 14.91
CA ASN L 45 52.07 9.43 14.84
C ASN L 45 51.85 8.88 16.25
N LEU L 46 50.70 8.26 16.47
CA LEU L 46 50.37 7.70 17.77
C LEU L 46 51.06 6.35 17.96
N LEU L 47 51.71 6.17 19.11
CA LEU L 47 52.24 4.88 19.51
C LEU L 47 51.53 4.34 20.75
N ILE L 48 51.46 5.11 21.83
CA ILE L 48 50.93 4.58 23.08
C ILE L 48 49.73 5.40 23.52
N TYR L 49 48.61 4.73 23.77
CA TYR L 49 47.49 5.31 24.49
C TYR L 49 47.24 4.49 25.76
N TYR L 50 46.67 5.15 26.77
CA TYR L 50 46.42 4.64 28.11
C TYR L 50 47.70 4.23 28.84
N ALA L 51 48.85 4.76 28.40
CA ALA L 51 50.19 4.64 29.00
C ALA L 51 50.76 3.22 29.02
N SER L 52 50.01 2.23 28.54
CA SER L 52 50.50 0.85 28.50
C SER L 52 50.08 0.07 27.25
N THR L 53 49.12 0.56 26.48
CA THR L 53 48.52 -0.23 25.40
C THR L 53 49.08 0.20 24.05
N LEU L 54 49.48 -0.77 23.24
CA LEU L 54 50.08 -0.48 21.94
C LEU L 54 49.01 -0.15 20.91
N GLN L 55 49.23 0.93 20.15
CA GLN L 55 48.38 1.24 19.02
C GLN L 55 48.64 0.24 17.90
N SER L 56 47.57 -0.16 17.21
CA SER L 56 47.70 -1.09 16.08
C SER L 56 48.49 -0.44 14.93
N GLY L 57 49.39 -1.22 14.34
CA GLY L 57 50.32 -0.73 13.35
C GLY L 57 51.68 -0.33 13.89
N VAL L 58 51.79 -0.11 15.19
CA VAL L 58 53.07 0.20 15.82
C VAL L 58 53.83 -1.12 16.03
N PRO L 59 55.12 -1.18 15.69
CA PRO L 59 55.89 -2.41 15.92
C PRO L 59 56.05 -2.70 17.42
N SER L 60 56.29 -3.98 17.71
CA SER L 60 56.29 -4.48 19.08
C SER L 60 57.54 -4.09 19.87
N ARG L 61 58.54 -3.47 19.24
CA ARG L 61 59.75 -3.09 19.96
C ARG L 61 59.53 -1.93 20.92
N PHE L 62 58.46 -1.16 20.76
CA PHE L 62 58.15 -0.07 21.66
C PHE L 62 57.30 -0.56 22.82
N SER L 63 57.51 0.02 24.00
CA SER L 63 56.67 -0.27 25.16
C SER L 63 56.63 0.97 26.04
N ALA L 64 55.62 1.03 26.91
CA ALA L 64 55.48 2.15 27.82
C ALA L 64 54.86 1.68 29.12
N THR L 65 55.38 2.18 30.23
CA THR L 65 54.96 1.77 31.56
C THR L 65 54.88 3.03 32.42
N GLY L 66 54.08 2.99 33.49
CA GLY L 66 54.09 4.10 34.42
C GLY L 66 52.75 4.43 35.04
N SER L 67 52.79 5.23 36.10
CA SER L 67 51.58 5.60 36.83
C SER L 67 51.84 6.88 37.59
N GLY L 68 50.75 7.51 38.04
CA GLY L 68 50.80 8.71 38.84
C GLY L 68 51.42 9.90 38.13
N THR L 69 52.63 10.26 38.56
CA THR L 69 53.40 11.31 37.91
C THR L 69 54.62 10.80 37.17
N HIS L 70 54.89 9.49 37.20
CA HIS L 70 56.11 8.95 36.63
C HIS L 70 55.78 7.99 35.50
N PHE L 71 56.24 8.32 34.29
CA PHE L 71 55.94 7.61 33.06
C PHE L 71 57.25 7.33 32.34
N THR L 72 57.32 6.20 31.64
CA THR L 72 58.53 5.86 30.90
C THR L 72 58.19 5.16 29.60
N LEU L 73 58.97 5.46 28.57
CA LEU L 73 58.85 4.84 27.25
C LEU L 73 60.18 4.18 26.91
N THR L 74 60.11 2.90 26.50
CA THR L 74 61.30 2.08 26.30
C THR L 74 61.27 1.45 24.91
N VAL L 75 62.36 1.62 24.18
CA VAL L 75 62.57 0.96 22.90
C VAL L 75 63.59 -0.15 23.14
N SER L 76 63.20 -1.40 22.84
CA SER L 76 64.08 -2.53 23.12
C SER L 76 65.24 -2.62 22.15
N SER L 77 65.01 -2.28 20.87
CA SER L 77 66.05 -2.36 19.86
C SER L 77 65.81 -1.26 18.83
N LEU L 78 66.76 -0.34 18.69
CA LEU L 78 66.62 0.74 17.73
C LEU L 78 66.91 0.25 16.32
N GLN L 79 66.10 0.69 15.38
CA GLN L 79 66.28 0.59 13.95
C GLN L 79 66.36 1.99 13.36
N PRO L 80 66.99 2.16 12.18
CA PRO L 80 67.24 3.52 11.67
C PRO L 80 66.01 4.37 11.36
N GLU L 81 64.82 3.77 11.22
CA GLU L 81 63.61 4.57 11.03
C GLU L 81 63.03 5.09 12.35
N ASP L 82 63.57 4.70 13.49
CA ASP L 82 63.03 5.11 14.78
C ASP L 82 63.63 6.40 15.32
N PHE L 83 64.66 6.96 14.67
CA PHE L 83 65.34 8.14 15.17
C PHE L 83 64.53 9.37 14.81
N ALA L 84 63.75 9.89 15.77
CA ALA L 84 62.90 11.05 15.57
C ALA L 84 62.65 11.69 16.92
N THR L 85 61.67 12.59 16.99
CA THR L 85 61.31 13.28 18.22
C THR L 85 60.14 12.55 18.88
N TYR L 86 60.17 12.46 20.21
CA TYR L 86 59.12 11.78 20.96
C TYR L 86 58.45 12.74 21.93
N PHE L 87 57.14 12.59 22.11
CA PHE L 87 56.35 13.47 22.96
C PHE L 87 55.44 12.66 23.86
N CYS L 88 55.14 13.22 25.04
CA CYS L 88 54.16 12.68 25.97
C CYS L 88 53.09 13.73 26.22
N GLN L 89 51.82 13.32 26.14
CA GLN L 89 50.69 14.24 26.24
C GLN L 89 49.59 13.65 27.11
N HIS L 90 49.10 14.43 28.07
CA HIS L 90 48.02 14.00 28.95
C HIS L 90 46.73 14.68 28.56
N MET L 91 45.62 14.14 29.10
CA MET L 91 44.30 14.72 28.90
C MET L 91 43.44 14.63 30.17
N SER L 92 44.10 14.58 31.34
CA SER L 92 43.38 14.41 32.60
C SER L 92 42.53 15.62 32.95
N SER L 93 43.05 16.82 32.73
CA SER L 93 42.34 18.03 33.13
C SER L 93 42.67 19.16 32.18
N TYR L 94 41.78 20.15 32.18
CA TYR L 94 41.93 21.31 31.30
C TYR L 94 43.05 22.21 31.80
N PRO L 95 44.00 22.60 30.94
CA PRO L 95 44.13 22.26 29.52
C PRO L 95 45.07 21.08 29.24
N LEU L 96 44.89 20.45 28.09
CA LEU L 96 45.84 19.46 27.60
C LEU L 96 47.15 20.15 27.22
N THR L 97 48.27 19.50 27.49
CA THR L 97 49.56 20.05 27.13
C THR L 97 50.47 18.96 26.57
N PHE L 98 51.48 19.41 25.85
CA PHE L 98 52.50 18.53 25.29
C PHE L 98 53.84 18.81 25.96
N GLY L 99 54.70 17.78 25.98
CA GLY L 99 55.98 17.89 26.64
C GLY L 99 56.98 18.70 25.82
N GLY L 100 58.18 18.84 26.40
CA GLY L 100 59.24 19.57 25.72
C GLY L 100 59.84 18.85 24.55
N GLY L 101 59.69 17.53 24.49
CA GLY L 101 60.21 16.75 23.38
C GLY L 101 61.53 16.10 23.73
N THR L 102 61.77 14.94 23.11
CA THR L 102 63.02 14.20 23.27
C THR L 102 63.51 13.77 21.90
N LYS L 103 64.69 14.24 21.52
CA LYS L 103 65.27 13.94 20.22
C LYS L 103 66.34 12.87 20.40
N VAL L 104 66.29 11.84 19.55
CA VAL L 104 67.23 10.73 19.60
C VAL L 104 68.09 10.78 18.33
N GLU L 105 69.40 10.87 18.52
CA GLU L 105 70.33 10.92 17.40
C GLU L 105 71.39 9.84 17.57
N LYS M 1 -60.74 -3.63 -5.52
CA LYS M 1 -61.25 -4.62 -6.46
C LYS M 1 -61.52 -4.00 -7.83
N LYS M 2 -60.53 -4.07 -8.71
CA LYS M 2 -60.71 -3.62 -10.08
C LYS M 2 -61.57 -4.63 -10.83
N VAL M 3 -62.51 -4.13 -11.63
CA VAL M 3 -63.41 -4.95 -12.43
C VAL M 3 -63.24 -4.55 -13.90
N VAL M 4 -62.95 -5.53 -14.75
CA VAL M 4 -62.73 -5.31 -16.17
C VAL M 4 -63.80 -6.08 -16.94
N LEU M 5 -64.53 -5.39 -17.81
CA LEU M 5 -65.55 -5.99 -18.64
C LEU M 5 -65.00 -6.28 -20.03
N GLY M 6 -65.53 -7.35 -20.65
CA GLY M 6 -65.07 -7.75 -21.96
C GLY M 6 -66.22 -8.27 -22.80
N LYS M 7 -65.99 -8.24 -24.11
CA LYS M 7 -66.96 -8.72 -25.09
C LYS M 7 -66.56 -10.11 -25.58
N LYS M 8 -67.56 -10.84 -26.08
CA LYS M 8 -67.35 -12.21 -26.53
C LYS M 8 -66.60 -12.23 -27.86
N GLY M 9 -65.56 -13.05 -27.93
CA GLY M 9 -64.78 -13.22 -29.14
C GLY M 9 -63.72 -12.17 -29.39
N ASP M 10 -63.56 -11.20 -28.49
CA ASP M 10 -62.59 -10.13 -28.66
C ASP M 10 -61.37 -10.40 -27.78
N THR M 11 -60.45 -9.43 -27.75
CA THR M 11 -59.25 -9.51 -26.93
C THR M 11 -59.41 -8.57 -25.75
N VAL M 12 -59.29 -9.12 -24.54
CA VAL M 12 -59.48 -8.34 -23.31
C VAL M 12 -58.11 -8.17 -22.65
N GLU M 13 -57.95 -7.03 -21.97
CA GLU M 13 -56.68 -6.65 -21.35
C GLU M 13 -56.82 -6.66 -19.83
N LEU M 14 -55.80 -7.16 -19.15
CA LEU M 14 -55.80 -7.26 -17.70
C LEU M 14 -54.45 -6.80 -17.19
N THR M 15 -54.43 -5.69 -16.46
CA THR M 15 -53.19 -5.06 -16.03
C THR M 15 -52.80 -5.49 -14.62
N CYS M 16 -51.49 -5.52 -14.37
CA CYS M 16 -50.95 -5.81 -13.04
C CYS M 16 -49.62 -5.09 -12.94
N THR M 17 -49.53 -4.09 -12.07
CA THR M 17 -48.38 -3.19 -12.00
C THR M 17 -47.56 -3.47 -10.75
N ALA M 18 -46.27 -3.16 -10.81
CA ALA M 18 -45.39 -3.33 -9.67
C ALA M 18 -45.23 -2.02 -8.89
N SER M 19 -44.52 -2.12 -7.77
CA SER M 19 -44.27 -0.93 -6.95
C SER M 19 -43.21 -0.03 -7.58
N GLN M 20 -42.20 -0.63 -8.21
CA GLN M 20 -41.11 0.12 -8.81
C GLN M 20 -40.95 -0.28 -10.28
N LYS M 21 -39.97 0.35 -10.94
CA LYS M 21 -39.71 0.10 -12.36
C LYS M 21 -38.60 -0.94 -12.50
N LYS M 22 -38.96 -2.18 -12.21
CA LYS M 22 -38.01 -3.27 -12.28
C LYS M 22 -38.75 -4.58 -12.56
N SER M 23 -38.15 -5.42 -13.39
CA SER M 23 -38.73 -6.71 -13.74
C SER M 23 -38.45 -7.70 -12.60
N ILE M 24 -39.52 -8.13 -11.93
CA ILE M 24 -39.42 -9.06 -10.81
C ILE M 24 -40.23 -10.31 -11.11
N GLN M 25 -40.27 -11.25 -10.17
CA GLN M 25 -41.09 -12.44 -10.33
C GLN M 25 -42.56 -12.10 -10.21
N PHE M 26 -43.37 -12.57 -11.16
CA PHE M 26 -44.81 -12.38 -11.08
C PHE M 26 -45.53 -13.64 -11.55
N HIS M 27 -46.73 -13.84 -11.00
CA HIS M 27 -47.54 -14.99 -11.37
C HIS M 27 -48.99 -14.58 -11.56
N TRP M 28 -49.64 -15.21 -12.55
CA TRP M 28 -51.05 -15.04 -12.86
C TRP M 28 -51.73 -16.39 -12.70
N LYS M 29 -52.65 -16.46 -11.74
CA LYS M 29 -53.47 -17.64 -11.47
C LYS M 29 -54.93 -17.22 -11.41
N ASN M 30 -55.81 -18.20 -11.19
CA ASN M 30 -57.24 -17.96 -11.07
C ASN M 30 -57.68 -18.23 -9.62
N SER M 31 -59.01 -18.20 -9.41
CA SER M 31 -59.57 -18.35 -8.07
C SER M 31 -59.39 -19.77 -7.51
N ASN M 32 -59.21 -20.77 -8.37
CA ASN M 32 -58.98 -22.13 -7.92
C ASN M 32 -57.45 -22.39 -7.89
N GLN M 33 -56.67 -21.33 -8.10
CA GLN M 33 -55.20 -21.30 -7.94
C GLN M 33 -54.48 -22.25 -8.90
N ILE M 34 -55.04 -22.45 -10.09
CA ILE M 34 -54.29 -23.01 -11.21
C ILE M 34 -53.67 -21.85 -11.97
N LYS M 35 -52.37 -21.96 -12.25
CA LYS M 35 -51.62 -20.86 -12.86
C LYS M 35 -52.09 -20.59 -14.29
N ILE M 36 -52.20 -19.30 -14.62
CA ILE M 36 -52.42 -18.90 -16.00
C ILE M 36 -51.05 -18.74 -16.66
N LEU M 37 -50.24 -17.83 -16.13
CA LEU M 37 -48.90 -17.62 -16.66
C LEU M 37 -48.04 -16.87 -15.64
N GLY M 38 -46.79 -17.32 -15.50
CA GLY M 38 -45.82 -16.66 -14.65
C GLY M 38 -44.55 -16.34 -15.42
N ASN M 39 -43.60 -15.72 -14.71
CA ASN M 39 -42.30 -15.47 -15.34
C ASN M 39 -41.20 -16.27 -14.66
N GLN M 40 -40.09 -16.40 -15.37
CA GLN M 40 -38.87 -17.05 -14.88
C GLN M 40 -37.67 -16.14 -15.12
N GLY M 41 -37.81 -14.86 -14.79
CA GLY M 41 -36.76 -13.90 -15.03
C GLY M 41 -36.90 -13.21 -16.37
N SER M 42 -36.17 -13.66 -17.37
CA SER M 42 -36.26 -13.10 -18.71
C SER M 42 -37.22 -13.87 -19.61
N PHE M 43 -37.90 -14.89 -19.09
CA PHE M 43 -38.71 -15.81 -19.89
C PHE M 43 -40.14 -15.81 -19.39
N LEU M 44 -41.04 -16.36 -20.20
CA LEU M 44 -42.46 -16.42 -19.89
C LEU M 44 -42.93 -17.87 -19.92
N THR M 45 -43.68 -18.28 -18.90
CA THR M 45 -44.21 -19.64 -18.80
C THR M 45 -45.72 -19.60 -18.69
N LYS M 46 -46.39 -20.45 -19.45
CA LYS M 46 -47.84 -20.63 -19.37
C LYS M 46 -48.17 -21.72 -18.36
N GLY M 47 -49.23 -21.50 -17.59
CA GLY M 47 -49.65 -22.46 -16.60
C GLY M 47 -50.52 -23.54 -17.20
N PRO M 48 -51.03 -24.43 -16.32
CA PRO M 48 -51.84 -25.56 -16.79
C PRO M 48 -53.31 -25.22 -16.99
N SER M 49 -53.66 -23.94 -17.03
CA SER M 49 -55.04 -23.52 -17.18
C SER M 49 -55.51 -23.74 -18.62
N LYS M 50 -56.83 -23.61 -18.81
CA LYS M 50 -57.46 -23.84 -20.11
C LYS M 50 -57.22 -22.70 -21.10
N LEU M 51 -56.65 -21.58 -20.66
CA LEU M 51 -56.36 -20.44 -21.52
C LEU M 51 -54.99 -20.50 -22.16
N ASN M 52 -54.37 -21.69 -22.22
CA ASN M 52 -52.97 -21.81 -22.59
C ASN M 52 -52.70 -21.43 -24.04
N ASP M 53 -53.64 -21.70 -24.94
CA ASP M 53 -53.48 -21.31 -26.33
C ASP M 53 -53.85 -19.86 -26.59
N ARG M 54 -54.48 -19.17 -25.62
CA ARG M 54 -54.99 -17.83 -25.84
C ARG M 54 -54.44 -16.77 -24.87
N ALA M 55 -53.73 -17.17 -23.83
CA ALA M 55 -53.14 -16.20 -22.91
C ALA M 55 -51.80 -15.71 -23.44
N ASP M 56 -51.52 -14.44 -23.19
CA ASP M 56 -50.26 -13.83 -23.63
C ASP M 56 -49.94 -12.64 -22.74
N SER M 57 -48.65 -12.30 -22.71
CA SER M 57 -48.17 -11.14 -21.98
C SER M 57 -47.08 -10.45 -22.79
N ARG M 58 -46.96 -9.13 -22.57
CA ARG M 58 -46.10 -8.29 -23.39
C ARG M 58 -44.77 -8.22 -22.64
N ARG M 59 -43.68 -8.51 -23.34
CA ARG M 59 -42.37 -8.68 -22.72
C ARG M 59 -41.67 -7.37 -22.42
N SER M 60 -41.97 -6.31 -23.18
CA SER M 60 -41.18 -5.07 -23.06
C SER M 60 -41.67 -4.16 -21.95
N LEU M 61 -42.91 -4.35 -21.48
CA LEU M 61 -43.41 -3.56 -20.36
C LEU M 61 -42.91 -4.07 -19.01
N TRP M 62 -42.24 -5.22 -18.99
CA TRP M 62 -41.73 -5.81 -17.75
C TRP M 62 -40.65 -4.93 -17.12
N ASP M 63 -39.90 -4.19 -17.95
CA ASP M 63 -38.93 -3.24 -17.42
C ASP M 63 -39.59 -2.00 -16.83
N GLN M 64 -40.85 -1.74 -17.16
CA GLN M 64 -41.59 -0.61 -16.62
C GLN M 64 -42.44 -0.99 -15.42
N GLY M 65 -42.26 -2.19 -14.88
CA GLY M 65 -43.06 -2.64 -13.76
C GLY M 65 -44.47 -3.04 -14.10
N ASN M 66 -44.81 -3.16 -15.37
CA ASN M 66 -46.12 -3.55 -15.82
C ASN M 66 -46.07 -4.98 -16.34
N PHE M 67 -46.93 -5.84 -15.78
CA PHE M 67 -47.00 -7.25 -16.15
C PHE M 67 -48.41 -7.53 -16.63
N PRO M 68 -48.69 -7.32 -17.91
CA PRO M 68 -50.07 -7.38 -18.40
C PRO M 68 -50.52 -8.82 -18.65
N LEU M 69 -51.77 -8.94 -19.12
CA LEU M 69 -52.37 -10.24 -19.42
C LEU M 69 -53.30 -10.05 -20.60
N ILE M 70 -52.96 -10.67 -21.73
CA ILE M 70 -53.74 -10.55 -22.96
C ILE M 70 -54.47 -11.87 -23.17
N ILE M 71 -55.80 -11.81 -23.24
CA ILE M 71 -56.64 -12.98 -23.49
C ILE M 71 -57.39 -12.73 -24.79
N LYS M 72 -56.99 -13.41 -25.86
CA LYS M 72 -57.66 -13.29 -27.14
C LYS M 72 -58.76 -14.34 -27.25
N ASN M 73 -59.76 -14.03 -28.11
CA ASN M 73 -60.91 -14.89 -28.40
C ASN M 73 -61.67 -15.25 -27.13
N LEU M 74 -62.25 -14.24 -26.51
CA LEU M 74 -62.80 -14.37 -25.16
C LEU M 74 -64.14 -15.11 -25.20
N LYS M 75 -64.29 -16.09 -24.31
CA LYS M 75 -65.54 -16.82 -24.13
C LYS M 75 -66.18 -16.44 -22.80
N ILE M 76 -67.42 -16.92 -22.61
CA ILE M 76 -68.19 -16.59 -21.43
C ILE M 76 -67.68 -17.33 -20.20
N GLU M 77 -66.97 -18.45 -20.39
CA GLU M 77 -66.49 -19.22 -19.25
C GLU M 77 -65.18 -18.67 -18.69
N ASP M 78 -64.57 -17.68 -19.33
CA ASP M 78 -63.33 -17.10 -18.86
C ASP M 78 -63.54 -16.03 -17.81
N SER M 79 -64.78 -15.68 -17.48
CA SER M 79 -65.07 -14.67 -16.46
C SER M 79 -64.80 -15.27 -15.08
N ASP M 80 -63.69 -14.86 -14.48
CA ASP M 80 -63.29 -15.39 -13.18
C ASP M 80 -62.40 -14.36 -12.48
N THR M 81 -62.33 -14.48 -11.16
CA THR M 81 -61.45 -13.63 -10.35
C THR M 81 -60.02 -14.11 -10.53
N TYR M 82 -59.19 -13.28 -11.16
CA TYR M 82 -57.82 -13.64 -11.46
C TYR M 82 -56.88 -12.95 -10.48
N ILE M 83 -55.93 -13.71 -9.95
CA ILE M 83 -54.98 -13.21 -8.96
C ILE M 83 -53.62 -13.07 -9.63
N CYS M 84 -52.97 -11.93 -9.41
CA CYS M 84 -51.56 -11.80 -9.78
C CYS M 84 -50.76 -11.60 -8.50
N GLU M 85 -49.85 -12.53 -8.26
CA GLU M 85 -48.86 -12.47 -7.19
C GLU M 85 -47.71 -11.62 -7.67
N VAL M 86 -47.55 -10.44 -7.07
CA VAL M 86 -46.46 -9.51 -7.36
C VAL M 86 -45.86 -9.01 -6.04
N GLU M 87 -44.63 -9.46 -5.75
CA GLU M 87 -43.79 -8.96 -4.64
C GLU M 87 -44.46 -9.14 -3.28
N ASP M 88 -45.01 -10.34 -3.04
CA ASP M 88 -45.83 -10.67 -1.87
C ASP M 88 -47.05 -9.75 -1.75
N GLN M 89 -47.62 -9.38 -2.89
CA GLN M 89 -48.90 -8.69 -2.96
C GLN M 89 -49.84 -9.49 -3.83
N LYS M 90 -51.10 -9.57 -3.40
CA LYS M 90 -52.13 -10.38 -4.05
C LYS M 90 -53.10 -9.43 -4.73
N GLU M 91 -52.79 -9.03 -5.97
CA GLU M 91 -53.71 -8.13 -6.67
C GLU M 91 -54.80 -9.00 -7.30
N GLU M 92 -55.99 -8.89 -6.75
CA GLU M 92 -57.15 -9.66 -7.19
C GLU M 92 -58.00 -8.78 -8.10
N VAL M 93 -58.26 -9.25 -9.31
CA VAL M 93 -59.02 -8.46 -10.29
C VAL M 93 -60.15 -9.32 -10.84
N GLN M 94 -61.33 -8.73 -10.96
CA GLN M 94 -62.52 -9.43 -11.41
C GLN M 94 -62.71 -9.18 -12.90
N LEU M 95 -63.03 -10.25 -13.63
CA LEU M 95 -63.22 -10.18 -15.08
C LEU M 95 -64.64 -10.61 -15.41
N LEU M 96 -65.32 -9.80 -16.23
CA LEU M 96 -66.67 -10.11 -16.69
C LEU M 96 -66.68 -10.21 -18.21
N VAL M 97 -67.42 -11.19 -18.72
CA VAL M 97 -67.58 -11.35 -20.16
C VAL M 97 -69.04 -11.11 -20.55
N LYS N 1 27.33 39.67 -23.99
CA LYS N 1 26.90 40.59 -25.04
C LYS N 1 27.41 40.12 -26.40
N LYS N 2 26.61 39.31 -27.08
CA LYS N 2 26.97 38.75 -28.37
C LYS N 2 26.64 39.72 -29.49
N VAL N 3 27.44 39.68 -30.55
CA VAL N 3 27.32 40.59 -31.69
C VAL N 3 27.16 39.76 -32.96
N VAL N 4 26.16 40.10 -33.78
CA VAL N 4 25.90 39.43 -35.04
C VAL N 4 25.78 40.47 -36.14
N LEU N 5 26.25 40.10 -37.34
CA LEU N 5 26.27 40.98 -38.51
C LEU N 5 25.32 40.45 -39.56
N GLY N 6 24.78 41.36 -40.37
CA GLY N 6 23.85 40.99 -41.42
C GLY N 6 24.04 41.81 -42.66
N LYS N 7 23.50 41.29 -43.77
CA LYS N 7 23.60 41.94 -45.06
C LYS N 7 22.27 42.54 -45.47
N LYS N 8 22.32 43.43 -46.47
CA LYS N 8 21.16 44.24 -46.84
C LYS N 8 20.20 43.40 -47.69
N GLY N 9 19.01 43.15 -47.15
CA GLY N 9 18.01 42.37 -47.85
C GLY N 9 18.11 40.87 -47.68
N ASP N 10 18.79 40.40 -46.63
CA ASP N 10 19.03 38.98 -46.44
C ASP N 10 18.37 38.51 -45.12
N THR N 11 18.69 37.29 -44.73
CA THR N 11 18.13 36.65 -43.54
C THR N 11 19.23 36.48 -42.50
N VAL N 12 18.99 36.99 -41.29
CA VAL N 12 19.91 36.84 -40.17
C VAL N 12 19.21 36.01 -39.10
N GLU N 13 19.99 35.15 -38.44
CA GLU N 13 19.47 34.25 -37.41
C GLU N 13 19.99 34.71 -36.05
N LEU N 14 19.07 34.81 -35.08
CA LEU N 14 19.39 35.29 -33.75
C LEU N 14 19.26 34.11 -32.79
N THR N 15 20.39 33.64 -32.25
CA THR N 15 20.39 32.49 -31.37
C THR N 15 20.20 32.90 -29.92
N CYS N 16 19.46 32.06 -29.19
CA CYS N 16 19.19 32.29 -27.77
C CYS N 16 18.83 30.94 -27.17
N THR N 17 19.75 30.36 -26.40
CA THR N 17 19.61 29.00 -25.92
C THR N 17 19.16 29.00 -24.46
N ALA N 18 18.42 27.97 -24.08
CA ALA N 18 17.98 27.80 -22.70
C ALA N 18 18.97 26.93 -21.92
N SER N 19 18.77 26.88 -20.60
CA SER N 19 19.60 26.03 -19.75
C SER N 19 19.29 24.56 -19.98
N GLN N 20 18.01 24.22 -20.17
CA GLN N 20 17.59 22.86 -20.45
C GLN N 20 17.07 22.77 -21.88
N LYS N 21 16.67 21.56 -22.27
CA LYS N 21 16.14 21.28 -23.61
C LYS N 21 14.65 20.99 -23.45
N LYS N 22 13.83 22.04 -23.48
CA LYS N 22 12.41 21.93 -23.20
C LYS N 22 11.68 23.09 -23.86
N SER N 23 10.52 22.80 -24.44
CA SER N 23 9.67 23.84 -25.00
C SER N 23 9.01 24.62 -23.87
N ILE N 24 9.35 25.92 -23.76
CA ILE N 24 9.10 26.67 -22.54
C ILE N 24 9.07 28.14 -22.98
N GLN N 25 8.50 29.02 -22.14
CA GLN N 25 8.16 30.36 -22.64
C GLN N 25 9.39 31.23 -22.84
N PHE N 26 9.33 32.11 -23.84
CA PHE N 26 10.42 33.03 -24.15
C PHE N 26 9.83 34.34 -24.67
N HIS N 27 10.67 35.36 -24.78
CA HIS N 27 10.23 36.61 -25.38
C HIS N 27 11.39 37.27 -26.13
N TRP N 28 11.07 37.90 -27.26
CA TRP N 28 12.01 38.63 -28.10
C TRP N 28 11.50 40.05 -28.27
N LYS N 29 12.22 41.02 -27.72
CA LYS N 29 11.91 42.44 -27.81
C LYS N 29 13.13 43.21 -28.35
N ASN N 30 12.95 44.53 -28.52
CA ASN N 30 13.98 45.43 -29.00
C ASN N 30 14.45 46.34 -27.85
N SER N 31 15.26 47.34 -28.21
CA SER N 31 15.88 48.19 -27.20
C SER N 31 14.86 49.10 -26.51
N ASN N 32 13.75 49.43 -27.18
CA ASN N 32 12.74 50.31 -26.62
C ASN N 32 11.61 49.46 -25.97
N GLN N 33 11.92 48.19 -25.69
CA GLN N 33 11.03 47.23 -25.01
C GLN N 33 9.73 46.98 -25.76
N ILE N 34 9.73 47.16 -27.08
CA ILE N 34 8.58 46.82 -27.91
C ILE N 34 8.70 45.35 -28.28
N LYS N 35 7.62 44.59 -28.05
CA LYS N 35 7.59 43.16 -28.31
C LYS N 35 7.71 42.86 -29.79
N ILE N 36 8.59 41.91 -30.13
CA ILE N 36 8.73 41.47 -31.52
C ILE N 36 8.07 40.10 -31.67
N LEU N 37 8.57 39.10 -30.94
CA LEU N 37 8.06 37.75 -31.14
C LEU N 37 8.24 36.91 -29.88
N GLY N 38 7.19 36.18 -29.51
CA GLY N 38 7.28 35.26 -28.39
C GLY N 38 6.44 34.02 -28.62
N ASN N 39 6.27 33.23 -27.57
CA ASN N 39 5.39 32.07 -27.64
C ASN N 39 4.34 32.13 -26.54
N GLN N 40 3.34 31.28 -26.71
CA GLN N 40 2.37 30.98 -25.66
C GLN N 40 2.43 29.47 -25.49
N GLY N 41 3.63 28.94 -25.33
CA GLY N 41 3.88 27.52 -25.45
C GLY N 41 4.62 27.22 -26.73
N SER N 42 3.91 26.70 -27.73
CA SER N 42 4.44 26.53 -29.07
C SER N 42 3.64 27.29 -30.11
N PHE N 43 2.62 28.05 -29.67
CA PHE N 43 1.93 28.97 -30.55
C PHE N 43 2.76 30.24 -30.67
N LEU N 44 3.34 30.48 -31.84
CA LEU N 44 4.16 31.67 -32.01
C LEU N 44 3.25 32.89 -32.12
N THR N 45 3.55 33.90 -31.32
CA THR N 45 2.80 35.15 -31.32
C THR N 45 3.74 36.29 -31.69
N LYS N 46 3.20 37.24 -32.44
CA LYS N 46 3.97 38.36 -32.94
C LYS N 46 3.59 39.62 -32.19
N GLY N 47 4.51 40.58 -32.17
CA GLY N 47 4.30 41.81 -31.46
C GLY N 47 3.73 42.91 -32.33
N PRO N 48 3.44 44.07 -31.72
CA PRO N 48 3.00 45.23 -32.50
C PRO N 48 4.15 46.01 -33.12
N SER N 49 5.34 45.43 -33.15
CA SER N 49 6.52 46.08 -33.72
C SER N 49 6.41 46.15 -35.24
N LYS N 50 7.28 46.98 -35.84
CA LYS N 50 7.26 47.18 -37.28
C LYS N 50 7.84 45.99 -38.05
N LEU N 51 8.49 45.06 -37.36
CA LEU N 51 9.20 43.95 -37.96
C LEU N 51 8.34 42.67 -38.00
N ASN N 52 7.04 42.81 -37.71
CA ASN N 52 6.15 41.65 -37.53
C ASN N 52 5.96 40.84 -38.81
N ASP N 53 5.99 41.48 -39.97
CA ASP N 53 5.80 40.76 -41.23
C ASP N 53 7.01 39.93 -41.63
N ARG N 54 8.18 40.20 -41.06
CA ARG N 54 9.41 39.51 -41.43
C ARG N 54 10.00 38.68 -40.29
N ALA N 55 9.37 38.67 -39.13
CA ALA N 55 9.87 37.91 -37.98
C ALA N 55 9.43 36.44 -38.09
N ASP N 56 10.33 35.55 -37.73
CA ASP N 56 10.09 34.12 -37.81
C ASP N 56 11.01 33.43 -36.81
N SER N 57 10.57 32.27 -36.31
CA SER N 57 11.37 31.44 -35.42
C SER N 57 11.15 29.98 -35.78
N ARG N 58 12.15 29.16 -35.47
CA ARG N 58 12.13 27.74 -35.82
C ARG N 58 11.43 26.97 -34.71
N ARG N 59 10.25 26.44 -35.01
CA ARG N 59 9.49 25.68 -34.02
C ARG N 59 10.13 24.33 -33.75
N SER N 60 10.74 23.71 -34.76
CA SER N 60 11.32 22.37 -34.64
C SER N 60 12.56 22.34 -33.75
N LEU N 61 13.16 23.49 -33.44
CA LEU N 61 14.24 23.55 -32.48
C LEU N 61 13.76 23.88 -31.07
N TRP N 62 12.47 24.17 -30.89
CA TRP N 62 11.95 24.58 -29.59
C TRP N 62 11.99 23.44 -28.57
N ASP N 63 11.99 22.19 -29.01
CA ASP N 63 12.18 21.08 -28.09
C ASP N 63 13.62 21.01 -27.58
N GLN N 64 14.57 21.52 -28.37
CA GLN N 64 15.99 21.43 -28.04
C GLN N 64 16.51 22.64 -27.28
N GLY N 65 15.62 23.53 -26.83
CA GLY N 65 16.03 24.69 -26.06
C GLY N 65 16.62 25.83 -26.86
N ASN N 66 16.81 25.66 -28.16
CA ASN N 66 17.30 26.73 -29.03
C ASN N 66 16.11 27.55 -29.48
N PHE N 67 16.15 28.86 -29.22
CA PHE N 67 15.00 29.75 -29.39
C PHE N 67 15.43 30.88 -30.32
N PRO N 68 15.49 30.62 -31.62
CA PRO N 68 16.10 31.57 -32.55
C PRO N 68 15.10 32.66 -32.96
N LEU N 69 15.56 33.52 -33.87
CA LEU N 69 14.73 34.58 -34.42
C LEU N 69 15.26 34.85 -35.84
N ILE N 70 14.44 34.55 -36.84
CA ILE N 70 14.85 34.62 -38.24
C ILE N 70 14.29 35.89 -38.85
N ILE N 71 15.17 36.72 -39.42
CA ILE N 71 14.79 37.99 -40.02
C ILE N 71 15.08 37.91 -41.52
N LYS N 72 14.06 38.14 -42.34
CA LYS N 72 14.19 38.19 -43.78
C LYS N 72 13.98 39.62 -44.28
N ASN N 73 14.58 39.91 -45.44
CA ASN N 73 14.58 41.23 -46.08
C ASN N 73 15.15 42.29 -45.15
N LEU N 74 16.43 42.13 -44.82
CA LEU N 74 17.06 42.95 -43.78
C LEU N 74 17.38 44.34 -44.31
N LYS N 75 16.86 45.35 -43.62
CA LYS N 75 17.03 46.75 -43.98
C LYS N 75 18.09 47.41 -43.09
N ILE N 76 18.17 48.73 -43.19
CA ILE N 76 19.15 49.50 -42.44
C ILE N 76 18.66 49.79 -41.03
N GLU N 77 17.40 50.20 -40.88
CA GLU N 77 16.88 50.81 -39.66
C GLU N 77 16.72 49.84 -38.50
N ASP N 78 16.82 48.53 -38.76
CA ASP N 78 16.57 47.53 -37.73
C ASP N 78 17.84 47.09 -36.98
N SER N 79 18.96 47.77 -37.17
CA SER N 79 20.17 47.47 -36.41
C SER N 79 20.02 48.00 -34.99
N ASP N 80 19.48 47.18 -34.10
CA ASP N 80 19.18 47.61 -32.74
C ASP N 80 19.80 46.59 -31.78
N THR N 81 19.48 46.74 -30.50
CA THR N 81 19.87 45.79 -29.46
C THR N 81 18.63 45.00 -29.07
N TYR N 82 18.71 43.68 -29.19
CA TYR N 82 17.56 42.80 -29.05
C TYR N 82 17.65 42.05 -27.74
N ILE N 83 16.55 42.04 -26.98
CA ILE N 83 16.48 41.38 -25.68
C ILE N 83 15.74 40.07 -25.82
N CYS N 84 16.34 39.00 -25.31
CA CYS N 84 15.76 37.66 -25.30
C CYS N 84 15.48 37.29 -23.85
N GLU N 85 14.26 37.56 -23.41
CA GLU N 85 13.84 37.33 -22.03
C GLU N 85 13.41 35.87 -21.87
N VAL N 86 14.25 35.08 -21.19
CA VAL N 86 14.05 33.65 -20.99
C VAL N 86 14.33 33.37 -19.51
N GLU N 87 13.27 33.31 -18.68
CA GLU N 87 13.33 33.09 -17.22
C GLU N 87 14.32 34.01 -16.51
N ASP N 88 14.00 35.32 -16.52
CA ASP N 88 14.71 36.37 -15.77
C ASP N 88 16.18 36.50 -16.21
N GLN N 89 16.45 36.16 -17.46
CA GLN N 89 17.79 36.28 -18.04
C GLN N 89 17.68 37.14 -19.29
N LYS N 90 18.52 38.17 -19.38
CA LYS N 90 18.50 39.11 -20.49
C LYS N 90 19.71 38.82 -21.37
N GLU N 91 19.53 37.90 -22.32
CA GLU N 91 20.58 37.55 -23.27
C GLU N 91 20.63 38.64 -24.33
N GLU N 92 21.39 39.70 -24.03
CA GLU N 92 21.47 40.85 -24.92
C GLU N 92 22.30 40.51 -26.15
N VAL N 93 21.80 40.88 -27.32
CA VAL N 93 22.48 40.63 -28.59
C VAL N 93 22.38 41.88 -29.45
N GLN N 94 23.48 42.21 -30.11
CA GLN N 94 23.57 43.38 -30.97
C GLN N 94 23.52 42.96 -32.44
N LEU N 95 22.81 43.75 -33.24
CA LEU N 95 22.64 43.48 -34.66
C LEU N 95 23.29 44.62 -35.45
N LEU N 96 24.18 44.28 -36.38
CA LEU N 96 24.76 45.26 -37.28
C LEU N 96 24.40 44.90 -38.71
N VAL N 97 24.21 45.92 -39.55
CA VAL N 97 23.83 45.72 -40.94
C VAL N 97 24.42 46.82 -41.81
N LYS O 1 30.88 -45.03 -17.48
CA LYS O 1 32.03 -44.96 -18.39
C LYS O 1 31.67 -45.53 -19.75
N LYS O 2 31.06 -44.69 -20.58
CA LYS O 2 30.65 -45.12 -21.92
C LYS O 2 31.87 -45.26 -22.83
N VAL O 3 31.80 -46.23 -23.74
CA VAL O 3 32.83 -46.46 -24.75
C VAL O 3 32.17 -46.40 -26.12
N VAL O 4 32.71 -45.57 -27.01
CA VAL O 4 32.14 -45.33 -28.33
C VAL O 4 33.17 -45.71 -29.38
N LEU O 5 32.76 -46.57 -30.31
CA LEU O 5 33.59 -47.00 -31.42
C LEU O 5 33.32 -46.12 -32.64
N GLY O 6 34.35 -45.90 -33.45
CA GLY O 6 34.21 -45.09 -34.64
C GLY O 6 35.12 -45.61 -35.74
N LYS O 7 34.77 -45.27 -36.97
CA LYS O 7 35.54 -45.66 -38.14
C LYS O 7 36.56 -44.56 -38.49
N LYS O 8 37.30 -44.78 -39.57
CA LYS O 8 38.35 -43.85 -39.98
C LYS O 8 37.83 -42.98 -41.12
N GLY O 9 37.40 -41.76 -40.78
CA GLY O 9 36.97 -40.79 -41.78
C GLY O 9 35.52 -40.40 -41.74
N ASP O 10 34.73 -40.92 -40.82
CA ASP O 10 33.31 -40.64 -40.70
C ASP O 10 33.10 -39.43 -39.79
N THR O 11 31.87 -39.30 -39.27
CA THR O 11 31.57 -38.39 -38.16
C THR O 11 31.11 -39.20 -36.96
N VAL O 12 31.55 -38.80 -35.76
CA VAL O 12 31.13 -39.47 -34.53
C VAL O 12 30.63 -38.40 -33.57
N GLU O 13 29.70 -38.80 -32.69
CA GLU O 13 29.08 -37.90 -31.72
C GLU O 13 29.25 -38.44 -30.31
N LEU O 14 29.38 -37.53 -29.35
CA LEU O 14 29.48 -37.85 -27.93
C LEU O 14 28.45 -37.04 -27.16
N THR O 15 27.83 -37.67 -26.17
CA THR O 15 26.76 -37.08 -25.39
C THR O 15 27.24 -36.73 -23.98
N CYS O 16 26.53 -35.78 -23.36
CA CYS O 16 26.79 -35.40 -21.97
C CYS O 16 25.50 -34.81 -21.44
N THR O 17 24.81 -35.55 -20.58
CA THR O 17 23.46 -35.21 -20.15
C THR O 17 23.51 -34.51 -18.80
N ALA O 18 22.80 -33.40 -18.68
CA ALA O 18 22.73 -32.64 -17.43
C ALA O 18 21.56 -33.13 -16.58
N SER O 19 21.42 -32.51 -15.41
CA SER O 19 20.29 -32.85 -14.53
C SER O 19 18.98 -32.29 -15.05
N GLN O 20 18.99 -31.04 -15.51
CA GLN O 20 17.78 -30.34 -15.93
C GLN O 20 17.93 -29.86 -17.38
N LYS O 21 16.88 -29.19 -17.85
CA LYS O 21 16.84 -28.64 -19.20
C LYS O 21 17.08 -27.13 -19.12
N LYS O 22 18.35 -26.76 -19.07
CA LYS O 22 18.73 -25.35 -18.91
C LYS O 22 20.11 -25.15 -19.51
N SER O 23 20.29 -24.05 -20.22
CA SER O 23 21.57 -23.72 -20.84
C SER O 23 22.52 -23.22 -19.77
N ILE O 24 23.50 -24.06 -19.42
CA ILE O 24 24.41 -23.79 -18.31
C ILE O 24 25.85 -23.86 -18.78
N GLN O 25 26.78 -23.60 -17.87
CA GLN O 25 28.20 -23.63 -18.21
C GLN O 25 28.68 -25.07 -18.34
N PHE O 26 29.34 -25.39 -19.46
CA PHE O 26 29.89 -26.72 -19.66
C PHE O 26 31.26 -26.59 -20.34
N HIS O 27 32.10 -27.59 -20.10
CA HIS O 27 33.39 -27.66 -20.79
C HIS O 27 33.69 -29.09 -21.20
N TRP O 28 34.50 -29.22 -22.25
CA TRP O 28 34.94 -30.50 -22.79
C TRP O 28 36.45 -30.45 -22.94
N LYS O 29 37.14 -31.30 -22.17
CA LYS O 29 38.59 -31.43 -22.11
C LYS O 29 38.97 -32.88 -22.35
N ASN O 30 40.28 -33.16 -22.34
CA ASN O 30 40.80 -34.51 -22.54
C ASN O 30 41.63 -34.95 -21.33
N SER O 31 42.32 -36.08 -21.49
CA SER O 31 43.14 -36.64 -20.41
C SER O 31 44.39 -35.81 -20.13
N ASN O 32 44.81 -34.98 -21.08
CA ASN O 32 45.99 -34.13 -20.92
C ASN O 32 45.57 -32.78 -20.34
N GLN O 33 44.29 -32.66 -19.96
CA GLN O 33 43.65 -31.43 -19.46
C GLN O 33 43.77 -30.29 -20.47
N ILE O 34 43.65 -30.62 -21.75
CA ILE O 34 43.59 -29.66 -22.84
C ILE O 34 42.14 -29.53 -23.28
N LYS O 35 41.64 -28.30 -23.34
CA LYS O 35 40.25 -28.07 -23.70
C LYS O 35 40.01 -28.39 -25.17
N ILE O 36 38.91 -29.09 -25.45
CA ILE O 36 38.39 -29.13 -26.82
C ILE O 36 37.42 -27.99 -27.05
N LEU O 37 36.32 -27.95 -26.28
CA LEU O 37 35.41 -26.80 -26.43
C LEU O 37 34.51 -26.68 -25.22
N GLY O 38 34.06 -25.45 -24.96
CA GLY O 38 33.11 -25.19 -23.90
C GLY O 38 32.14 -24.10 -24.32
N ASN O 39 31.21 -23.79 -23.43
CA ASN O 39 30.28 -22.70 -23.72
C ASN O 39 30.58 -21.48 -22.85
N GLN O 40 30.12 -20.33 -23.33
CA GLN O 40 30.27 -19.06 -22.65
C GLN O 40 28.91 -18.38 -22.52
N GLY O 41 27.92 -19.16 -22.07
CA GLY O 41 26.55 -18.68 -21.98
C GLY O 41 25.71 -19.13 -23.15
N SER O 42 25.46 -18.21 -24.09
CA SER O 42 24.77 -18.55 -25.32
C SER O 42 25.72 -18.73 -26.50
N PHE O 43 27.02 -18.55 -26.28
CA PHE O 43 28.04 -18.63 -27.32
C PHE O 43 28.88 -19.90 -27.10
N LEU O 44 29.68 -20.24 -28.11
CA LEU O 44 30.54 -21.41 -28.05
C LEU O 44 31.99 -20.97 -28.25
N THR O 45 32.89 -21.53 -27.45
CA THR O 45 34.31 -21.33 -27.66
C THR O 45 34.98 -22.69 -27.75
N LYS O 46 36.08 -22.74 -28.47
CA LYS O 46 36.77 -23.99 -28.72
C LYS O 46 38.23 -23.85 -28.27
N GLY O 47 38.82 -24.98 -27.92
CA GLY O 47 40.09 -24.97 -27.23
C GLY O 47 41.27 -24.91 -28.17
N PRO O 48 42.47 -24.99 -27.58
CA PRO O 48 43.69 -24.94 -28.38
C PRO O 48 44.17 -26.31 -28.84
N SER O 49 43.29 -27.31 -28.78
CA SER O 49 43.67 -28.69 -29.04
C SER O 49 43.91 -28.94 -30.53
N LYS O 50 44.34 -30.16 -30.85
CA LYS O 50 44.57 -30.54 -32.25
C LYS O 50 43.24 -30.69 -32.99
N LEU O 51 42.14 -30.91 -32.26
CA LEU O 51 40.80 -31.03 -32.83
C LEU O 51 40.15 -29.67 -33.06
N ASN O 52 40.97 -28.63 -33.29
CA ASN O 52 40.52 -27.25 -33.34
C ASN O 52 39.57 -27.03 -34.53
N ASP O 53 39.90 -27.57 -35.70
CA ASP O 53 39.10 -27.33 -36.89
C ASP O 53 38.05 -28.41 -37.15
N ARG O 54 37.98 -29.45 -36.30
CA ARG O 54 37.11 -30.58 -36.56
C ARG O 54 36.11 -30.85 -35.44
N ALA O 55 36.00 -29.95 -34.47
CA ALA O 55 35.06 -30.10 -33.36
C ALA O 55 33.99 -29.03 -33.44
N ASP O 56 32.74 -29.43 -33.27
CA ASP O 56 31.61 -28.51 -33.30
C ASP O 56 30.48 -29.13 -32.49
N SER O 57 29.56 -28.29 -32.04
CA SER O 57 28.39 -28.73 -31.29
C SER O 57 27.14 -28.18 -31.97
N ARG O 58 25.98 -28.56 -31.44
CA ARG O 58 24.69 -28.16 -31.98
C ARG O 58 24.12 -27.10 -31.06
N ARG O 59 23.82 -25.92 -31.61
CA ARG O 59 23.37 -24.82 -30.77
C ARG O 59 21.94 -25.01 -30.30
N SER O 60 21.11 -25.64 -31.12
CA SER O 60 19.70 -25.76 -30.81
C SER O 60 19.42 -26.75 -29.68
N LEU O 61 20.38 -27.61 -29.35
CA LEU O 61 20.19 -28.61 -28.29
C LEU O 61 20.58 -28.11 -26.91
N TRP O 62 21.06 -26.88 -26.74
CA TRP O 62 21.53 -26.52 -25.40
C TRP O 62 20.40 -26.08 -24.49
N ASP O 63 19.19 -25.91 -25.02
CA ASP O 63 18.04 -25.63 -24.17
C ASP O 63 17.57 -26.89 -23.45
N GLN O 64 17.86 -28.07 -24.00
CA GLN O 64 17.38 -29.33 -23.46
C GLN O 64 18.36 -29.99 -22.49
N GLY O 65 19.49 -29.36 -22.22
CA GLY O 65 20.44 -29.94 -21.28
C GLY O 65 21.27 -31.08 -21.82
N ASN O 66 21.31 -31.26 -23.14
CA ASN O 66 22.14 -32.28 -23.78
C ASN O 66 23.22 -31.57 -24.58
N PHE O 67 24.48 -31.89 -24.29
CA PHE O 67 25.61 -31.14 -24.83
C PHE O 67 26.50 -32.07 -25.65
N PRO O 68 26.39 -32.04 -26.98
CA PRO O 68 27.14 -32.99 -27.81
C PRO O 68 28.51 -32.47 -28.23
N LEU O 69 29.36 -33.42 -28.62
CA LEU O 69 30.65 -33.11 -29.23
C LEU O 69 30.77 -33.96 -30.49
N ILE O 70 31.06 -33.33 -31.62
CA ILE O 70 31.00 -34.00 -32.93
C ILE O 70 32.37 -33.90 -33.60
N ILE O 71 32.90 -35.04 -34.03
CA ILE O 71 34.11 -35.09 -34.86
C ILE O 71 33.70 -35.40 -36.29
N LYS O 72 34.13 -34.56 -37.22
CA LYS O 72 34.20 -34.94 -38.62
C LYS O 72 35.65 -35.25 -38.97
N ASN O 73 35.83 -36.18 -39.92
CA ASN O 73 37.14 -36.64 -40.43
C ASN O 73 38.01 -37.20 -39.29
N LEU O 74 37.55 -38.32 -38.74
CA LEU O 74 38.26 -38.98 -37.66
C LEU O 74 39.60 -39.54 -38.12
N LYS O 75 40.55 -39.56 -37.20
CA LYS O 75 41.84 -40.22 -37.37
C LYS O 75 42.11 -41.07 -36.14
N ILE O 76 43.10 -41.95 -36.24
CA ILE O 76 43.24 -43.02 -35.25
C ILE O 76 43.79 -42.49 -33.92
N GLU O 77 44.52 -41.39 -33.95
CA GLU O 77 45.09 -40.85 -32.71
C GLU O 77 44.11 -40.04 -31.87
N ASP O 78 42.87 -39.88 -32.33
CA ASP O 78 41.83 -39.24 -31.55
C ASP O 78 41.20 -40.19 -30.53
N SER O 79 41.61 -41.44 -30.50
CA SER O 79 41.16 -42.42 -29.51
C SER O 79 41.65 -42.01 -28.13
N ASP O 80 40.74 -41.57 -27.26
CA ASP O 80 41.16 -40.96 -26.00
C ASP O 80 39.99 -40.99 -25.02
N THR O 81 40.31 -40.67 -23.76
CA THR O 81 39.30 -40.41 -22.72
C THR O 81 38.99 -38.93 -22.72
N TYR O 82 37.76 -38.58 -23.10
CA TYR O 82 37.29 -37.20 -23.10
C TYR O 82 36.37 -36.96 -21.93
N ILE O 83 36.57 -35.84 -21.25
CA ILE O 83 35.84 -35.48 -20.04
C ILE O 83 34.95 -34.30 -20.36
N CYS O 84 33.68 -34.37 -19.95
CA CYS O 84 32.82 -33.18 -19.94
C CYS O 84 32.52 -32.81 -18.50
N GLU O 85 32.77 -31.53 -18.18
CA GLU O 85 32.50 -30.95 -16.88
C GLU O 85 31.21 -30.14 -17.00
N VAL O 86 30.16 -30.64 -16.34
CA VAL O 86 28.84 -29.99 -16.27
C VAL O 86 28.39 -30.05 -14.82
N GLU O 87 28.46 -28.91 -14.12
CA GLU O 87 27.93 -28.72 -12.76
C GLU O 87 28.55 -29.70 -11.75
N ASP O 88 29.86 -29.52 -11.53
CA ASP O 88 30.72 -30.29 -10.61
C ASP O 88 30.66 -31.81 -10.84
N GLN O 89 30.35 -32.22 -12.07
CA GLN O 89 30.27 -33.62 -12.45
C GLN O 89 31.17 -33.84 -13.65
N LYS O 90 32.09 -34.80 -13.54
CA LYS O 90 33.03 -35.12 -14.60
C LYS O 90 32.57 -36.42 -15.26
N GLU O 91 31.86 -36.30 -16.39
CA GLU O 91 31.43 -37.47 -17.13
C GLU O 91 32.50 -37.83 -18.15
N GLU O 92 33.06 -39.02 -18.01
CA GLU O 92 34.13 -39.49 -18.88
C GLU O 92 33.58 -40.38 -19.98
N VAL O 93 34.24 -40.39 -21.13
CA VAL O 93 33.87 -41.25 -22.24
C VAL O 93 35.15 -41.69 -22.96
N GLN O 94 35.19 -42.96 -23.34
CA GLN O 94 36.31 -43.52 -24.09
C GLN O 94 35.91 -43.54 -25.57
N LEU O 95 36.79 -43.04 -26.44
CA LEU O 95 36.51 -43.00 -27.88
C LEU O 95 37.61 -43.78 -28.58
N LEU O 96 37.23 -44.83 -29.31
CA LEU O 96 38.15 -45.65 -30.08
C LEU O 96 37.92 -45.44 -31.57
N VAL O 97 39.01 -45.38 -32.33
CA VAL O 97 38.92 -45.27 -33.78
C VAL O 97 39.54 -46.51 -34.42
C1 NAG P . -18.75 -28.58 23.36
C2 NAG P . -17.60 -28.15 24.29
C3 NAG P . -17.31 -29.23 25.34
C4 NAG P . -18.59 -29.60 26.09
C5 NAG P . -19.67 -30.01 25.09
C6 NAG P . -20.99 -30.31 25.75
C7 NAG P . -15.64 -28.57 22.76
C8 NAG P . -14.44 -27.91 22.15
N2 NAG P . -16.39 -27.78 23.55
O3 NAG P . -16.32 -28.75 26.23
O4 NAG P . -18.37 -30.70 26.97
O5 NAG P . -19.91 -28.95 24.16
O6 NAG P . -21.53 -29.17 26.40
O7 NAG P . -15.91 -29.75 22.54
C1 NAG P . -18.21 -30.36 28.36
C2 NAG P . -18.32 -31.66 29.18
C3 NAG P . -18.08 -31.40 30.68
C4 NAG P . -16.78 -30.64 30.89
C5 NAG P . -16.75 -29.39 30.02
C6 NAG P . -15.43 -28.64 30.08
C7 NAG P . -20.83 -31.95 29.21
C8 NAG P . -21.92 -32.91 28.87
N2 NAG P . -19.57 -32.39 28.95
O3 NAG P . -18.05 -32.64 31.37
O4 NAG P . -16.69 -30.27 32.26
O5 NAG P . -16.96 -29.72 28.64
O6 NAG P . -15.38 -27.75 31.19
O7 NAG P . -21.07 -30.84 29.69
C1 BMA P . -15.60 -30.93 32.96
C2 BMA P . -14.90 -29.85 33.80
C3 BMA P . -13.85 -30.46 34.76
C4 BMA P . -14.36 -31.71 35.49
C5 BMA P . -14.97 -32.70 34.49
C6 BMA P . -15.53 -33.94 35.16
O2 BMA P . -15.84 -29.17 34.62
O3 BMA P . -13.45 -29.52 35.74
O4 BMA P . -13.30 -32.33 36.20
O5 BMA P . -16.03 -32.03 33.76
O6 BMA P . -16.25 -33.55 36.30
C1 MAN P . -17.07 -34.65 36.72
C2 MAN P . -18.53 -34.26 36.50
C3 MAN P . -18.83 -33.05 37.43
C4 MAN P . -18.46 -33.35 38.94
C5 MAN P . -17.02 -33.87 39.04
C6 MAN P . -16.66 -34.39 40.41
O2 MAN P . -19.39 -35.34 36.88
O3 MAN P . -20.16 -32.43 37.24
O4 MAN P . -18.57 -32.18 39.72
O5 MAN P . -16.83 -34.96 38.08
O6 MAN P . -15.39 -35.00 40.32
C1 MAN P . -21.26 -32.95 38.03
C2 MAN P . -22.50 -33.02 37.09
C3 MAN P . -22.96 -31.58 36.74
C4 MAN P . -23.12 -30.69 37.99
C5 MAN P . -21.81 -30.74 38.83
C6 MAN P . -21.92 -29.99 40.14
O2 MAN P . -23.61 -33.63 37.74
O3 MAN P . -24.18 -31.59 35.98
O4 MAN P . -23.37 -29.35 37.61
O5 MAN P . -21.52 -32.12 39.14
O6 MAN P . -22.20 -28.63 39.86
C1 MAN P . -14.64 -34.64 41.49
C2 MAN P . -13.12 -34.95 41.22
C3 MAN P . -12.86 -36.45 41.26
C4 MAN P . -13.42 -37.10 42.54
C5 MAN P . -14.91 -36.78 42.65
C6 MAN P . -15.54 -37.32 43.91
O2 MAN P . -12.28 -34.39 42.21
O3 MAN P . -11.48 -36.75 41.10
O4 MAN P . -13.24 -38.52 42.47
O5 MAN P . -15.11 -35.34 42.66
O6 MAN P . -16.96 -37.24 43.80
C1 MAN P . -12.26 -28.84 35.34
C2 MAN P . -11.42 -28.61 36.62
C3 MAN P . -12.16 -27.61 37.54
C4 MAN P . -12.62 -26.34 36.78
C5 MAN P . -13.41 -26.74 35.52
C6 MAN P . -13.82 -25.57 34.66
O2 MAN P . -10.17 -28.01 36.31
O3 MAN P . -11.36 -27.25 38.66
O4 MAN P . -13.44 -25.54 37.62
O5 MAN P . -12.59 -27.62 34.72
O6 MAN P . -15.05 -25.05 35.17
C1 NAG Q . -10.71 34.58 17.62
C2 NAG Q . -11.00 33.66 18.81
C3 NAG Q . -11.83 34.39 19.87
C4 NAG Q . -11.18 35.71 20.26
C5 NAG Q . -10.89 36.55 19.01
C6 NAG Q . -10.11 37.81 19.31
C7 NAG Q . -12.78 32.18 17.83
C8 NAG Q . -13.13 30.74 17.57
N2 NAG Q . -11.59 32.39 18.44
O3 NAG Q . -11.98 33.54 21.00
O4 NAG Q . -12.05 36.47 21.11
O5 NAG Q . -10.10 35.79 18.08
O6 NAG Q . -10.79 38.96 18.81
O7 NAG Q . -13.54 33.09 17.51
C1 NAG Q . -11.62 36.43 22.49
C2 NAG Q . -12.15 37.68 23.22
C3 NAG Q . -11.79 37.63 24.71
C4 NAG Q . -12.22 36.30 25.33
C5 NAG Q . -11.68 35.13 24.51
C6 NAG Q . -12.18 33.78 25.00
C7 NAG Q . -10.45 39.38 22.46
C8 NAG Q . -10.31 40.71 21.79
N2 NAG Q . -11.71 38.93 22.60
O3 NAG Q . -12.43 38.72 25.37
O4 NAG Q . -11.70 36.21 26.65
O5 NAG Q . -12.09 35.25 23.14
O6 NAG Q . -12.97 33.13 24.01
O7 NAG Q . -9.46 38.74 22.86
C1 BMA Q . -12.74 36.34 27.65
C2 BMA Q . -12.69 35.09 28.55
C3 BMA Q . -12.53 35.47 30.04
C4 BMA Q . -13.43 36.66 30.49
C5 BMA Q . -13.56 37.75 29.41
C6 BMA Q . -13.39 39.16 29.96
O2 BMA Q . -11.57 34.27 28.22
O3 BMA Q . -11.16 35.73 30.37
O4 BMA Q . -14.72 36.19 30.87
O5 BMA Q . -12.55 37.53 28.40
O6 BMA Q . -13.98 39.21 31.25
C1 NAG R . 37.10 -1.82 18.19
C2 NAG R . 36.33 -1.02 19.24
C3 NAG R . 37.29 -0.35 20.23
C4 NAG R . 38.27 -1.37 20.82
C5 NAG R . 38.99 -2.08 19.69
C6 NAG R . 39.93 -3.18 20.16
C7 NAG R . 34.29 0.34 19.11
C8 NAG R . 33.54 1.38 18.32
N2 NAG R . 35.47 -0.03 18.61
O3 NAG R . 36.55 0.27 21.27
O4 NAG R . 39.22 -0.71 21.65
O5 NAG R . 38.03 -2.71 18.84
O6 NAG R . 39.37 -4.46 19.95
O7 NAG R . 33.84 -0.13 20.14
C1 NAG R . 39.01 -1.08 23.04
C2 NAG R . 40.28 -0.71 23.85
C3 NAG R . 40.09 -0.94 25.36
C4 NAG R . 38.79 -0.29 25.85
C5 NAG R . 37.62 -0.74 24.97
C6 NAG R . 36.31 -0.08 25.34
C7 NAG R . 42.07 -2.50 23.18
C8 NAG R . 41.24 -3.72 23.60
N2 NAG R . 41.56 -1.25 23.35
O3 NAG R . 41.21 -0.39 26.07
O4 NAG R . 38.53 -0.69 27.19
O5 NAG R . 37.87 -0.41 23.60
O6 NAG R . 35.24 -1.00 25.33
O7 NAG R . 43.20 -2.66 22.72
C1 BMA R . 38.74 0.40 28.11
C2 BMA R . 37.61 0.31 29.17
C3 BMA R . 37.90 1.25 30.37
C4 BMA R . 39.36 1.19 30.85
C5 BMA R . 40.32 1.37 29.67
C6 BMA R . 41.78 1.26 30.07
O2 BMA R . 37.53 -1.00 29.70
O3 BMA R . 37.04 0.93 31.46
O4 BMA R . 39.60 2.21 31.80
O5 BMA R . 40.03 0.33 28.71
O6 BMA R . 41.99 -0.05 30.59
C1 MAN R . 35.78 1.59 31.34
C2 MAN R . 35.40 2.09 32.74
C3 MAN R . 35.16 0.88 33.66
C4 MAN R . 34.17 -0.14 33.05
C5 MAN R . 34.61 -0.51 31.61
C6 MAN R . 33.61 -1.36 30.88
O2 MAN R . 34.17 2.81 32.72
O3 MAN R . 34.71 1.28 34.95
O4 MAN R . 34.12 -1.31 33.84
O5 MAN R . 34.79 0.72 30.84
O6 MAN R . 33.40 -2.55 31.63
C1 MAN R . 43.31 -0.13 31.14
C2 MAN R . 43.77 -1.60 31.05
C3 MAN R . 43.01 -2.47 32.07
C4 MAN R . 43.05 -1.86 33.49
C5 MAN R . 42.52 -0.41 33.43
C6 MAN R . 42.60 0.30 34.77
O2 MAN R . 45.15 -1.75 31.40
O3 MAN R . 43.50 -3.81 32.10
O4 MAN R . 42.25 -2.62 34.37
O5 MAN R . 43.31 0.35 32.49
O6 MAN R . 41.97 1.56 34.64
#